data_1Z9I
#
_entry.id   1Z9I
#
_entity_poly.entity_id   1
_entity_poly.type   'polypeptide(L)'
_entity_poly.pdbx_seq_one_letter_code
;RRRHIVRKRTLRRLLQERELVEPLTPSGEAPNQALLRILKETEFKKIKVLGSG
;
_entity_poly.pdbx_strand_id   A
#
# COMPACT_ATOMS: atom_id res chain seq x y z
N ARG A 1 12.17 -21.65 -6.41
CA ARG A 1 10.70 -21.83 -6.29
C ARG A 1 10.30 -22.11 -4.84
N ARG A 2 9.11 -21.67 -4.47
CA ARG A 2 8.61 -21.87 -3.11
C ARG A 2 7.09 -21.77 -3.08
N ARG A 3 6.56 -20.63 -3.53
CA ARG A 3 5.12 -20.41 -3.54
C ARG A 3 4.59 -20.36 -4.97
N HIS A 4 3.34 -19.92 -5.12
CA HIS A 4 2.72 -19.83 -6.43
C HIS A 4 2.32 -18.39 -6.75
N ILE A 5 3.27 -17.63 -7.29
CA ILE A 5 3.02 -16.23 -7.65
C ILE A 5 4.01 -15.74 -8.70
N VAL A 6 3.49 -15.11 -9.74
CA VAL A 6 4.33 -14.60 -10.81
C VAL A 6 5.32 -13.56 -10.29
N ARG A 7 6.59 -13.92 -10.23
CA ARG A 7 7.63 -13.02 -9.75
C ARG A 7 8.68 -12.77 -10.82
N LYS A 8 9.03 -13.81 -11.58
CA LYS A 8 10.03 -13.70 -12.63
C LYS A 8 9.64 -12.63 -13.66
N ARG A 9 8.47 -12.79 -14.26
CA ARG A 9 8.01 -11.84 -15.28
C ARG A 9 7.46 -10.56 -14.64
N THR A 10 7.13 -10.62 -13.35
CA THR A 10 6.60 -9.47 -12.65
C THR A 10 7.68 -8.39 -12.47
N LEU A 11 8.84 -8.79 -11.94
CA LEU A 11 9.93 -7.87 -11.72
C LEU A 11 10.24 -7.09 -13.00
N ARG A 12 9.90 -7.67 -14.14
CA ARG A 12 10.14 -7.02 -15.42
C ARG A 12 9.34 -5.73 -15.51
N ARG A 13 8.14 -5.74 -14.94
CA ARG A 13 7.29 -4.56 -14.93
C ARG A 13 7.79 -3.57 -13.90
N LEU A 14 8.34 -4.10 -12.81
CA LEU A 14 8.89 -3.29 -11.74
C LEU A 14 10.15 -2.58 -12.20
N LEU A 15 11.09 -3.34 -12.74
CA LEU A 15 12.35 -2.79 -13.23
C LEU A 15 12.11 -1.80 -14.36
N GLN A 16 11.01 -2.00 -15.09
CA GLN A 16 10.66 -1.13 -16.20
C GLN A 16 9.80 0.05 -15.74
N GLU A 17 9.19 -0.10 -14.57
CA GLU A 17 8.34 0.96 -14.02
C GLU A 17 9.14 1.94 -13.18
N ARG A 18 10.46 1.89 -13.29
CA ARG A 18 11.33 2.79 -12.53
C ARG A 18 11.33 4.20 -13.13
N GLU A 19 10.80 4.32 -14.35
CA GLU A 19 10.74 5.62 -15.03
C GLU A 19 9.30 6.09 -15.19
N LEU A 20 8.42 5.64 -14.30
CA LEU A 20 7.02 6.02 -14.36
C LEU A 20 6.38 5.97 -12.97
N VAL A 21 6.04 4.75 -12.53
CA VAL A 21 5.44 4.57 -11.22
C VAL A 21 6.42 3.93 -10.25
N GLU A 22 7.10 4.78 -9.47
CA GLU A 22 8.07 4.31 -8.49
C GLU A 22 8.75 5.49 -7.79
N PRO A 23 9.32 6.43 -8.56
CA PRO A 23 10.00 7.60 -7.98
C PRO A 23 9.11 8.37 -7.02
N LEU A 24 7.97 8.86 -7.51
CA LEU A 24 7.04 9.61 -6.68
C LEU A 24 5.77 8.80 -6.42
N THR A 25 5.38 7.99 -7.40
CA THR A 25 4.18 7.16 -7.27
C THR A 25 4.54 5.75 -6.81
N PRO A 26 4.19 5.39 -5.56
CA PRO A 26 4.49 4.05 -5.02
C PRO A 26 3.86 2.93 -5.84
N SER A 27 2.53 2.93 -5.91
CA SER A 27 1.81 1.91 -6.66
C SER A 27 0.97 2.55 -7.78
N GLY A 28 0.36 3.69 -7.48
CA GLY A 28 -0.46 4.36 -8.47
C GLY A 28 -0.72 5.81 -8.10
N GLU A 29 -1.96 6.11 -7.74
CA GLU A 29 -2.33 7.47 -7.37
C GLU A 29 -1.70 7.87 -6.05
N ALA A 30 -1.61 6.92 -5.12
CA ALA A 30 -1.03 7.16 -3.81
C ALA A 30 -1.10 5.91 -2.93
N PRO A 31 -0.30 5.89 -1.84
CA PRO A 31 -0.29 4.74 -0.92
C PRO A 31 -1.59 4.63 -0.12
N ASN A 32 -2.19 5.78 0.19
CA ASN A 32 -3.43 5.84 0.93
C ASN A 32 -4.44 4.81 0.42
N GLN A 33 -4.45 4.59 -0.88
CA GLN A 33 -5.37 3.62 -1.48
C GLN A 33 -4.81 2.21 -1.38
N ALA A 34 -3.49 2.09 -1.29
CA ALA A 34 -2.85 0.79 -1.17
C ALA A 34 -3.23 0.16 0.15
N LEU A 35 -3.08 0.93 1.23
CA LEU A 35 -3.46 0.46 2.55
C LEU A 35 -4.97 0.33 2.62
N LEU A 36 -5.65 1.22 1.90
CA LEU A 36 -7.09 1.23 1.86
C LEU A 36 -7.63 -0.05 1.23
N ARG A 37 -7.13 -0.41 0.05
CA ARG A 37 -7.58 -1.63 -0.61
C ARG A 37 -7.08 -2.86 0.12
N ILE A 38 -5.94 -2.72 0.78
CA ILE A 38 -5.41 -3.85 1.54
C ILE A 38 -6.18 -4.01 2.84
N LEU A 39 -6.33 -2.92 3.59
CA LEU A 39 -7.04 -2.95 4.85
C LEU A 39 -8.55 -3.02 4.67
N LYS A 40 -9.07 -2.57 3.52
CA LYS A 40 -10.52 -2.60 3.30
C LYS A 40 -10.96 -3.86 2.56
N GLU A 41 -10.06 -4.47 1.81
CA GLU A 41 -10.38 -5.70 1.10
C GLU A 41 -9.78 -6.90 1.80
N THR A 42 -9.04 -6.61 2.86
CA THR A 42 -8.40 -7.65 3.64
C THR A 42 -8.55 -7.36 5.13
N GLU A 43 -9.41 -6.39 5.46
CA GLU A 43 -9.67 -6.00 6.85
C GLU A 43 -9.82 -7.23 7.73
N PHE A 44 -10.86 -8.01 7.44
CA PHE A 44 -11.15 -9.22 8.22
C PHE A 44 -10.55 -10.45 7.58
N LYS A 45 -10.36 -10.41 6.27
CA LYS A 45 -9.80 -11.56 5.54
C LYS A 45 -8.48 -12.04 6.14
N LYS A 46 -7.49 -11.16 6.21
CA LYS A 46 -6.17 -11.51 6.72
C LYS A 46 -6.19 -11.87 8.22
N ILE A 47 -6.90 -11.08 9.02
CA ILE A 47 -6.94 -11.34 10.46
C ILE A 47 -7.61 -12.67 10.78
N LYS A 48 -8.83 -12.88 10.28
CA LYS A 48 -9.54 -14.12 10.54
C LYS A 48 -8.67 -15.32 10.19
N VAL A 49 -7.86 -15.17 9.15
CA VAL A 49 -6.97 -16.24 8.70
C VAL A 49 -5.71 -16.32 9.56
N LEU A 50 -5.21 -15.16 9.96
CA LEU A 50 -4.00 -15.10 10.79
C LEU A 50 -4.31 -15.48 12.23
N GLY A 51 -5.53 -15.21 12.66
CA GLY A 51 -5.93 -15.54 14.02
C GLY A 51 -6.68 -16.85 14.09
N SER A 52 -6.39 -17.75 13.14
CA SER A 52 -7.04 -19.05 13.10
C SER A 52 -6.77 -19.83 14.38
N GLY A 53 -5.57 -19.66 14.93
CA GLY A 53 -5.20 -20.36 16.14
C GLY A 53 -5.02 -19.41 17.32
N ARG A 1 29.69 11.16 9.04
CA ARG A 1 30.50 10.64 7.96
C ARG A 1 29.96 11.12 6.62
N ARG A 2 28.65 10.97 6.42
CA ARG A 2 28.01 11.40 5.18
C ARG A 2 27.21 12.68 5.39
N ARG A 3 26.18 12.59 6.22
CA ARG A 3 25.34 13.74 6.52
C ARG A 3 24.78 13.67 7.94
N HIS A 4 25.59 14.08 8.90
CA HIS A 4 25.19 14.07 10.30
C HIS A 4 24.62 15.42 10.72
N ILE A 5 24.20 16.22 9.75
CA ILE A 5 23.64 17.54 10.01
C ILE A 5 22.39 17.78 9.18
N VAL A 6 22.54 17.68 7.86
CA VAL A 6 21.41 17.88 6.94
C VAL A 6 20.30 16.87 7.23
N ARG A 7 19.36 17.26 8.08
CA ARG A 7 18.25 16.38 8.43
C ARG A 7 16.90 17.05 8.19
N LYS A 8 16.56 18.01 9.05
CA LYS A 8 15.29 18.71 8.92
C LYS A 8 15.09 19.28 7.51
N ARG A 9 16.18 19.75 6.91
CA ARG A 9 16.13 20.32 5.57
C ARG A 9 15.92 19.24 4.51
N THR A 10 16.34 18.01 4.82
CA THR A 10 16.18 16.90 3.88
C THR A 10 14.75 16.38 3.88
N LEU A 11 14.20 16.21 5.09
CA LEU A 11 12.83 15.73 5.23
C LEU A 11 11.85 16.67 4.53
N ARG A 12 12.34 17.82 4.10
CA ARG A 12 11.51 18.81 3.43
C ARG A 12 11.40 18.54 1.93
N ARG A 13 12.39 17.82 1.39
CA ARG A 13 12.37 17.48 -0.03
C ARG A 13 11.46 16.29 -0.26
N LEU A 14 11.49 15.36 0.70
CA LEU A 14 10.66 14.16 0.63
C LEU A 14 9.18 14.53 0.72
N LEU A 15 8.82 15.28 1.75
CA LEU A 15 7.44 15.69 1.94
C LEU A 15 6.96 16.60 0.81
N GLN A 16 7.90 17.32 0.19
CA GLN A 16 7.56 18.24 -0.90
C GLN A 16 7.63 17.55 -2.26
N GLU A 17 8.43 16.49 -2.36
CA GLU A 17 8.59 15.77 -3.61
C GLU A 17 7.33 14.97 -3.94
N ARG A 18 6.50 14.74 -2.93
CA ARG A 18 5.28 13.97 -3.10
C ARG A 18 4.31 14.70 -4.05
N GLU A 19 4.17 16.00 -3.86
CA GLU A 19 3.28 16.80 -4.69
C GLU A 19 1.89 16.18 -4.83
N LEU A 20 1.53 15.31 -3.89
CA LEU A 20 0.23 14.65 -3.92
C LEU A 20 0.03 13.82 -5.19
N VAL A 21 1.13 13.58 -5.92
CA VAL A 21 1.06 12.79 -7.15
C VAL A 21 1.63 11.39 -6.96
N GLU A 22 2.63 11.28 -6.09
CA GLU A 22 3.27 9.99 -5.83
C GLU A 22 4.02 9.50 -7.07
N PRO A 23 5.13 10.19 -7.41
CA PRO A 23 5.94 9.83 -8.58
C PRO A 23 6.51 8.42 -8.47
N LEU A 24 6.88 8.02 -7.26
CA LEU A 24 7.43 6.70 -7.02
C LEU A 24 6.60 5.94 -6.00
N THR A 25 6.16 4.75 -6.36
CA THR A 25 5.36 3.91 -5.47
C THR A 25 5.54 2.43 -5.79
N PRO A 26 6.13 1.66 -4.86
CA PRO A 26 6.36 0.22 -5.06
C PRO A 26 5.07 -0.52 -5.41
N SER A 27 3.99 -0.18 -4.73
CA SER A 27 2.70 -0.81 -4.95
C SER A 27 2.16 -0.47 -6.34
N GLY A 28 1.58 0.72 -6.47
CA GLY A 28 1.04 1.15 -7.75
C GLY A 28 0.24 2.42 -7.62
N GLU A 29 0.58 3.43 -8.43
CA GLU A 29 -0.12 4.71 -8.40
C GLU A 29 0.24 5.49 -7.15
N ALA A 30 -0.04 4.91 -5.98
CA ALA A 30 0.24 5.56 -4.71
C ALA A 30 0.18 4.56 -3.56
N PRO A 31 0.73 4.92 -2.40
CA PRO A 31 0.73 4.04 -1.22
C PRO A 31 -0.63 4.03 -0.51
N ASN A 32 -1.16 5.22 -0.25
CA ASN A 32 -2.44 5.35 0.44
C ASN A 32 -3.49 4.37 -0.11
N GLN A 33 -3.67 4.36 -1.43
CA GLN A 33 -4.63 3.48 -2.06
C GLN A 33 -4.37 2.03 -1.68
N ALA A 34 -3.12 1.71 -1.35
CA ALA A 34 -2.75 0.37 -0.95
C ALA A 34 -3.43 0.05 0.37
N LEU A 35 -3.12 0.86 1.37
CA LEU A 35 -3.74 0.71 2.69
C LEU A 35 -5.23 0.94 2.60
N LEU A 36 -5.62 1.81 1.66
CA LEU A 36 -7.02 2.16 1.46
C LEU A 36 -7.88 0.93 1.14
N ARG A 37 -7.41 0.07 0.23
CA ARG A 37 -8.19 -1.09 -0.16
C ARG A 37 -7.64 -2.40 0.41
N ILE A 38 -6.42 -2.41 0.93
CA ILE A 38 -5.88 -3.66 1.49
C ILE A 38 -6.49 -3.97 2.84
N LEU A 39 -6.44 -3.01 3.75
CA LEU A 39 -7.01 -3.19 5.07
C LEU A 39 -8.51 -3.39 4.97
N LYS A 40 -9.08 -3.01 3.84
CA LYS A 40 -10.51 -3.12 3.61
C LYS A 40 -10.86 -4.37 2.82
N GLU A 41 -10.04 -4.70 1.83
CA GLU A 41 -10.27 -5.89 1.02
C GLU A 41 -9.55 -7.10 1.60
N THR A 42 -8.81 -6.88 2.68
CA THR A 42 -8.08 -7.95 3.33
C THR A 42 -8.25 -7.88 4.85
N GLU A 43 -9.15 -6.99 5.31
CA GLU A 43 -9.42 -6.83 6.74
C GLU A 43 -9.54 -8.17 7.43
N PHE A 44 -10.54 -8.95 7.03
CA PHE A 44 -10.78 -10.26 7.62
C PHE A 44 -9.99 -11.34 6.89
N LYS A 45 -9.66 -11.09 5.63
CA LYS A 45 -8.92 -12.07 4.83
C LYS A 45 -7.59 -12.43 5.48
N LYS A 46 -6.78 -11.42 5.82
CA LYS A 46 -5.48 -11.65 6.42
C LYS A 46 -5.56 -12.23 7.83
N ILE A 47 -6.52 -11.76 8.62
CA ILE A 47 -6.65 -12.24 9.99
C ILE A 47 -7.13 -13.70 10.04
N LYS A 48 -8.23 -14.00 9.35
CA LYS A 48 -8.75 -15.37 9.34
C LYS A 48 -7.68 -16.36 8.92
N VAL A 49 -6.82 -15.93 7.99
CA VAL A 49 -5.74 -16.76 7.49
C VAL A 49 -4.58 -16.84 8.49
N LEU A 50 -4.34 -15.74 9.20
CA LEU A 50 -3.25 -15.68 10.17
C LEU A 50 -3.67 -16.31 11.50
N GLY A 51 -4.96 -16.23 11.80
CA GLY A 51 -5.46 -16.81 13.04
C GLY A 51 -6.11 -18.16 12.82
N SER A 52 -5.65 -18.86 11.79
CA SER A 52 -6.18 -20.18 11.47
C SER A 52 -5.86 -21.18 12.57
N GLY A 53 -4.73 -20.97 13.24
CA GLY A 53 -4.32 -21.87 14.31
C GLY A 53 -3.21 -22.81 13.89
N ARG A 1 3.57 -21.87 -7.91
CA ARG A 1 2.75 -23.05 -8.12
C ARG A 1 1.46 -22.67 -8.85
N ARG A 2 0.78 -21.65 -8.34
CA ARG A 2 -0.46 -21.18 -8.95
C ARG A 2 -0.33 -19.74 -9.44
N ARG A 3 0.37 -18.92 -8.67
CA ARG A 3 0.57 -17.52 -9.03
C ARG A 3 2.00 -17.30 -9.52
N HIS A 4 2.38 -16.03 -9.65
CA HIS A 4 3.72 -15.68 -10.12
C HIS A 4 3.99 -16.25 -11.51
N ILE A 5 2.94 -16.34 -12.31
CA ILE A 5 3.07 -16.87 -13.67
C ILE A 5 3.69 -15.85 -14.61
N VAL A 6 3.01 -14.72 -14.78
CA VAL A 6 3.49 -13.65 -15.65
C VAL A 6 4.34 -12.66 -14.86
N ARG A 7 5.66 -12.77 -15.01
CA ARG A 7 6.58 -11.88 -14.31
C ARG A 7 7.57 -11.24 -15.29
N LYS A 8 8.11 -12.05 -16.19
CA LYS A 8 9.07 -11.56 -17.18
C LYS A 8 8.46 -10.47 -18.05
N ARG A 9 7.33 -10.77 -18.67
CA ARG A 9 6.65 -9.81 -19.54
C ARG A 9 5.83 -8.79 -18.72
N THR A 10 5.61 -9.09 -17.45
CA THR A 10 4.85 -8.20 -16.58
C THR A 10 5.71 -7.04 -16.10
N LEU A 11 6.88 -7.35 -15.54
CA LEU A 11 7.78 -6.32 -15.04
C LEU A 11 7.99 -5.23 -16.09
N ARG A 12 7.86 -5.62 -17.36
CA ARG A 12 8.03 -4.67 -18.45
C ARG A 12 7.07 -3.50 -18.30
N ARG A 13 5.92 -3.76 -17.67
CA ARG A 13 4.93 -2.72 -17.45
C ARG A 13 5.35 -1.85 -16.26
N LEU A 14 5.80 -2.52 -15.21
CA LEU A 14 6.24 -1.82 -14.01
C LEU A 14 7.39 -0.88 -14.33
N LEU A 15 8.35 -1.39 -15.11
CA LEU A 15 9.51 -0.60 -15.51
C LEU A 15 9.15 0.45 -16.55
N GLN A 16 8.06 0.23 -17.27
CA GLN A 16 7.62 1.15 -18.31
C GLN A 16 6.68 2.21 -17.74
N GLU A 17 6.06 1.91 -16.61
CA GLU A 17 5.12 2.84 -15.97
C GLU A 17 5.87 4.05 -15.38
N ARG A 18 7.19 3.94 -15.30
CA ARG A 18 8.00 5.03 -14.75
C ARG A 18 7.96 6.27 -15.64
N GLU A 19 7.48 6.09 -16.87
CA GLU A 19 7.38 7.20 -17.81
C GLU A 19 6.62 8.38 -17.22
N LEU A 20 5.77 8.11 -16.23
CA LEU A 20 4.99 9.16 -15.59
C LEU A 20 5.00 9.01 -14.07
N VAL A 21 4.28 8.01 -13.57
CA VAL A 21 4.22 7.77 -12.14
C VAL A 21 4.74 6.38 -11.78
N GLU A 22 5.78 6.34 -10.95
CA GLU A 22 6.37 5.09 -10.52
C GLU A 22 7.59 5.32 -9.63
N PRO A 23 8.55 6.15 -10.09
CA PRO A 23 9.77 6.44 -9.33
C PRO A 23 9.46 6.87 -7.88
N LEU A 24 8.28 7.43 -7.67
CA LEU A 24 7.85 7.87 -6.35
C LEU A 24 6.50 7.28 -5.98
N THR A 25 6.22 6.08 -6.48
CA THR A 25 4.96 5.41 -6.21
C THR A 25 5.11 3.89 -6.36
N PRO A 26 5.11 3.15 -5.24
CA PRO A 26 5.25 1.69 -5.26
C PRO A 26 4.01 1.00 -5.85
N SER A 27 2.87 1.67 -5.76
CA SER A 27 1.62 1.12 -6.29
C SER A 27 1.39 1.57 -7.73
N GLY A 28 1.05 2.84 -7.89
CA GLY A 28 0.80 3.39 -9.21
C GLY A 28 0.17 4.76 -9.17
N GLU A 29 -1.06 4.81 -8.67
CA GLU A 29 -1.79 6.07 -8.57
C GLU A 29 -1.46 6.80 -7.26
N ALA A 30 -1.31 6.02 -6.19
CA ALA A 30 -0.98 6.58 -4.89
C ALA A 30 -0.76 5.47 -3.86
N PRO A 31 0.13 5.70 -2.88
CA PRO A 31 0.42 4.71 -1.84
C PRO A 31 -0.77 4.47 -0.93
N ASN A 32 -1.34 5.54 -0.41
CA ASN A 32 -2.50 5.44 0.50
C ASN A 32 -3.55 4.48 -0.04
N GLN A 33 -3.67 4.39 -1.36
CA GLN A 33 -4.64 3.50 -1.98
C GLN A 33 -4.36 2.05 -1.61
N ALA A 34 -3.11 1.75 -1.28
CA ALA A 34 -2.74 0.42 -0.89
C ALA A 34 -3.45 0.06 0.42
N LEU A 35 -3.22 0.89 1.42
CA LEU A 35 -3.86 0.70 2.71
C LEU A 35 -5.36 0.92 2.56
N LEU A 36 -5.73 1.77 1.60
CA LEU A 36 -7.13 2.08 1.36
C LEU A 36 -7.93 0.83 1.02
N ARG A 37 -7.42 0.00 0.11
CA ARG A 37 -8.14 -1.21 -0.27
C ARG A 37 -7.54 -2.49 0.30
N ILE A 38 -6.34 -2.41 0.88
CA ILE A 38 -5.70 -3.60 1.44
C ILE A 38 -6.30 -3.99 2.78
N LEU A 39 -6.34 -3.04 3.72
CA LEU A 39 -6.89 -3.31 5.03
C LEU A 39 -8.42 -3.41 4.96
N LYS A 40 -8.98 -2.99 3.82
CA LYS A 40 -10.43 -3.01 3.64
C LYS A 40 -10.85 -4.24 2.86
N GLU A 41 -10.03 -4.65 1.92
CA GLU A 41 -10.32 -5.81 1.09
C GLU A 41 -9.67 -7.06 1.66
N THR A 42 -8.89 -6.88 2.72
CA THR A 42 -8.22 -7.98 3.37
C THR A 42 -8.34 -7.86 4.90
N GLU A 43 -9.18 -6.92 5.36
CA GLU A 43 -9.40 -6.70 6.79
C GLU A 43 -9.55 -8.02 7.53
N PHE A 44 -10.59 -8.77 7.17
CA PHE A 44 -10.87 -10.04 7.81
C PHE A 44 -10.21 -11.20 7.06
N LYS A 45 -9.99 -11.01 5.76
CA LYS A 45 -9.39 -12.07 4.94
C LYS A 45 -8.08 -12.58 5.55
N LYS A 46 -7.13 -11.68 5.75
CA LYS A 46 -5.81 -12.05 6.28
C LYS A 46 -5.87 -12.54 7.73
N ILE A 47 -6.60 -11.83 8.59
CA ILE A 47 -6.66 -12.21 10.00
C ILE A 47 -7.19 -13.64 10.17
N LYS A 48 -8.33 -13.95 9.57
CA LYS A 48 -8.90 -15.29 9.69
C LYS A 48 -7.92 -16.33 9.17
N VAL A 49 -7.17 -15.96 8.13
CA VAL A 49 -6.18 -16.86 7.54
C VAL A 49 -4.97 -17.02 8.44
N LEU A 50 -4.52 -15.91 9.03
CA LEU A 50 -3.36 -15.95 9.92
C LEU A 50 -3.67 -16.76 11.18
N GLY A 51 -4.94 -16.75 11.58
CA GLY A 51 -5.35 -17.50 12.75
C GLY A 51 -5.97 -18.84 12.39
N SER A 52 -5.57 -19.37 11.23
CA SER A 52 -6.09 -20.64 10.77
C SER A 52 -5.61 -21.79 11.66
N GLY A 53 -4.31 -21.83 11.91
CA GLY A 53 -3.75 -22.88 12.76
C GLY A 53 -2.89 -22.32 13.86
N ARG A 1 -9.62 -4.43 28.50
CA ARG A 1 -10.72 -3.85 29.23
C ARG A 1 -11.88 -3.54 28.29
N ARG A 2 -11.57 -2.88 27.18
CA ARG A 2 -12.59 -2.51 26.20
C ARG A 2 -12.97 -3.73 25.35
N ARG A 3 -14.13 -3.65 24.71
CA ARG A 3 -14.62 -4.75 23.87
C ARG A 3 -14.65 -4.34 22.40
N HIS A 4 -13.84 -3.33 22.05
CA HIS A 4 -13.78 -2.86 20.67
C HIS A 4 -15.17 -2.51 20.14
N ILE A 5 -15.56 -1.25 20.30
CA ILE A 5 -16.87 -0.78 19.84
C ILE A 5 -16.72 0.21 18.70
N VAL A 6 -15.76 1.12 18.83
CA VAL A 6 -15.51 2.13 17.81
C VAL A 6 -14.99 1.50 16.52
N ARG A 7 -15.56 1.93 15.39
CA ARG A 7 -15.15 1.42 14.09
C ARG A 7 -14.06 2.28 13.47
N LYS A 8 -13.18 1.66 12.70
CA LYS A 8 -12.08 2.38 12.04
C LYS A 8 -12.61 3.53 11.20
N ARG A 9 -13.84 3.38 10.70
CA ARG A 9 -14.45 4.42 9.87
C ARG A 9 -14.44 5.77 10.58
N THR A 10 -14.33 5.74 11.90
CA THR A 10 -14.31 6.97 12.68
C THR A 10 -12.98 7.71 12.51
N LEU A 11 -11.94 6.97 12.14
CA LEU A 11 -10.62 7.58 11.94
C LEU A 11 -10.71 8.79 11.03
N ARG A 12 -11.81 8.87 10.27
CA ARG A 12 -12.03 9.99 9.37
C ARG A 12 -12.33 11.27 10.14
N ARG A 13 -12.81 11.12 11.37
CA ARG A 13 -13.12 12.26 12.22
C ARG A 13 -11.86 13.04 12.56
N LEU A 14 -10.81 12.31 12.95
CA LEU A 14 -9.54 12.93 13.32
C LEU A 14 -8.99 13.77 12.16
N LEU A 15 -8.91 13.16 10.98
CA LEU A 15 -8.39 13.86 9.81
C LEU A 15 -9.33 14.99 9.39
N GLN A 16 -10.59 14.65 9.11
CA GLN A 16 -11.60 15.62 8.69
C GLN A 16 -11.38 17.01 9.30
N GLU A 17 -11.39 17.08 10.63
CA GLU A 17 -11.21 18.36 11.32
C GLU A 17 -9.98 19.10 10.81
N ARG A 18 -8.91 18.37 10.53
CA ARG A 18 -7.68 18.96 10.05
C ARG A 18 -7.74 19.32 8.56
N GLU A 19 -8.96 19.41 8.01
CA GLU A 19 -9.15 19.77 6.61
C GLU A 19 -8.20 19.01 5.69
N LEU A 20 -8.14 17.69 5.84
CA LEU A 20 -7.27 16.87 5.01
C LEU A 20 -7.82 16.77 3.59
N VAL A 21 -9.14 16.84 3.48
CA VAL A 21 -9.83 16.77 2.20
C VAL A 21 -9.84 18.12 1.50
N GLU A 22 -8.70 18.54 0.99
CA GLU A 22 -8.58 19.82 0.30
C GLU A 22 -7.17 20.02 -0.25
N PRO A 23 -6.15 20.00 0.63
CA PRO A 23 -4.76 20.17 0.21
C PRO A 23 -4.45 19.29 -0.99
N LEU A 24 -4.43 17.99 -0.77
CA LEU A 24 -4.15 17.03 -1.84
C LEU A 24 -4.95 15.73 -1.62
N THR A 25 -4.99 15.27 -0.38
CA THR A 25 -5.70 14.04 -0.04
C THR A 25 -5.02 12.82 -0.63
N PRO A 26 -4.25 12.08 0.18
CA PRO A 26 -3.54 10.88 -0.27
C PRO A 26 -4.49 9.71 -0.56
N SER A 27 -5.77 9.88 -0.23
CA SER A 27 -6.76 8.85 -0.45
C SER A 27 -7.32 8.90 -1.88
N GLY A 28 -6.42 8.93 -2.85
CA GLY A 28 -6.83 8.99 -4.24
C GLY A 28 -5.66 8.82 -5.20
N GLU A 29 -5.50 7.61 -5.72
CA GLU A 29 -4.42 7.31 -6.64
C GLU A 29 -3.07 7.48 -5.96
N ALA A 30 -3.04 7.27 -4.64
CA ALA A 30 -1.81 7.40 -3.87
C ALA A 30 -1.60 6.16 -2.98
N PRO A 31 -0.47 6.13 -2.25
CA PRO A 31 -0.15 5.00 -1.36
C PRO A 31 -1.32 4.63 -0.45
N ASN A 32 -1.99 5.63 0.10
CA ASN A 32 -3.11 5.42 1.00
C ASN A 32 -4.04 4.32 0.49
N GLN A 33 -4.68 4.56 -0.66
CA GLN A 33 -5.60 3.60 -1.25
C GLN A 33 -4.94 2.21 -1.37
N ALA A 34 -3.63 2.18 -1.39
CA ALA A 34 -2.90 0.92 -1.48
C ALA A 34 -3.10 0.15 -0.20
N LEU A 35 -2.77 0.79 0.92
CA LEU A 35 -2.97 0.18 2.22
C LEU A 35 -4.47 0.09 2.50
N LEU A 36 -5.20 1.09 2.03
CA LEU A 36 -6.64 1.15 2.21
C LEU A 36 -7.31 -0.03 1.50
N ARG A 37 -7.00 -0.23 0.23
CA ARG A 37 -7.57 -1.35 -0.51
C ARG A 37 -7.27 -2.63 0.23
N ILE A 38 -6.15 -2.64 0.93
CA ILE A 38 -5.78 -3.79 1.72
C ILE A 38 -6.63 -3.84 2.98
N LEU A 39 -6.67 -2.73 3.69
CA LEU A 39 -7.46 -2.63 4.91
C LEU A 39 -8.94 -2.82 4.61
N LYS A 40 -9.34 -2.67 3.35
CA LYS A 40 -10.74 -2.84 2.96
C LYS A 40 -10.97 -4.23 2.37
N GLU A 41 -10.01 -4.66 1.57
CA GLU A 41 -10.08 -5.96 0.93
C GLU A 41 -9.39 -7.02 1.76
N THR A 42 -8.98 -6.63 2.96
CA THR A 42 -8.29 -7.54 3.84
C THR A 42 -8.52 -7.20 5.31
N GLU A 43 -9.50 -6.32 5.58
CA GLU A 43 -9.81 -5.94 6.95
C GLU A 43 -10.03 -7.17 7.82
N PHE A 44 -10.98 -8.00 7.41
CA PHE A 44 -11.30 -9.22 8.14
C PHE A 44 -10.55 -10.42 7.57
N LYS A 45 -10.05 -10.30 6.35
CA LYS A 45 -9.32 -11.38 5.71
C LYS A 45 -8.02 -11.73 6.45
N LYS A 46 -7.24 -10.70 6.76
CA LYS A 46 -5.95 -10.90 7.43
C LYS A 46 -6.12 -11.31 8.90
N ILE A 47 -7.10 -10.72 9.59
CA ILE A 47 -7.32 -11.04 11.00
C ILE A 47 -7.73 -12.50 11.19
N LYS A 48 -8.75 -12.94 10.45
CA LYS A 48 -9.22 -14.31 10.55
C LYS A 48 -8.08 -15.30 10.30
N VAL A 49 -7.15 -14.90 9.42
CA VAL A 49 -6.01 -15.74 9.08
C VAL A 49 -4.94 -15.65 10.16
N LEU A 50 -4.81 -14.48 10.77
CA LEU A 50 -3.82 -14.27 11.82
C LEU A 50 -4.31 -14.82 13.16
N GLY A 51 -5.62 -14.80 13.35
CA GLY A 51 -6.20 -15.30 14.60
C GLY A 51 -6.71 -16.72 14.46
N SER A 52 -6.11 -17.48 13.55
CA SER A 52 -6.52 -18.86 13.33
C SER A 52 -6.35 -19.69 14.59
N GLY A 53 -5.37 -19.32 15.42
CA GLY A 53 -5.13 -20.04 16.65
C GLY A 53 -3.96 -20.98 16.56
N ARG A 1 19.45 -19.67 -8.30
CA ARG A 1 18.54 -20.57 -8.98
C ARG A 1 17.73 -19.82 -10.02
N ARG A 2 17.15 -18.69 -9.61
CA ARG A 2 16.34 -17.87 -10.51
C ARG A 2 17.17 -16.74 -11.10
N ARG A 3 16.83 -16.34 -12.32
CA ARG A 3 17.54 -15.26 -13.00
C ARG A 3 16.69 -14.01 -13.07
N HIS A 4 15.81 -13.83 -12.09
CA HIS A 4 14.93 -12.67 -12.04
C HIS A 4 13.99 -12.63 -13.23
N ILE A 5 14.50 -12.20 -14.38
CA ILE A 5 13.71 -12.12 -15.61
C ILE A 5 12.72 -10.96 -15.56
N VAL A 6 11.81 -11.00 -14.58
CA VAL A 6 10.82 -9.96 -14.42
C VAL A 6 11.35 -8.82 -13.54
N ARG A 7 12.00 -9.19 -12.45
CA ARG A 7 12.55 -8.21 -11.52
C ARG A 7 13.62 -7.35 -12.20
N LYS A 8 14.44 -7.99 -13.03
CA LYS A 8 15.50 -7.28 -13.74
C LYS A 8 14.94 -6.14 -14.58
N ARG A 9 13.78 -6.37 -15.20
CA ARG A 9 13.14 -5.36 -16.02
C ARG A 9 12.22 -4.46 -15.20
N THR A 10 11.82 -4.94 -14.02
CA THR A 10 10.95 -4.16 -13.15
C THR A 10 11.71 -3.01 -12.50
N LEU A 11 12.87 -3.32 -11.93
CA LEU A 11 13.69 -2.32 -11.27
C LEU A 11 13.84 -1.09 -12.16
N ARG A 12 13.79 -1.31 -13.47
CA ARG A 12 13.91 -0.23 -14.43
C ARG A 12 12.84 0.84 -14.18
N ARG A 13 11.73 0.44 -13.58
CA ARG A 13 10.65 1.36 -13.27
C ARG A 13 10.99 2.13 -11.99
N LEU A 14 11.43 1.39 -10.98
CA LEU A 14 11.81 1.99 -9.71
C LEU A 14 12.88 3.06 -9.92
N LEU A 15 13.85 2.75 -10.78
CA LEU A 15 14.93 3.68 -11.09
C LEU A 15 14.46 4.78 -12.03
N GLN A 16 13.38 4.52 -12.75
CA GLN A 16 12.82 5.50 -13.69
C GLN A 16 11.78 6.38 -13.00
N GLU A 17 11.21 5.90 -11.91
CA GLU A 17 10.21 6.65 -11.16
C GLU A 17 10.85 7.56 -10.12
N ARG A 18 12.16 7.41 -9.92
CA ARG A 18 12.89 8.22 -8.95
C ARG A 18 12.57 9.69 -9.11
N GLU A 19 12.22 10.09 -10.33
CA GLU A 19 11.89 11.49 -10.61
C GLU A 19 10.46 11.81 -10.19
N LEU A 20 9.54 10.92 -10.53
CA LEU A 20 8.13 11.11 -10.17
C LEU A 20 7.51 9.80 -9.71
N VAL A 21 7.40 9.64 -8.40
CA VAL A 21 6.82 8.43 -7.83
C VAL A 21 6.03 8.74 -6.54
N GLU A 22 6.67 9.46 -5.62
CA GLU A 22 6.02 9.81 -4.36
C GLU A 22 5.47 11.24 -4.40
N PRO A 23 6.34 12.23 -4.69
CA PRO A 23 5.93 13.64 -4.75
C PRO A 23 4.78 13.87 -5.72
N LEU A 24 4.66 12.99 -6.72
CA LEU A 24 3.60 13.10 -7.71
C LEU A 24 2.45 12.15 -7.41
N THR A 25 2.72 10.85 -7.53
CA THR A 25 1.72 9.82 -7.27
C THR A 25 0.41 10.12 -7.99
N PRO A 26 0.21 9.55 -9.19
CA PRO A 26 -1.00 9.77 -9.98
C PRO A 26 -2.14 8.83 -9.59
N SER A 27 -2.37 8.69 -8.28
CA SER A 27 -3.44 7.83 -7.78
C SER A 27 -3.35 6.43 -8.40
N GLY A 28 -2.15 5.86 -8.37
CA GLY A 28 -1.96 4.53 -8.93
C GLY A 28 -1.19 3.61 -8.00
N GLU A 29 0.14 3.74 -8.01
CA GLU A 29 0.99 2.92 -7.16
C GLU A 29 1.36 3.66 -5.88
N ALA A 30 0.40 4.39 -5.33
CA ALA A 30 0.62 5.16 -4.10
C ALA A 30 0.36 4.29 -2.87
N PRO A 31 0.87 4.71 -1.70
CA PRO A 31 0.69 3.96 -0.45
C PRO A 31 -0.75 4.04 0.05
N ASN A 32 -1.29 5.25 0.13
CA ASN A 32 -2.66 5.47 0.60
C ASN A 32 -3.63 4.44 0.01
N GLN A 33 -3.73 4.41 -1.32
CA GLN A 33 -4.62 3.48 -2.00
C GLN A 33 -4.32 2.05 -1.58
N ALA A 34 -3.09 1.79 -1.14
CA ALA A 34 -2.70 0.48 -0.70
C ALA A 34 -3.47 0.12 0.57
N LEU A 35 -3.31 0.95 1.59
CA LEU A 35 -4.02 0.74 2.84
C LEU A 35 -5.52 0.93 2.63
N LEU A 36 -5.88 1.70 1.60
CA LEU A 36 -7.27 1.96 1.29
C LEU A 36 -8.01 0.68 0.93
N ARG A 37 -7.46 -0.12 0.02
CA ARG A 37 -8.12 -1.35 -0.41
C ARG A 37 -7.46 -2.61 0.14
N ILE A 38 -6.27 -2.50 0.73
CA ILE A 38 -5.60 -3.69 1.26
C ILE A 38 -6.19 -4.10 2.60
N LEU A 39 -6.19 -3.18 3.56
CA LEU A 39 -6.73 -3.47 4.88
C LEU A 39 -8.27 -3.42 4.87
N LYS A 40 -8.85 -2.94 3.77
CA LYS A 40 -10.30 -2.85 3.66
C LYS A 40 -10.86 -4.03 2.89
N GLU A 41 -10.05 -4.58 2.00
CA GLU A 41 -10.44 -5.73 1.22
C GLU A 41 -9.75 -6.97 1.74
N THR A 42 -9.01 -6.78 2.84
CA THR A 42 -8.28 -7.85 3.46
C THR A 42 -8.23 -7.69 4.97
N GLU A 43 -9.04 -6.78 5.50
CA GLU A 43 -9.09 -6.53 6.94
C GLU A 43 -9.21 -7.84 7.70
N PHE A 44 -10.29 -8.57 7.43
CA PHE A 44 -10.54 -9.84 8.09
C PHE A 44 -10.02 -11.00 7.25
N LYS A 45 -9.84 -10.79 5.96
CA LYS A 45 -9.37 -11.84 5.07
C LYS A 45 -8.00 -12.34 5.49
N LYS A 46 -7.04 -11.42 5.66
CA LYS A 46 -5.69 -11.78 6.04
C LYS A 46 -5.62 -12.45 7.41
N ILE A 47 -6.41 -11.97 8.35
CA ILE A 47 -6.40 -12.53 9.70
C ILE A 47 -7.02 -13.92 9.73
N LYS A 48 -8.24 -14.06 9.20
CA LYS A 48 -8.92 -15.35 9.18
C LYS A 48 -8.01 -16.42 8.59
N VAL A 49 -7.28 -16.05 7.55
CA VAL A 49 -6.37 -16.97 6.89
C VAL A 49 -5.12 -17.23 7.72
N LEU A 50 -4.60 -16.19 8.36
CA LEU A 50 -3.41 -16.31 9.19
C LEU A 50 -3.73 -17.00 10.51
N GLY A 51 -4.96 -16.82 10.99
CA GLY A 51 -5.36 -17.43 12.24
C GLY A 51 -6.12 -18.72 12.02
N SER A 52 -5.83 -19.39 10.91
CA SER A 52 -6.49 -20.65 10.57
C SER A 52 -6.18 -21.71 11.62
N GLY A 53 -4.97 -21.66 12.18
CA GLY A 53 -4.56 -22.62 13.18
C GLY A 53 -4.59 -24.04 12.66
N ARG A 1 29.37 8.71 16.72
CA ARG A 1 28.67 8.66 15.44
C ARG A 1 29.66 8.81 14.29
N ARG A 2 30.50 9.83 14.39
CA ARG A 2 31.50 10.09 13.35
C ARG A 2 30.83 10.35 12.00
N ARG A 3 31.57 10.93 11.07
CA ARG A 3 31.06 11.23 9.74
C ARG A 3 31.62 10.27 8.70
N HIS A 4 30.74 9.60 7.98
CA HIS A 4 31.14 8.65 6.95
C HIS A 4 31.09 9.28 5.56
N ILE A 5 31.34 10.59 5.51
CA ILE A 5 31.31 11.33 4.25
C ILE A 5 29.88 11.57 3.78
N VAL A 6 29.16 10.49 3.54
CA VAL A 6 27.77 10.57 3.08
C VAL A 6 26.94 11.46 4.00
N ARG A 7 26.15 12.35 3.40
CA ARG A 7 25.30 13.25 4.17
C ARG A 7 23.92 13.36 3.53
N LYS A 8 23.04 14.13 4.18
CA LYS A 8 21.68 14.33 3.68
C LYS A 8 21.68 14.84 2.24
N ARG A 9 22.78 15.49 1.84
CA ARG A 9 22.91 16.03 0.49
C ARG A 9 22.61 14.97 -0.55
N THR A 10 22.97 13.72 -0.25
CA THR A 10 22.74 12.61 -1.15
C THR A 10 21.34 12.05 -0.95
N LEU A 11 20.97 11.83 0.31
CA LEU A 11 19.67 11.31 0.65
C LEU A 11 18.56 12.17 0.06
N ARG A 12 18.91 13.39 -0.35
CA ARG A 12 17.96 14.30 -0.94
C ARG A 12 17.53 13.82 -2.32
N ARG A 13 18.33 12.92 -2.90
CA ARG A 13 18.04 12.38 -4.22
C ARG A 13 16.84 11.44 -4.16
N LEU A 14 16.71 10.73 -3.04
CA LEU A 14 15.60 9.80 -2.86
C LEU A 14 14.27 10.54 -2.78
N LEU A 15 14.20 11.56 -1.91
CA LEU A 15 12.99 12.34 -1.75
C LEU A 15 12.67 13.11 -3.03
N GLN A 16 13.64 13.86 -3.53
CA GLN A 16 13.44 14.64 -4.75
C GLN A 16 13.13 13.74 -5.93
N GLU A 17 13.61 12.50 -5.88
CA GLU A 17 13.37 11.54 -6.95
C GLU A 17 11.88 11.32 -7.18
N ARG A 18 11.11 11.38 -6.11
CA ARG A 18 9.67 11.20 -6.17
C ARG A 18 9.01 12.29 -7.01
N GLU A 19 9.29 13.55 -6.65
CA GLU A 19 8.74 14.70 -7.35
C GLU A 19 7.27 14.92 -7.00
N LEU A 20 6.72 14.06 -6.14
CA LEU A 20 5.32 14.19 -5.73
C LEU A 20 5.16 13.75 -4.26
N VAL A 21 5.24 12.44 -4.04
CA VAL A 21 5.11 11.90 -2.70
C VAL A 21 5.84 10.57 -2.57
N GLU A 22 5.39 9.58 -3.34
CA GLU A 22 6.02 8.25 -3.33
C GLU A 22 5.52 7.41 -4.51
N PRO A 23 5.91 7.79 -5.74
CA PRO A 23 5.51 7.06 -6.94
C PRO A 23 6.05 5.63 -6.98
N LEU A 24 7.04 5.35 -6.13
CA LEU A 24 7.63 4.02 -6.06
C LEU A 24 6.90 3.16 -5.03
N THR A 25 5.62 2.92 -5.29
CA THR A 25 4.80 2.13 -4.38
C THR A 25 4.50 0.76 -4.98
N PRO A 26 4.33 -0.26 -4.13
CA PRO A 26 4.04 -1.63 -4.58
C PRO A 26 2.64 -1.76 -5.17
N SER A 27 1.72 -0.91 -4.73
CA SER A 27 0.35 -0.94 -5.21
C SER A 27 0.26 -0.28 -6.60
N GLY A 28 0.26 1.04 -6.62
CA GLY A 28 0.16 1.77 -7.88
C GLY A 28 -0.38 3.16 -7.69
N GLU A 29 0.23 4.13 -8.37
CA GLU A 29 -0.21 5.53 -8.29
C GLU A 29 0.23 6.15 -6.96
N ALA A 30 -0.19 5.54 -5.85
CA ALA A 30 0.17 6.05 -4.53
C ALA A 30 0.01 4.97 -3.47
N PRO A 31 0.85 4.99 -2.42
CA PRO A 31 0.80 4.00 -1.34
C PRO A 31 -0.57 3.98 -0.64
N ASN A 32 -1.09 5.17 -0.37
CA ASN A 32 -2.38 5.33 0.31
C ASN A 32 -3.42 4.33 -0.23
N GLN A 33 -3.60 4.29 -1.54
CA GLN A 33 -4.56 3.38 -2.16
C GLN A 33 -4.31 1.94 -1.74
N ALA A 34 -3.09 1.65 -1.33
CA ALA A 34 -2.74 0.31 -0.87
C ALA A 34 -3.44 0.05 0.44
N LEU A 35 -3.13 0.86 1.44
CA LEU A 35 -3.76 0.76 2.75
C LEU A 35 -5.26 1.02 2.62
N LEU A 36 -5.61 1.81 1.61
CA LEU A 36 -7.00 2.16 1.38
C LEU A 36 -7.86 0.93 1.10
N ARG A 37 -7.42 0.07 0.19
CA ARG A 37 -8.20 -1.11 -0.16
C ARG A 37 -7.64 -2.41 0.41
N ILE A 38 -6.44 -2.39 0.97
CA ILE A 38 -5.88 -3.62 1.52
C ILE A 38 -6.50 -3.94 2.88
N LEU A 39 -6.49 -2.99 3.79
CA LEU A 39 -7.06 -3.20 5.11
C LEU A 39 -8.56 -3.45 5.04
N LYS A 40 -9.19 -3.05 3.94
CA LYS A 40 -10.64 -3.21 3.78
C LYS A 40 -10.98 -4.43 2.96
N GLU A 41 -10.17 -4.69 1.94
CA GLU A 41 -10.38 -5.84 1.06
C GLU A 41 -9.57 -7.02 1.54
N THR A 42 -8.74 -6.79 2.54
CA THR A 42 -7.90 -7.83 3.07
C THR A 42 -7.91 -7.81 4.61
N GLU A 43 -8.85 -7.06 5.18
CA GLU A 43 -8.99 -6.97 6.64
C GLU A 43 -8.96 -8.35 7.27
N PHE A 44 -9.92 -9.17 6.89
CA PHE A 44 -10.03 -10.53 7.42
C PHE A 44 -9.30 -11.53 6.53
N LYS A 45 -9.06 -11.16 5.28
CA LYS A 45 -8.38 -12.06 4.35
C LYS A 45 -6.98 -12.42 4.82
N LYS A 46 -6.18 -11.41 5.15
CA LYS A 46 -4.80 -11.63 5.58
C LYS A 46 -4.71 -12.32 6.93
N ILE A 47 -5.62 -12.00 7.85
CA ILE A 47 -5.60 -12.60 9.18
C ILE A 47 -6.01 -14.07 9.15
N LYS A 48 -7.17 -14.36 8.56
CA LYS A 48 -7.65 -15.73 8.48
C LYS A 48 -6.59 -16.65 7.88
N VAL A 49 -5.85 -16.12 6.92
CA VAL A 49 -4.79 -16.88 6.26
C VAL A 49 -3.55 -16.99 7.14
N LEU A 50 -3.30 -15.95 7.93
CA LEU A 50 -2.14 -15.94 8.83
C LEU A 50 -2.42 -16.74 10.10
N GLY A 51 -3.69 -16.77 10.50
CA GLY A 51 -4.07 -17.49 11.70
C GLY A 51 -4.66 -18.85 11.39
N SER A 52 -4.24 -19.44 10.28
CA SER A 52 -4.73 -20.74 9.86
C SER A 52 -4.42 -21.80 10.92
N GLY A 53 -3.31 -21.61 11.63
CA GLY A 53 -2.92 -22.56 12.65
C GLY A 53 -2.44 -23.87 12.08
N ARG A 1 0.96 -23.58 -2.77
CA ARG A 1 0.87 -24.17 -1.44
C ARG A 1 -0.48 -23.84 -0.82
N ARG A 2 -0.85 -22.57 -0.84
CA ARG A 2 -2.12 -22.13 -0.27
C ARG A 2 -3.21 -22.11 -1.33
N ARG A 3 -3.15 -21.14 -2.23
CA ARG A 3 -4.14 -21.02 -3.29
C ARG A 3 -3.55 -21.43 -4.64
N HIS A 4 -2.22 -21.46 -4.73
CA HIS A 4 -1.55 -21.85 -5.96
C HIS A 4 -1.81 -20.83 -7.07
N ILE A 5 -1.09 -19.72 -7.03
CA ILE A 5 -1.25 -18.67 -8.02
C ILE A 5 0.09 -18.29 -8.65
N VAL A 6 0.08 -18.06 -9.96
CA VAL A 6 1.31 -17.70 -10.66
C VAL A 6 1.13 -16.38 -11.42
N ARG A 7 1.84 -15.35 -10.98
CA ARG A 7 1.78 -14.04 -11.60
C ARG A 7 2.91 -13.85 -12.60
N LYS A 8 3.26 -14.91 -13.31
CA LYS A 8 4.33 -14.86 -14.29
C LYS A 8 4.03 -13.79 -15.34
N ARG A 9 2.89 -13.94 -16.00
CA ARG A 9 2.48 -12.97 -17.01
C ARG A 9 2.02 -11.68 -16.36
N THR A 10 1.67 -11.76 -15.08
CA THR A 10 1.21 -10.59 -14.33
C THR A 10 2.31 -9.54 -14.26
N LEU A 11 3.55 -9.99 -14.02
CA LEU A 11 4.69 -9.07 -13.93
C LEU A 11 4.63 -8.02 -15.02
N ARG A 12 4.07 -8.40 -16.16
CA ARG A 12 3.96 -7.50 -17.29
C ARG A 12 3.10 -6.29 -16.94
N ARG A 13 2.08 -6.51 -16.12
CA ARG A 13 1.20 -5.45 -15.69
C ARG A 13 1.90 -4.53 -14.70
N LEU A 14 2.72 -5.13 -13.86
CA LEU A 14 3.48 -4.39 -12.84
C LEU A 14 4.55 -3.53 -13.51
N LEU A 15 5.35 -4.14 -14.38
CA LEU A 15 6.42 -3.43 -15.07
C LEU A 15 5.85 -2.35 -15.98
N GLN A 16 4.73 -2.65 -16.61
CA GLN A 16 4.08 -1.70 -17.51
C GLN A 16 3.21 -0.70 -16.75
N GLU A 17 2.91 -1.00 -15.48
CA GLU A 17 2.09 -0.12 -14.67
C GLU A 17 2.74 1.25 -14.52
N ARG A 18 4.04 1.31 -14.77
CA ARG A 18 4.78 2.57 -14.65
C ARG A 18 4.17 3.64 -15.55
N GLU A 19 3.50 3.22 -16.62
CA GLU A 19 2.88 4.17 -17.54
C GLU A 19 1.66 3.55 -18.22
N LEU A 20 0.79 2.94 -17.41
CA LEU A 20 -0.42 2.32 -17.94
C LEU A 20 -1.58 2.47 -16.96
N VAL A 21 -1.58 1.65 -15.92
CA VAL A 21 -2.63 1.70 -14.90
C VAL A 21 -2.44 2.88 -13.97
N GLU A 22 -3.34 3.86 -14.06
CA GLU A 22 -3.27 5.05 -13.23
C GLU A 22 -4.41 6.02 -13.54
N PRO A 23 -4.56 6.42 -14.81
CA PRO A 23 -5.61 7.35 -15.23
C PRO A 23 -7.00 6.95 -14.71
N LEU A 24 -7.17 5.66 -14.45
CA LEU A 24 -8.45 5.15 -13.95
C LEU A 24 -8.59 5.45 -12.47
N THR A 25 -7.47 5.56 -11.78
CA THR A 25 -7.46 5.85 -10.35
C THR A 25 -7.19 7.33 -10.08
N PRO A 26 -7.60 7.84 -8.91
CA PRO A 26 -7.41 9.24 -8.55
C PRO A 26 -5.94 9.59 -8.31
N SER A 27 -5.14 8.60 -7.93
CA SER A 27 -3.73 8.81 -7.67
C SER A 27 -2.88 7.89 -8.54
N GLY A 28 -3.03 6.59 -8.35
CA GLY A 28 -2.27 5.64 -9.13
C GLY A 28 -1.62 4.58 -8.25
N GLU A 29 -0.29 4.62 -8.17
CA GLU A 29 0.44 3.66 -7.36
C GLU A 29 0.80 4.28 -6.00
N ALA A 30 -0.10 5.11 -5.49
CA ALA A 30 0.11 5.77 -4.19
C ALA A 30 -0.15 4.80 -3.04
N PRO A 31 0.71 4.80 -2.01
CA PRO A 31 0.55 3.93 -0.84
C PRO A 31 -0.83 4.05 -0.21
N ASN A 32 -1.30 5.29 -0.06
CA ASN A 32 -2.60 5.56 0.53
C ASN A 32 -3.67 4.61 0.01
N GLN A 33 -3.73 4.45 -1.31
CA GLN A 33 -4.73 3.57 -1.92
C GLN A 33 -4.42 2.12 -1.61
N ALA A 34 -3.15 1.81 -1.34
CA ALA A 34 -2.75 0.46 -1.00
C ALA A 34 -3.40 0.08 0.31
N LEU A 35 -3.14 0.89 1.34
CA LEU A 35 -3.73 0.68 2.65
C LEU A 35 -5.24 0.87 2.57
N LEU A 36 -5.66 1.77 1.68
CA LEU A 36 -7.06 2.07 1.49
C LEU A 36 -7.88 0.83 1.12
N ARG A 37 -7.36 0.00 0.21
CA ARG A 37 -8.10 -1.18 -0.22
C ARG A 37 -7.55 -2.48 0.35
N ILE A 38 -6.33 -2.48 0.87
CA ILE A 38 -5.78 -3.72 1.43
C ILE A 38 -6.39 -4.03 2.79
N LEU A 39 -6.38 -3.04 3.68
CA LEU A 39 -6.95 -3.23 5.00
C LEU A 39 -8.46 -3.39 4.90
N LYS A 40 -9.01 -2.98 3.76
CA LYS A 40 -10.45 -3.03 3.53
C LYS A 40 -10.83 -4.29 2.75
N GLU A 41 -9.98 -4.70 1.82
CA GLU A 41 -10.24 -5.89 1.03
C GLU A 41 -9.60 -7.11 1.68
N THR A 42 -8.91 -6.88 2.79
CA THR A 42 -8.27 -7.95 3.52
C THR A 42 -8.49 -7.78 5.03
N GLU A 43 -9.35 -6.82 5.40
CA GLU A 43 -9.66 -6.55 6.80
C GLU A 43 -9.80 -7.85 7.60
N PHE A 44 -10.78 -8.66 7.22
CA PHE A 44 -11.03 -9.92 7.90
C PHE A 44 -10.32 -11.08 7.20
N LYS A 45 -10.03 -10.91 5.91
CA LYS A 45 -9.37 -11.96 5.13
C LYS A 45 -8.09 -12.47 5.78
N LYS A 46 -7.13 -11.56 5.99
CA LYS A 46 -5.84 -11.94 6.58
C LYS A 46 -5.96 -12.41 8.03
N ILE A 47 -6.60 -11.62 8.88
CA ILE A 47 -6.73 -11.96 10.29
C ILE A 47 -7.27 -13.37 10.49
N LYS A 48 -8.45 -13.66 9.95
CA LYS A 48 -9.04 -14.98 10.09
C LYS A 48 -8.06 -16.05 9.62
N VAL A 49 -7.28 -15.71 8.60
CA VAL A 49 -6.30 -16.64 8.04
C VAL A 49 -5.09 -16.77 8.97
N LEU A 50 -4.66 -15.66 9.55
CA LEU A 50 -3.51 -15.66 10.44
C LEU A 50 -3.80 -16.50 11.68
N GLY A 51 -5.07 -16.54 12.07
CA GLY A 51 -5.47 -17.32 13.23
C GLY A 51 -6.15 -18.61 12.84
N SER A 52 -5.82 -19.11 11.66
CA SER A 52 -6.40 -20.34 11.15
C SER A 52 -5.82 -21.56 11.88
N GLY A 53 -4.51 -21.69 11.83
CA GLY A 53 -3.84 -22.81 12.50
C GLY A 53 -3.95 -22.72 14.00
N ARG A 1 15.55 0.68 -12.96
CA ARG A 1 15.78 1.00 -14.35
C ARG A 1 17.01 1.88 -14.49
N ARG A 2 17.08 2.94 -13.70
CA ARG A 2 18.21 3.86 -13.74
C ARG A 2 19.11 3.66 -12.53
N ARG A 3 20.02 4.61 -12.32
CA ARG A 3 20.95 4.54 -11.20
C ARG A 3 20.58 5.55 -10.11
N HIS A 4 21.27 5.48 -8.99
CA HIS A 4 21.01 6.40 -7.88
C HIS A 4 22.31 6.90 -7.26
N ILE A 5 23.05 7.70 -8.02
CA ILE A 5 24.32 8.25 -7.54
C ILE A 5 24.30 9.77 -7.50
N VAL A 6 23.22 10.38 -7.98
CA VAL A 6 23.11 11.83 -7.99
C VAL A 6 22.34 12.34 -6.77
N ARG A 7 22.38 11.57 -5.67
CA ARG A 7 21.70 11.95 -4.44
C ARG A 7 20.18 12.01 -4.63
N LYS A 8 19.50 12.66 -3.68
CA LYS A 8 18.04 12.79 -3.72
C LYS A 8 17.54 13.28 -5.09
N ARG A 9 18.45 13.81 -5.90
CA ARG A 9 18.08 14.29 -7.23
C ARG A 9 17.75 13.11 -8.15
N THR A 10 18.08 11.90 -7.70
CA THR A 10 17.83 10.69 -8.48
C THR A 10 16.45 10.11 -8.16
N LEU A 11 16.17 9.96 -6.87
CA LEU A 11 14.89 9.40 -6.42
C LEU A 11 13.73 10.19 -7.01
N ARG A 12 14.01 11.42 -7.43
CA ARG A 12 12.98 12.27 -8.02
C ARG A 12 12.51 11.70 -9.36
N ARG A 13 13.28 10.76 -9.90
CA ARG A 13 12.93 10.15 -11.18
C ARG A 13 11.81 9.12 -11.01
N LEU A 14 11.82 8.40 -9.90
CA LEU A 14 10.79 7.40 -9.62
C LEU A 14 9.44 8.06 -9.36
N LEU A 15 9.43 9.04 -8.47
CA LEU A 15 8.20 9.76 -8.14
C LEU A 15 7.57 10.39 -9.37
N GLN A 16 8.40 11.05 -10.17
CA GLN A 16 7.92 11.71 -11.39
C GLN A 16 7.74 10.70 -12.52
N GLU A 17 8.32 9.51 -12.36
CA GLU A 17 8.22 8.46 -13.37
C GLU A 17 6.77 8.26 -13.81
N ARG A 18 5.84 8.55 -12.90
CA ARG A 18 4.41 8.40 -13.20
C ARG A 18 3.94 9.35 -14.30
N GLU A 19 4.83 10.24 -14.75
CA GLU A 19 4.50 11.21 -15.79
C GLU A 19 3.63 10.58 -16.89
N LEU A 20 4.06 9.44 -17.42
CA LEU A 20 3.31 8.77 -18.47
C LEU A 20 3.76 7.31 -18.61
N VAL A 21 3.75 6.57 -17.49
CA VAL A 21 4.13 5.18 -17.50
C VAL A 21 2.94 4.27 -17.25
N GLU A 22 2.12 4.64 -16.27
CA GLU A 22 0.93 3.85 -15.93
C GLU A 22 0.11 4.56 -14.85
N PRO A 23 -0.36 5.79 -15.13
CA PRO A 23 -1.16 6.57 -14.20
C PRO A 23 -2.64 6.18 -14.20
N LEU A 24 -2.91 4.88 -14.26
CA LEU A 24 -4.29 4.39 -14.28
C LEU A 24 -4.55 3.52 -13.05
N THR A 25 -3.55 2.76 -12.66
CA THR A 25 -3.66 1.88 -11.50
C THR A 25 -4.06 2.66 -10.25
N PRO A 26 -5.25 2.37 -9.68
CA PRO A 26 -5.72 3.06 -8.48
C PRO A 26 -4.91 2.70 -7.24
N SER A 27 -4.27 1.54 -7.27
CA SER A 27 -3.46 1.08 -6.15
C SER A 27 -1.99 0.98 -6.55
N GLY A 28 -1.48 2.04 -7.19
CA GLY A 28 -0.10 2.05 -7.61
C GLY A 28 0.49 3.45 -7.63
N GLU A 29 -0.27 4.41 -8.14
CA GLU A 29 0.18 5.79 -8.22
C GLU A 29 0.57 6.31 -6.84
N ALA A 30 -0.07 5.79 -5.81
CA ALA A 30 0.21 6.20 -4.44
C ALA A 30 0.04 5.04 -3.46
N PRO A 31 0.80 5.05 -2.35
CA PRO A 31 0.73 4.00 -1.34
C PRO A 31 -0.60 4.02 -0.58
N ASN A 32 -1.11 5.22 -0.35
CA ASN A 32 -2.38 5.38 0.38
C ASN A 32 -3.44 4.39 -0.11
N GLN A 33 -3.66 4.36 -1.42
CA GLN A 33 -4.65 3.45 -1.99
C GLN A 33 -4.34 2.00 -1.64
N ALA A 34 -3.08 1.71 -1.34
CA ALA A 34 -2.68 0.36 -0.96
C ALA A 34 -3.32 0.01 0.36
N LEU A 35 -3.12 0.88 1.35
CA LEU A 35 -3.72 0.70 2.67
C LEU A 35 -5.22 0.95 2.58
N LEU A 36 -5.61 1.79 1.62
CA LEU A 36 -7.01 2.14 1.44
C LEU A 36 -7.86 0.91 1.11
N ARG A 37 -7.40 0.05 0.21
CA ARG A 37 -8.19 -1.12 -0.16
C ARG A 37 -7.67 -2.42 0.44
N ILE A 38 -6.42 -2.44 0.90
CA ILE A 38 -5.89 -3.67 1.49
C ILE A 38 -6.49 -3.94 2.87
N LEU A 39 -6.50 -2.92 3.72
CA LEU A 39 -7.06 -3.07 5.06
C LEU A 39 -8.56 -3.36 5.00
N LYS A 40 -9.18 -3.00 3.88
CA LYS A 40 -10.61 -3.20 3.70
C LYS A 40 -10.92 -4.45 2.90
N GLU A 41 -10.12 -4.72 1.88
CA GLU A 41 -10.32 -5.89 1.04
C GLU A 41 -9.53 -7.08 1.55
N THR A 42 -8.79 -6.85 2.62
CA THR A 42 -7.99 -7.90 3.24
C THR A 42 -8.11 -7.83 4.76
N GLU A 43 -9.04 -6.98 5.24
CA GLU A 43 -9.28 -6.82 6.67
C GLU A 43 -9.27 -8.16 7.39
N PHE A 44 -10.21 -9.03 7.05
CA PHE A 44 -10.31 -10.33 7.67
C PHE A 44 -9.53 -11.38 6.90
N LYS A 45 -9.34 -11.15 5.61
CA LYS A 45 -8.60 -12.10 4.77
C LYS A 45 -7.24 -12.45 5.38
N LYS A 46 -6.42 -11.43 5.60
CA LYS A 46 -5.07 -11.62 6.13
C LYS A 46 -5.07 -12.19 7.56
N ILE A 47 -6.02 -11.77 8.39
CA ILE A 47 -6.06 -12.25 9.78
C ILE A 47 -6.62 -13.67 9.88
N LYS A 48 -7.80 -13.90 9.32
CA LYS A 48 -8.43 -15.22 9.38
C LYS A 48 -7.40 -16.31 9.05
N VAL A 49 -6.52 -16.01 8.11
CA VAL A 49 -5.48 -16.93 7.69
C VAL A 49 -4.45 -17.16 8.80
N LEU A 50 -4.18 -16.11 9.59
CA LEU A 50 -3.22 -16.22 10.68
C LEU A 50 -3.63 -17.32 11.64
N GLY A 51 -4.93 -17.55 11.73
CA GLY A 51 -5.43 -18.59 12.59
C GLY A 51 -5.75 -19.85 11.81
N SER A 52 -5.13 -19.96 10.63
CA SER A 52 -5.34 -21.11 9.76
C SER A 52 -4.82 -22.38 10.41
N GLY A 53 -3.52 -22.42 10.70
CA GLY A 53 -2.94 -23.58 11.32
C GLY A 53 -2.22 -24.47 10.33
N ARG A 1 -13.91 9.34 18.13
CA ARG A 1 -14.28 8.40 19.17
C ARG A 1 -13.67 7.03 18.88
N ARG A 2 -13.87 6.55 17.65
CA ARG A 2 -13.33 5.25 17.26
C ARG A 2 -13.11 5.20 15.75
N ARG A 3 -14.20 5.21 14.99
CA ARG A 3 -14.12 5.17 13.54
C ARG A 3 -13.63 6.50 12.98
N HIS A 4 -13.77 7.55 13.77
CA HIS A 4 -13.34 8.89 13.34
C HIS A 4 -14.13 9.35 12.13
N ILE A 5 -15.39 9.72 12.36
CA ILE A 5 -16.25 10.20 11.29
C ILE A 5 -15.66 11.43 10.61
N VAL A 6 -15.13 12.34 11.43
CA VAL A 6 -14.54 13.57 10.92
C VAL A 6 -13.20 13.85 11.61
N ARG A 7 -12.13 13.30 11.06
CA ARG A 7 -10.80 13.49 11.63
C ARG A 7 -9.73 12.92 10.70
N LYS A 8 -9.98 11.73 10.18
CA LYS A 8 -9.02 11.09 9.27
C LYS A 8 -8.72 11.99 8.08
N ARG A 9 -9.74 12.38 7.33
CA ARG A 9 -9.56 13.24 6.16
C ARG A 9 -8.94 14.56 6.55
N THR A 10 -9.03 14.92 7.82
CA THR A 10 -8.48 16.17 8.30
C THR A 10 -6.97 16.08 8.44
N LEU A 11 -6.45 14.84 8.56
CA LEU A 11 -5.02 14.65 8.68
C LEU A 11 -4.28 15.38 7.57
N ARG A 12 -4.99 15.68 6.48
CA ARG A 12 -4.42 16.40 5.36
C ARG A 12 -4.06 17.83 5.75
N ARG A 13 -4.62 18.29 6.86
CA ARG A 13 -4.36 19.66 7.34
C ARG A 13 -2.90 19.83 7.71
N LEU A 14 -2.36 18.88 8.47
CA LEU A 14 -0.97 18.94 8.89
C LEU A 14 -0.03 18.83 7.70
N LEU A 15 -0.32 17.90 6.80
CA LEU A 15 0.51 17.69 5.61
C LEU A 15 0.37 18.85 4.64
N GLN A 16 -0.84 19.04 4.11
CA GLN A 16 -1.10 20.11 3.14
C GLN A 16 -0.43 21.42 3.56
N GLU A 17 -0.44 21.72 4.85
CA GLU A 17 0.17 22.95 5.36
C GLU A 17 1.58 23.13 4.79
N ARG A 18 2.33 22.04 4.73
CA ARG A 18 3.69 22.06 4.21
C ARG A 18 3.72 22.59 2.78
N GLU A 19 2.72 22.20 1.99
CA GLU A 19 2.63 22.62 0.60
C GLU A 19 1.20 22.48 0.09
N LEU A 20 0.75 21.24 -0.04
CA LEU A 20 -0.60 20.96 -0.53
C LEU A 20 -0.84 19.45 -0.57
N VAL A 21 0.19 18.69 -0.93
CA VAL A 21 0.08 17.24 -1.02
C VAL A 21 -0.60 16.82 -2.32
N GLU A 22 -0.90 17.78 -3.18
CA GLU A 22 -1.56 17.50 -4.44
C GLU A 22 -0.54 17.49 -5.60
N PRO A 23 0.26 18.57 -5.74
CA PRO A 23 1.27 18.65 -6.81
C PRO A 23 2.41 17.66 -6.64
N LEU A 24 2.07 16.37 -6.63
CA LEU A 24 3.06 15.31 -6.47
C LEU A 24 2.39 13.94 -6.41
N THR A 25 1.23 13.89 -5.76
CA THR A 25 0.49 12.64 -5.63
C THR A 25 -0.38 12.39 -6.85
N PRO A 26 -0.71 11.11 -7.12
CA PRO A 26 -1.54 10.73 -8.27
C PRO A 26 -3.00 11.12 -8.08
N SER A 27 -3.42 11.25 -6.83
CA SER A 27 -4.80 11.62 -6.52
C SER A 27 -4.91 12.18 -5.11
N GLY A 28 -4.49 11.38 -4.14
CA GLY A 28 -4.55 11.82 -2.75
C GLY A 28 -3.23 11.63 -2.02
N GLU A 29 -2.42 10.69 -2.48
CA GLU A 29 -1.13 10.40 -1.88
C GLU A 29 -0.42 9.28 -2.62
N ALA A 30 -1.19 8.24 -2.98
CA ALA A 30 -0.68 7.07 -3.71
C ALA A 30 -0.77 5.80 -2.87
N PRO A 31 -0.11 5.75 -1.70
CA PRO A 31 -0.17 4.57 -0.82
C PRO A 31 -1.49 4.49 -0.07
N ASN A 32 -2.07 5.66 0.22
CA ASN A 32 -3.34 5.76 0.93
C ASN A 32 -4.34 4.72 0.43
N GLN A 33 -4.45 4.58 -0.88
CA GLN A 33 -5.37 3.61 -1.47
C GLN A 33 -4.82 2.19 -1.37
N ALA A 34 -3.50 2.08 -1.27
CA ALA A 34 -2.85 0.79 -1.16
C ALA A 34 -3.23 0.16 0.17
N LEU A 35 -3.01 0.88 1.25
CA LEU A 35 -3.36 0.39 2.57
C LEU A 35 -4.88 0.31 2.66
N LEU A 36 -5.55 1.22 1.96
CA LEU A 36 -7.00 1.25 1.95
C LEU A 36 -7.56 -0.02 1.30
N ARG A 37 -7.14 -0.31 0.07
CA ARG A 37 -7.62 -1.49 -0.63
C ARG A 37 -7.22 -2.75 0.10
N ILE A 38 -6.06 -2.73 0.73
CA ILE A 38 -5.61 -3.88 1.47
C ILE A 38 -6.36 -3.97 2.79
N LEU A 39 -6.37 -2.88 3.53
CA LEU A 39 -7.06 -2.81 4.81
C LEU A 39 -8.58 -2.90 4.64
N LYS A 40 -9.08 -2.62 3.43
CA LYS A 40 -10.51 -2.67 3.19
C LYS A 40 -10.92 -4.00 2.56
N GLU A 41 -10.05 -4.55 1.72
CA GLU A 41 -10.34 -5.83 1.08
C GLU A 41 -9.71 -6.98 1.85
N THR A 42 -8.97 -6.64 2.91
CA THR A 42 -8.33 -7.64 3.75
C THR A 42 -8.53 -7.32 5.22
N GLU A 43 -9.39 -6.34 5.51
CA GLU A 43 -9.68 -5.93 6.89
C GLU A 43 -9.89 -7.16 7.77
N PHE A 44 -10.91 -7.94 7.46
CA PHE A 44 -11.22 -9.13 8.23
C PHE A 44 -10.52 -10.37 7.65
N LYS A 45 -10.08 -10.26 6.39
CA LYS A 45 -9.41 -11.39 5.74
C LYS A 45 -8.13 -11.76 6.50
N LYS A 46 -7.33 -10.75 6.84
CA LYS A 46 -6.09 -10.97 7.57
C LYS A 46 -6.35 -11.63 8.93
N ILE A 47 -7.55 -11.42 9.45
CA ILE A 47 -7.93 -11.98 10.75
C ILE A 47 -7.80 -13.50 10.75
N LYS A 48 -8.46 -14.15 9.79
CA LYS A 48 -8.41 -15.60 9.68
C LYS A 48 -6.98 -16.08 9.48
N VAL A 49 -6.20 -15.28 8.76
CA VAL A 49 -4.80 -15.60 8.49
C VAL A 49 -3.96 -15.55 9.77
N LEU A 50 -4.20 -14.52 10.58
CA LEU A 50 -3.47 -14.36 11.83
C LEU A 50 -3.94 -15.36 12.87
N GLY A 51 -5.21 -15.74 12.79
CA GLY A 51 -5.76 -16.69 13.74
C GLY A 51 -5.76 -18.11 13.20
N SER A 52 -4.80 -18.41 12.33
CA SER A 52 -4.69 -19.73 11.74
C SER A 52 -4.39 -20.78 12.81
N GLY A 53 -3.63 -20.38 13.83
CA GLY A 53 -3.29 -21.29 14.90
C GLY A 53 -2.25 -22.30 14.47
N ARG A 1 12.06 -20.93 -8.31
CA ARG A 1 11.70 -20.46 -9.63
C ARG A 1 11.81 -18.94 -9.70
N ARG A 2 11.22 -18.26 -8.73
CA ARG A 2 11.25 -16.81 -8.68
C ARG A 2 10.62 -16.20 -9.92
N ARG A 3 10.49 -14.87 -9.93
CA ARG A 3 9.91 -14.17 -11.06
C ARG A 3 10.60 -12.82 -11.28
N HIS A 4 11.72 -12.85 -11.99
CA HIS A 4 12.48 -11.64 -12.27
C HIS A 4 12.16 -11.12 -13.67
N ILE A 5 10.94 -11.36 -14.12
CA ILE A 5 10.51 -10.92 -15.45
C ILE A 5 9.68 -9.65 -15.36
N VAL A 6 8.64 -9.69 -14.54
CA VAL A 6 7.75 -8.53 -14.37
C VAL A 6 8.12 -7.76 -13.11
N ARG A 7 9.43 -7.58 -12.89
CA ARG A 7 9.92 -6.85 -11.72
C ARG A 7 10.84 -5.71 -12.14
N LYS A 8 11.79 -6.03 -13.03
CA LYS A 8 12.76 -5.04 -13.50
C LYS A 8 12.07 -4.00 -14.38
N ARG A 9 11.07 -4.43 -15.14
CA ARG A 9 10.34 -3.54 -16.04
C ARG A 9 9.22 -2.79 -15.30
N THR A 10 8.79 -3.35 -14.17
CA THR A 10 7.72 -2.72 -13.38
C THR A 10 8.28 -1.60 -12.52
N LEU A 11 9.40 -1.86 -11.86
CA LEU A 11 10.04 -0.88 -11.01
C LEU A 11 10.24 0.44 -11.75
N ARG A 12 10.26 0.36 -13.08
CA ARG A 12 10.44 1.54 -13.92
C ARG A 12 9.26 2.50 -13.74
N ARG A 13 8.15 2.00 -13.21
CA ARG A 13 6.97 2.83 -12.99
C ARG A 13 7.15 3.73 -11.78
N LEU A 14 7.13 3.13 -10.59
CA LEU A 14 7.28 3.88 -9.35
C LEU A 14 8.46 4.85 -9.43
N LEU A 15 9.43 4.56 -10.29
CA LEU A 15 10.61 5.41 -10.42
C LEU A 15 10.43 6.48 -11.48
N GLN A 16 10.29 6.07 -12.75
CA GLN A 16 10.15 7.02 -13.85
C GLN A 16 8.71 7.51 -14.02
N GLU A 17 7.74 6.68 -13.65
CA GLU A 17 6.33 7.05 -13.77
C GLU A 17 5.85 7.79 -12.52
N ARG A 18 6.76 8.09 -11.61
CA ARG A 18 6.42 8.79 -10.38
C ARG A 18 5.58 10.03 -10.66
N GLU A 19 5.76 10.60 -11.85
CA GLU A 19 5.02 11.79 -12.25
C GLU A 19 4.98 11.92 -13.78
N LEU A 20 4.83 10.79 -14.46
CA LEU A 20 4.80 10.78 -15.92
C LEU A 20 3.44 10.30 -16.42
N VAL A 21 2.97 9.19 -15.86
CA VAL A 21 1.67 8.62 -16.24
C VAL A 21 0.55 9.65 -16.09
N GLU A 22 0.68 10.50 -15.09
CA GLU A 22 -0.33 11.53 -14.83
C GLU A 22 0.14 12.48 -13.74
N PRO A 23 0.04 13.81 -13.98
CA PRO A 23 0.45 14.82 -13.01
C PRO A 23 -0.50 14.92 -11.82
N LEU A 24 -1.75 14.54 -12.04
CA LEU A 24 -2.77 14.58 -10.99
C LEU A 24 -2.63 13.38 -10.06
N THR A 25 -2.21 12.25 -10.62
CA THR A 25 -2.04 11.03 -9.84
C THR A 25 -0.75 11.08 -9.03
N PRO A 26 -0.84 11.14 -7.69
CA PRO A 26 0.34 11.19 -6.82
C PRO A 26 1.30 10.03 -7.09
N SER A 27 0.75 8.91 -7.54
CA SER A 27 1.54 7.73 -7.83
C SER A 27 0.68 6.61 -8.42
N GLY A 28 -0.52 6.46 -7.88
CA GLY A 28 -1.43 5.44 -8.36
C GLY A 28 -1.40 4.19 -7.50
N GLU A 29 -0.24 3.56 -7.44
CA GLU A 29 -0.09 2.33 -6.64
C GLU A 29 0.69 2.63 -5.35
N ALA A 30 0.53 3.85 -4.84
CA ALA A 30 1.22 4.25 -3.62
C ALA A 30 0.56 3.64 -2.39
N PRO A 31 1.21 3.73 -1.22
CA PRO A 31 0.69 3.18 0.03
C PRO A 31 -0.74 3.64 0.31
N ASN A 32 -1.02 4.91 0.06
CA ASN A 32 -2.34 5.49 0.29
C ASN A 32 -3.46 4.55 -0.18
N GLN A 33 -3.57 4.37 -1.49
CA GLN A 33 -4.59 3.49 -2.05
C GLN A 33 -4.35 2.04 -1.67
N ALA A 34 -3.10 1.71 -1.35
CA ALA A 34 -2.76 0.37 -0.93
C ALA A 34 -3.44 0.07 0.38
N LEU A 35 -3.14 0.90 1.38
CA LEU A 35 -3.75 0.76 2.70
C LEU A 35 -5.26 1.00 2.60
N LEU A 36 -5.65 1.83 1.65
CA LEU A 36 -7.05 2.17 1.44
C LEU A 36 -7.89 0.93 1.13
N ARG A 37 -7.43 0.09 0.21
CA ARG A 37 -8.20 -1.10 -0.16
C ARG A 37 -7.63 -2.41 0.39
N ILE A 38 -6.41 -2.39 0.92
CA ILE A 38 -5.83 -3.62 1.46
C ILE A 38 -6.44 -3.97 2.81
N LEU A 39 -6.43 -3.01 3.73
CA LEU A 39 -6.98 -3.24 5.06
C LEU A 39 -8.49 -3.44 4.97
N LYS A 40 -9.07 -3.04 3.84
CA LYS A 40 -10.51 -3.16 3.65
C LYS A 40 -10.87 -4.40 2.84
N GLU A 41 -10.05 -4.72 1.85
CA GLU A 41 -10.30 -5.90 1.03
C GLU A 41 -9.56 -7.11 1.58
N THR A 42 -8.89 -6.91 2.71
CA THR A 42 -8.15 -7.97 3.36
C THR A 42 -8.26 -7.88 4.88
N GLU A 43 -9.14 -6.99 5.37
CA GLU A 43 -9.34 -6.81 6.80
C GLU A 43 -9.43 -8.15 7.51
N PHE A 44 -10.42 -8.95 7.12
CA PHE A 44 -10.62 -10.26 7.74
C PHE A 44 -9.92 -11.36 6.95
N LYS A 45 -9.67 -11.12 5.67
CA LYS A 45 -9.02 -12.11 4.82
C LYS A 45 -7.66 -12.55 5.38
N LYS A 46 -6.80 -11.57 5.65
CA LYS A 46 -5.45 -11.87 6.16
C LYS A 46 -5.48 -12.46 7.57
N ILE A 47 -6.31 -11.92 8.45
CA ILE A 47 -6.37 -12.40 9.83
C ILE A 47 -6.91 -13.82 9.91
N LYS A 48 -8.09 -14.06 9.34
CA LYS A 48 -8.69 -15.39 9.37
C LYS A 48 -7.69 -16.44 8.88
N VAL A 49 -6.90 -16.05 7.88
CA VAL A 49 -5.91 -16.94 7.29
C VAL A 49 -4.66 -17.04 8.18
N LEU A 50 -4.30 -15.93 8.83
CA LEU A 50 -3.13 -15.90 9.69
C LEU A 50 -3.44 -16.55 11.04
N GLY A 51 -4.68 -16.48 11.47
CA GLY A 51 -5.08 -17.07 12.73
C GLY A 51 -5.79 -18.39 12.55
N SER A 52 -5.49 -19.08 11.45
CA SER A 52 -6.10 -20.36 11.15
C SER A 52 -5.63 -21.43 12.13
N GLY A 53 -4.38 -21.32 12.56
CA GLY A 53 -3.83 -22.28 13.50
C GLY A 53 -3.29 -23.52 12.81
N ARG A 1 20.23 6.41 -10.19
CA ARG A 1 20.19 7.49 -9.22
C ARG A 1 21.28 7.31 -8.16
N ARG A 2 21.34 6.11 -7.60
CA ARG A 2 22.34 5.79 -6.57
C ARG A 2 23.75 5.98 -7.12
N ARG A 3 24.57 6.73 -6.39
CA ARG A 3 25.95 6.98 -6.81
C ARG A 3 26.92 6.63 -5.68
N HIS A 4 26.80 7.33 -4.56
CA HIS A 4 27.67 7.08 -3.41
C HIS A 4 27.24 7.94 -2.23
N ILE A 5 27.58 9.22 -2.28
CA ILE A 5 27.24 10.16 -1.21
C ILE A 5 25.88 10.80 -1.45
N VAL A 6 25.56 11.02 -2.72
CA VAL A 6 24.28 11.63 -3.09
C VAL A 6 23.11 10.72 -2.71
N ARG A 7 22.19 11.26 -1.93
CA ARG A 7 21.02 10.50 -1.48
C ARG A 7 19.78 11.39 -1.44
N LYS A 8 19.78 12.34 -0.49
CA LYS A 8 18.64 13.25 -0.34
C LYS A 8 18.28 13.90 -1.67
N ARG A 9 19.27 14.36 -2.40
CA ARG A 9 19.04 15.00 -3.69
C ARG A 9 18.67 13.98 -4.76
N THR A 10 18.96 12.71 -4.48
CA THR A 10 18.64 11.64 -5.42
C THR A 10 17.21 11.15 -5.24
N LEU A 11 16.62 11.44 -4.08
CA LEU A 11 15.25 11.04 -3.80
C LEU A 11 14.29 11.59 -4.87
N ARG A 12 14.82 12.46 -5.72
CA ARG A 12 14.04 13.07 -6.78
C ARG A 12 14.04 12.20 -8.04
N ARG A 13 14.91 11.18 -8.05
CA ARG A 13 15.02 10.29 -9.20
C ARG A 13 13.82 9.33 -9.28
N LEU A 14 13.40 8.83 -8.12
CA LEU A 14 12.28 7.91 -8.06
C LEU A 14 10.97 8.60 -8.41
N LEU A 15 10.69 9.71 -7.72
CA LEU A 15 9.47 10.47 -7.96
C LEU A 15 9.38 10.92 -9.41
N GLN A 16 10.51 11.33 -9.96
CA GLN A 16 10.57 11.79 -11.35
C GLN A 16 10.66 10.61 -12.32
N GLU A 17 11.12 9.47 -11.84
CA GLU A 17 11.24 8.29 -12.69
C GLU A 17 9.87 7.74 -13.05
N ARG A 18 8.97 7.71 -12.08
CA ARG A 18 7.61 7.21 -12.28
C ARG A 18 6.99 7.81 -13.54
N GLU A 19 7.11 9.13 -13.68
CA GLU A 19 6.55 9.82 -14.84
C GLU A 19 6.80 11.33 -14.74
N LEU A 20 6.79 11.85 -13.52
CA LEU A 20 7.02 13.28 -13.30
C LEU A 20 5.79 14.09 -13.67
N VAL A 21 4.62 13.63 -13.22
CA VAL A 21 3.37 14.31 -13.50
C VAL A 21 2.40 14.18 -12.33
N GLU A 22 2.08 12.96 -11.95
CA GLU A 22 1.17 12.71 -10.85
C GLU A 22 1.03 11.21 -10.57
N PRO A 23 2.16 10.52 -10.32
CA PRO A 23 2.17 9.09 -10.04
C PRO A 23 1.55 8.75 -8.68
N LEU A 24 1.55 9.72 -7.78
CA LEU A 24 1.00 9.53 -6.44
C LEU A 24 -0.46 9.93 -6.40
N THR A 25 -1.35 8.98 -6.67
CA THR A 25 -2.78 9.23 -6.65
C THR A 25 -3.55 8.04 -6.10
N PRO A 26 -4.73 8.27 -5.51
CA PRO A 26 -5.55 7.21 -4.94
C PRO A 26 -5.88 6.12 -5.97
N SER A 27 -5.93 6.51 -7.24
CA SER A 27 -6.22 5.58 -8.32
C SER A 27 -4.97 5.26 -9.12
N GLY A 28 -3.85 5.12 -8.43
CA GLY A 28 -2.59 4.82 -9.08
C GLY A 28 -1.74 3.86 -8.28
N GLU A 29 -0.45 4.16 -8.18
CA GLU A 29 0.48 3.32 -7.43
C GLU A 29 0.88 3.98 -6.11
N ALA A 30 -0.03 4.77 -5.55
CA ALA A 30 0.22 5.47 -4.29
C ALA A 30 -0.02 4.55 -3.11
N PRO A 31 0.76 4.69 -2.03
CA PRO A 31 0.61 3.86 -0.82
C PRO A 31 -0.78 3.96 -0.23
N ASN A 32 -1.29 5.18 -0.09
CA ASN A 32 -2.61 5.42 0.48
C ASN A 32 -3.65 4.46 -0.08
N GLN A 33 -3.75 4.40 -1.40
CA GLN A 33 -4.72 3.51 -2.04
C GLN A 33 -4.43 2.06 -1.70
N ALA A 34 -3.18 1.76 -1.38
CA ALA A 34 -2.78 0.41 -1.00
C ALA A 34 -3.44 0.07 0.32
N LEU A 35 -3.13 0.86 1.34
CA LEU A 35 -3.73 0.67 2.65
C LEU A 35 -5.24 0.87 2.55
N LEU A 36 -5.64 1.78 1.65
CA LEU A 36 -7.05 2.09 1.45
C LEU A 36 -7.85 0.84 1.09
N ARG A 37 -7.33 0.00 0.20
CA ARG A 37 -8.06 -1.19 -0.20
C ARG A 37 -7.47 -2.48 0.41
N ILE A 38 -6.29 -2.40 1.01
CA ILE A 38 -5.67 -3.59 1.60
C ILE A 38 -6.33 -3.96 2.93
N LEU A 39 -6.41 -2.99 3.84
CA LEU A 39 -7.02 -3.24 5.13
C LEU A 39 -8.53 -3.38 5.01
N LYS A 40 -9.07 -2.99 3.85
CA LYS A 40 -10.50 -3.04 3.61
C LYS A 40 -10.90 -4.28 2.83
N GLU A 41 -10.06 -4.67 1.88
CA GLU A 41 -10.33 -5.83 1.04
C GLU A 41 -9.74 -7.09 1.66
N THR A 42 -8.80 -6.90 2.56
CA THR A 42 -8.16 -7.99 3.25
C THR A 42 -8.38 -7.85 4.76
N GLU A 43 -9.28 -6.94 5.10
CA GLU A 43 -9.63 -6.69 6.49
C GLU A 43 -9.82 -7.99 7.26
N PHE A 44 -10.72 -8.84 6.78
CA PHE A 44 -10.98 -10.11 7.43
C PHE A 44 -10.15 -11.24 6.83
N LYS A 45 -9.74 -11.06 5.57
CA LYS A 45 -8.95 -12.08 4.89
C LYS A 45 -7.65 -12.38 5.63
N LYS A 46 -6.90 -11.34 5.99
CA LYS A 46 -5.63 -11.53 6.67
C LYS A 46 -5.81 -12.04 8.11
N ILE A 47 -6.79 -11.51 8.83
CA ILE A 47 -7.01 -11.91 10.21
C ILE A 47 -7.53 -13.35 10.32
N LYS A 48 -8.61 -13.66 9.60
CA LYS A 48 -9.17 -15.01 9.63
C LYS A 48 -8.08 -16.05 9.37
N VAL A 49 -7.14 -15.69 8.51
CA VAL A 49 -6.05 -16.58 8.15
C VAL A 49 -4.92 -16.51 9.18
N LEU A 50 -4.74 -15.35 9.79
CA LEU A 50 -3.69 -15.18 10.79
C LEU A 50 -4.13 -15.75 12.13
N GLY A 51 -5.43 -15.73 12.40
CA GLY A 51 -5.96 -16.26 13.63
C GLY A 51 -6.56 -17.63 13.45
N SER A 52 -6.09 -18.34 12.42
CA SER A 52 -6.59 -19.68 12.13
C SER A 52 -6.11 -20.68 13.16
N GLY A 53 -4.83 -20.58 13.53
CA GLY A 53 -4.27 -21.49 14.52
C GLY A 53 -4.64 -21.11 15.94
N ARG A 1 21.21 -1.17 1.82
CA ARG A 1 21.65 -0.57 3.06
C ARG A 1 22.09 0.86 2.82
N ARG A 2 22.93 1.06 1.82
CA ARG A 2 23.44 2.40 1.49
C ARG A 2 22.33 3.24 0.88
N ARG A 3 22.40 4.55 1.12
CA ARG A 3 21.40 5.49 0.59
C ARG A 3 22.07 6.64 -0.14
N HIS A 4 21.25 7.57 -0.63
CA HIS A 4 21.77 8.73 -1.35
C HIS A 4 21.52 10.01 -0.56
N ILE A 5 21.58 9.91 0.76
CA ILE A 5 21.37 11.06 1.63
C ILE A 5 22.26 10.99 2.86
N VAL A 6 23.28 11.84 2.90
CA VAL A 6 24.20 11.88 4.03
C VAL A 6 24.31 13.28 4.61
N ARG A 7 23.17 13.97 4.71
CA ARG A 7 23.14 15.32 5.24
C ARG A 7 21.72 15.71 5.64
N LYS A 8 21.58 16.22 6.86
CA LYS A 8 20.28 16.62 7.38
C LYS A 8 19.66 17.71 6.50
N ARG A 9 20.51 18.52 5.89
CA ARG A 9 20.05 19.60 5.02
C ARG A 9 19.20 19.07 3.86
N THR A 10 19.33 17.78 3.58
CA THR A 10 18.56 17.17 2.50
C THR A 10 17.14 16.87 2.93
N LEU A 11 16.90 16.81 4.24
CA LEU A 11 15.57 16.54 4.76
C LEU A 11 14.55 17.48 4.13
N ARG A 12 15.03 18.60 3.62
CA ARG A 12 14.18 19.58 2.96
C ARG A 12 13.62 19.05 1.65
N ARG A 13 14.23 17.98 1.13
CA ARG A 13 13.79 17.39 -0.12
C ARG A 13 12.48 16.62 0.08
N LEU A 14 12.38 15.94 1.22
CA LEU A 14 11.18 15.18 1.53
C LEU A 14 9.98 16.09 1.76
N LEU A 15 10.18 17.12 2.57
CA LEU A 15 9.09 18.05 2.90
C LEU A 15 8.77 19.05 1.78
N GLN A 16 9.75 19.86 1.39
CA GLN A 16 9.51 20.89 0.36
C GLN A 16 9.63 20.36 -1.07
N GLU A 17 10.53 19.41 -1.31
CA GLU A 17 10.71 18.87 -2.66
C GLU A 17 9.80 17.66 -2.91
N ARG A 18 8.80 17.48 -2.06
CA ARG A 18 7.87 16.36 -2.21
C ARG A 18 7.19 16.40 -3.58
N GLU A 19 7.04 17.60 -4.12
CA GLU A 19 6.40 17.77 -5.42
C GLU A 19 7.06 16.92 -6.50
N LEU A 20 8.33 16.56 -6.27
CA LEU A 20 9.06 15.74 -7.23
C LEU A 20 8.29 14.49 -7.60
N VAL A 21 8.04 13.64 -6.60
CA VAL A 21 7.30 12.40 -6.82
C VAL A 21 5.82 12.68 -7.07
N GLU A 22 5.34 13.80 -6.55
CA GLU A 22 3.94 14.20 -6.71
C GLU A 22 3.04 13.26 -5.92
N PRO A 23 3.19 13.22 -4.60
CA PRO A 23 2.40 12.36 -3.73
C PRO A 23 1.05 12.98 -3.36
N LEU A 24 0.32 13.45 -4.36
CA LEU A 24 -0.98 14.06 -4.14
C LEU A 24 -2.00 13.56 -5.17
N THR A 25 -1.72 12.43 -5.79
CA THR A 25 -2.61 11.85 -6.78
C THR A 25 -3.31 10.61 -6.24
N PRO A 26 -4.57 10.73 -5.80
CA PRO A 26 -5.33 9.60 -5.25
C PRO A 26 -5.61 8.54 -6.30
N SER A 27 -5.64 8.95 -7.57
CA SER A 27 -5.89 8.03 -8.67
C SER A 27 -4.62 7.76 -9.46
N GLY A 28 -3.51 7.54 -8.74
CA GLY A 28 -2.25 7.27 -9.40
C GLY A 28 -1.53 6.08 -8.80
N GLU A 29 -2.30 5.10 -8.32
CA GLU A 29 -1.72 3.91 -7.72
C GLU A 29 -0.87 4.26 -6.52
N ALA A 30 -1.24 5.32 -5.83
CA ALA A 30 -0.51 5.77 -4.65
C ALA A 30 -0.60 4.75 -3.52
N PRO A 31 0.26 4.87 -2.49
CA PRO A 31 0.26 3.95 -1.35
C PRO A 31 -1.00 4.08 -0.51
N ASN A 32 -1.38 5.32 -0.22
CA ASN A 32 -2.58 5.59 0.59
C ASN A 32 -3.76 4.71 0.19
N GLN A 33 -3.92 4.51 -1.11
CA GLN A 33 -5.03 3.68 -1.61
C GLN A 33 -4.70 2.20 -1.47
N ALA A 34 -3.41 1.88 -1.44
CA ALA A 34 -2.97 0.50 -1.28
C ALA A 34 -3.38 0.00 0.09
N LEU A 35 -2.93 0.71 1.12
CA LEU A 35 -3.29 0.36 2.48
C LEU A 35 -4.80 0.44 2.63
N LEU A 36 -5.38 1.38 1.88
CA LEU A 36 -6.82 1.58 1.90
C LEU A 36 -7.54 0.35 1.36
N ARG A 37 -7.18 -0.11 0.16
CA ARG A 37 -7.84 -1.27 -0.40
C ARG A 37 -7.48 -2.53 0.35
N ILE A 38 -6.30 -2.58 0.95
CA ILE A 38 -5.92 -3.75 1.71
C ILE A 38 -6.68 -3.80 3.02
N LEU A 39 -6.67 -2.69 3.74
CA LEU A 39 -7.37 -2.60 5.01
C LEU A 39 -8.85 -2.95 4.84
N LYS A 40 -9.39 -2.76 3.64
CA LYS A 40 -10.80 -3.06 3.39
C LYS A 40 -10.99 -4.40 2.69
N GLU A 41 -10.14 -4.69 1.71
CA GLU A 41 -10.24 -5.94 0.96
C GLU A 41 -9.35 -7.03 1.57
N THR A 42 -8.77 -6.73 2.72
CA THR A 42 -7.89 -7.68 3.40
C THR A 42 -8.01 -7.54 4.92
N GLU A 43 -8.98 -6.75 5.39
CA GLU A 43 -9.17 -6.56 6.83
C GLU A 43 -9.24 -7.89 7.55
N PHE A 44 -10.18 -8.74 7.13
CA PHE A 44 -10.36 -10.05 7.74
C PHE A 44 -9.49 -11.10 7.06
N LYS A 45 -9.09 -10.83 5.83
CA LYS A 45 -8.26 -11.78 5.08
C LYS A 45 -6.92 -12.00 5.75
N LYS A 46 -6.28 -10.90 6.18
CA LYS A 46 -4.98 -10.99 6.83
C LYS A 46 -5.06 -11.56 8.24
N ILE A 47 -6.07 -11.13 9.00
CA ILE A 47 -6.24 -11.61 10.37
C ILE A 47 -6.53 -13.11 10.42
N LYS A 48 -7.52 -13.56 9.66
CA LYS A 48 -7.88 -14.98 9.65
C LYS A 48 -6.67 -15.84 9.33
N VAL A 49 -5.77 -15.30 8.51
CA VAL A 49 -4.56 -16.01 8.13
C VAL A 49 -3.48 -15.89 9.20
N LEU A 50 -3.47 -14.75 9.90
CA LEU A 50 -2.49 -14.51 10.94
C LEU A 50 -2.90 -15.19 12.25
N GLY A 51 -4.21 -15.32 12.46
CA GLY A 51 -4.71 -15.95 13.66
C GLY A 51 -5.08 -17.40 13.44
N SER A 52 -4.40 -18.05 12.50
CA SER A 52 -4.66 -19.45 12.19
C SER A 52 -4.53 -20.32 13.45
N GLY A 53 -3.67 -19.90 14.36
CA GLY A 53 -3.46 -20.65 15.59
C GLY A 53 -2.59 -21.87 15.38
N ARG A 1 -1.65 -2.56 -4.81
CA ARG A 1 -2.79 -1.76 -5.22
C ARG A 1 -4.05 -2.62 -5.25
N ARG A 2 -3.96 -3.77 -5.91
CA ARG A 2 -5.10 -4.68 -6.02
C ARG A 2 -4.66 -6.13 -5.83
N ARG A 3 -3.93 -6.65 -6.81
CA ARG A 3 -3.44 -8.03 -6.75
C ARG A 3 -2.05 -8.14 -7.35
N HIS A 4 -1.47 -9.33 -7.28
CA HIS A 4 -0.14 -9.57 -7.82
C HIS A 4 -0.14 -10.75 -8.79
N ILE A 5 -0.82 -10.58 -9.91
CA ILE A 5 -0.90 -11.63 -10.92
C ILE A 5 -0.19 -11.23 -12.20
N VAL A 6 0.09 -9.94 -12.35
CA VAL A 6 0.78 -9.44 -13.53
C VAL A 6 2.10 -10.18 -13.76
N ARG A 7 2.70 -10.67 -12.68
CA ARG A 7 3.96 -11.40 -12.77
C ARG A 7 5.11 -10.48 -13.19
N LYS A 8 6.12 -11.04 -13.84
CA LYS A 8 7.26 -10.26 -14.31
C LYS A 8 6.83 -9.12 -15.22
N ARG A 9 5.64 -9.25 -15.80
CA ARG A 9 5.11 -8.22 -16.68
C ARG A 9 4.92 -6.90 -15.94
N THR A 10 4.83 -6.99 -14.62
CA THR A 10 4.65 -5.80 -13.78
C THR A 10 5.91 -4.95 -13.77
N LEU A 11 7.05 -5.59 -13.56
CA LEU A 11 8.34 -4.89 -13.53
C LEU A 11 8.46 -3.96 -14.73
N ARG A 12 7.78 -4.33 -15.81
CA ARG A 12 7.80 -3.52 -17.02
C ARG A 12 7.16 -2.15 -16.77
N ARG A 13 6.13 -2.14 -15.95
CA ARG A 13 5.44 -0.90 -15.62
C ARG A 13 6.29 -0.06 -14.67
N LEU A 14 6.98 -0.74 -13.75
CA LEU A 14 7.85 -0.07 -12.79
C LEU A 14 9.03 0.57 -13.51
N LEU A 15 9.72 -0.21 -14.33
CA LEU A 15 10.88 0.27 -15.08
C LEU A 15 10.47 1.43 -15.99
N GLN A 16 9.27 1.34 -16.55
CA GLN A 16 8.76 2.38 -17.44
C GLN A 16 8.09 3.51 -16.66
N GLU A 17 7.84 3.28 -15.37
CA GLU A 17 7.20 4.29 -14.53
C GLU A 17 8.23 5.19 -13.86
N ARG A 18 9.48 5.13 -14.33
CA ARG A 18 10.55 5.94 -13.78
C ARG A 18 10.36 7.42 -14.14
N GLU A 19 9.73 7.67 -15.28
CA GLU A 19 9.50 9.03 -15.73
C GLU A 19 8.01 9.38 -15.63
N LEU A 20 7.36 8.87 -14.60
CA LEU A 20 5.94 9.13 -14.38
C LEU A 20 5.73 10.36 -13.49
N VAL A 21 6.80 11.12 -13.26
CA VAL A 21 6.73 12.33 -12.44
C VAL A 21 6.04 12.04 -11.11
N GLU A 22 6.11 10.79 -10.65
CA GLU A 22 5.49 10.40 -9.39
C GLU A 22 5.82 8.95 -9.05
N PRO A 23 7.12 8.64 -8.88
CA PRO A 23 7.58 7.29 -8.55
C PRO A 23 7.62 7.03 -7.05
N LEU A 24 6.82 7.78 -6.29
CA LEU A 24 6.77 7.62 -4.84
C LEU A 24 5.59 6.74 -4.43
N THR A 25 5.33 5.70 -5.22
CA THR A 25 4.24 4.78 -4.92
C THR A 25 4.51 3.41 -5.54
N PRO A 26 4.00 2.35 -4.90
CA PRO A 26 4.18 0.97 -5.38
C PRO A 26 3.35 0.67 -6.62
N SER A 27 2.26 1.41 -6.80
CA SER A 27 1.38 1.23 -7.94
C SER A 27 1.65 2.29 -9.01
N GLY A 28 1.51 3.55 -8.63
CA GLY A 28 1.74 4.64 -9.57
C GLY A 28 1.05 5.92 -9.15
N GLU A 29 -0.14 5.78 -8.57
CA GLU A 29 -0.91 6.94 -8.13
C GLU A 29 -0.45 7.40 -6.75
N ALA A 30 -0.55 6.52 -5.77
CA ALA A 30 -0.14 6.83 -4.40
C ALA A 30 -0.26 5.61 -3.50
N PRO A 31 0.54 5.55 -2.42
CA PRO A 31 0.53 4.43 -1.48
C PRO A 31 -0.78 4.35 -0.69
N ASN A 32 -1.33 5.51 -0.36
CA ASN A 32 -2.59 5.58 0.40
C ASN A 32 -3.61 4.59 -0.12
N GLN A 33 -3.75 4.50 -1.44
CA GLN A 33 -4.72 3.58 -2.04
C GLN A 33 -4.41 2.13 -1.67
N ALA A 34 -3.14 1.87 -1.34
CA ALA A 34 -2.74 0.53 -0.94
C ALA A 34 -3.40 0.21 0.39
N LEU A 35 -3.13 1.04 1.39
CA LEU A 35 -3.74 0.88 2.70
C LEU A 35 -5.24 1.02 2.59
N LEU A 36 -5.67 1.84 1.64
CA LEU A 36 -7.09 2.09 1.41
C LEU A 36 -7.87 0.82 1.09
N ARG A 37 -7.35 0.01 0.16
CA ARG A 37 -8.06 -1.21 -0.23
C ARG A 37 -7.41 -2.49 0.31
N ILE A 38 -6.21 -2.41 0.88
CA ILE A 38 -5.55 -3.60 1.40
C ILE A 38 -6.17 -4.08 2.73
N LEU A 39 -6.31 -3.16 3.67
CA LEU A 39 -6.87 -3.49 4.97
C LEU A 39 -8.38 -3.53 4.91
N LYS A 40 -8.93 -3.09 3.78
CA LYS A 40 -10.38 -3.06 3.59
C LYS A 40 -10.86 -4.28 2.83
N GLU A 41 -10.06 -4.73 1.87
CA GLU A 41 -10.40 -5.90 1.07
C GLU A 41 -9.81 -7.15 1.73
N THR A 42 -9.11 -6.96 2.84
CA THR A 42 -8.51 -8.05 3.57
C THR A 42 -8.75 -7.88 5.07
N GLU A 43 -9.52 -6.85 5.44
CA GLU A 43 -9.83 -6.58 6.83
C GLU A 43 -10.01 -7.86 7.63
N PHE A 44 -11.03 -8.63 7.28
CA PHE A 44 -11.31 -9.89 7.97
C PHE A 44 -10.66 -11.07 7.27
N LYS A 45 -10.33 -10.91 6.00
CA LYS A 45 -9.74 -11.99 5.22
C LYS A 45 -8.44 -12.52 5.83
N LYS A 46 -7.44 -11.65 6.02
CA LYS A 46 -6.16 -12.06 6.57
C LYS A 46 -6.29 -12.59 8.01
N ILE A 47 -6.92 -11.81 8.88
CA ILE A 47 -7.07 -12.20 10.28
C ILE A 47 -7.61 -13.61 10.41
N LYS A 48 -8.77 -13.88 9.82
CA LYS A 48 -9.37 -15.21 9.87
C LYS A 48 -8.33 -16.26 9.48
N VAL A 49 -7.46 -15.88 8.55
CA VAL A 49 -6.41 -16.78 8.07
C VAL A 49 -5.31 -16.95 9.11
N LEU A 50 -5.04 -15.89 9.87
CA LEU A 50 -4.02 -15.94 10.90
C LEU A 50 -4.31 -17.04 11.92
N GLY A 51 -5.61 -17.31 12.10
CA GLY A 51 -6.01 -18.35 13.03
C GLY A 51 -6.62 -19.54 12.32
N SER A 52 -6.25 -19.71 11.05
CA SER A 52 -6.77 -20.81 10.24
C SER A 52 -6.11 -22.12 10.63
N GLY A 53 -4.78 -22.13 10.64
CA GLY A 53 -4.04 -23.33 11.00
C GLY A 53 -4.32 -24.49 10.04
N ARG A 1 11.50 -24.58 -6.29
CA ARG A 1 11.53 -24.03 -4.95
C ARG A 1 10.30 -23.17 -4.71
N ARG A 2 10.04 -22.25 -5.63
CA ARG A 2 8.89 -21.36 -5.52
C ARG A 2 7.93 -21.56 -6.69
N ARG A 3 6.67 -21.82 -6.37
CA ARG A 3 5.65 -22.03 -7.39
C ARG A 3 4.83 -20.76 -7.61
N HIS A 4 5.47 -19.61 -7.43
CA HIS A 4 4.81 -18.33 -7.62
C HIS A 4 4.39 -18.13 -9.07
N ILE A 5 5.30 -18.43 -10.00
CA ILE A 5 5.02 -18.28 -11.41
C ILE A 5 4.92 -16.82 -11.82
N VAL A 6 3.91 -16.14 -11.29
CA VAL A 6 3.70 -14.73 -11.58
C VAL A 6 4.61 -13.85 -10.72
N ARG A 7 5.79 -13.54 -11.25
CA ARG A 7 6.75 -12.71 -10.54
C ARG A 7 7.86 -12.24 -11.47
N LYS A 8 8.40 -13.17 -12.26
CA LYS A 8 9.47 -12.85 -13.19
C LYS A 8 9.04 -11.79 -14.19
N ARG A 9 7.91 -12.01 -14.85
CA ARG A 9 7.40 -11.07 -15.84
C ARG A 9 6.51 -10.00 -15.19
N THR A 10 5.97 -10.31 -14.01
CA THR A 10 5.11 -9.39 -13.30
C THR A 10 5.90 -8.17 -12.82
N LEU A 11 7.06 -8.44 -12.20
CA LEU A 11 7.91 -7.36 -11.69
C LEU A 11 8.16 -6.31 -12.77
N ARG A 12 8.04 -6.71 -14.02
CA ARG A 12 8.24 -5.79 -15.13
C ARG A 12 7.22 -4.66 -15.09
N ARG A 13 6.04 -4.96 -14.55
CA ARG A 13 4.98 -3.97 -14.43
C ARG A 13 5.27 -3.08 -13.23
N LEU A 14 5.45 -3.71 -12.07
CA LEU A 14 5.74 -2.99 -10.84
C LEU A 14 6.93 -2.03 -11.04
N LEU A 15 7.90 -2.48 -11.83
CA LEU A 15 9.09 -1.67 -12.10
C LEU A 15 8.86 -0.69 -13.26
N GLN A 16 7.79 -0.92 -14.02
CA GLN A 16 7.47 -0.06 -15.16
C GLN A 16 6.64 1.14 -14.73
N GLU A 17 5.86 0.96 -13.66
CA GLU A 17 5.01 2.03 -13.15
C GLU A 17 5.75 2.86 -12.09
N ARG A 18 7.01 2.53 -11.86
CA ARG A 18 7.81 3.25 -10.88
C ARG A 18 8.55 4.43 -11.51
N GLU A 19 8.83 4.33 -12.81
CA GLU A 19 9.52 5.39 -13.52
C GLU A 19 8.59 6.11 -14.49
N LEU A 20 7.30 6.10 -14.18
CA LEU A 20 6.31 6.75 -15.02
C LEU A 20 6.34 8.27 -14.81
N VAL A 21 7.47 8.88 -15.16
CA VAL A 21 7.65 10.33 -15.01
C VAL A 21 8.00 10.70 -13.57
N GLU A 22 7.28 10.11 -12.61
CA GLU A 22 7.50 10.38 -11.20
C GLU A 22 6.93 11.74 -10.81
N PRO A 23 5.66 12.01 -11.18
CA PRO A 23 5.00 13.27 -10.86
C PRO A 23 4.62 13.39 -9.38
N LEU A 24 4.05 12.32 -8.84
CA LEU A 24 3.64 12.30 -7.44
C LEU A 24 3.08 10.94 -7.06
N THR A 25 3.70 9.88 -7.59
CA THR A 25 3.25 8.53 -7.31
C THR A 25 4.43 7.56 -7.26
N PRO A 26 4.87 7.17 -6.05
CA PRO A 26 5.99 6.24 -5.88
C PRO A 26 5.76 4.92 -6.59
N SER A 27 4.57 4.35 -6.42
CA SER A 27 4.22 3.09 -7.05
C SER A 27 3.54 3.32 -8.39
N GLY A 28 2.37 3.94 -8.37
CA GLY A 28 1.64 4.22 -9.59
C GLY A 28 0.77 5.45 -9.47
N GLU A 29 -0.07 5.48 -8.44
CA GLU A 29 -0.96 6.62 -8.22
C GLU A 29 -0.74 7.22 -6.84
N ALA A 30 -0.67 6.36 -5.82
CA ALA A 30 -0.46 6.80 -4.45
C ALA A 30 -0.44 5.61 -3.50
N PRO A 31 0.49 5.61 -2.52
CA PRO A 31 0.60 4.52 -1.54
C PRO A 31 -0.69 4.33 -0.74
N ASN A 32 -1.31 5.44 -0.35
CA ASN A 32 -2.54 5.41 0.42
C ASN A 32 -3.54 4.39 -0.13
N GLN A 33 -3.72 4.39 -1.44
CA GLN A 33 -4.66 3.47 -2.08
C GLN A 33 -4.36 2.02 -1.68
N ALA A 34 -3.11 1.76 -1.34
CA ALA A 34 -2.71 0.42 -0.92
C ALA A 34 -3.40 0.08 0.40
N LEU A 35 -3.15 0.90 1.41
CA LEU A 35 -3.77 0.72 2.70
C LEU A 35 -5.27 0.95 2.58
N LEU A 36 -5.66 1.80 1.63
CA LEU A 36 -7.05 2.13 1.40
C LEU A 36 -7.88 0.89 1.08
N ARG A 37 -7.41 0.04 0.18
CA ARG A 37 -8.17 -1.15 -0.20
C ARG A 37 -7.58 -2.43 0.37
N ILE A 38 -6.36 -2.39 0.90
CA ILE A 38 -5.76 -3.59 1.47
C ILE A 38 -6.36 -3.95 2.82
N LEU A 39 -6.38 -2.99 3.73
CA LEU A 39 -6.93 -3.22 5.06
C LEU A 39 -8.45 -3.41 4.98
N LYS A 40 -9.04 -3.02 3.86
CA LYS A 40 -10.48 -3.13 3.67
C LYS A 40 -10.86 -4.36 2.88
N GLU A 41 -10.05 -4.69 1.88
CA GLU A 41 -10.30 -5.84 1.04
C GLU A 41 -9.64 -7.09 1.60
N THR A 42 -8.89 -6.90 2.69
CA THR A 42 -8.21 -8.00 3.34
C THR A 42 -8.40 -7.93 4.86
N GLU A 43 -9.24 -6.98 5.31
CA GLU A 43 -9.51 -6.81 6.73
C GLU A 43 -9.63 -8.15 7.45
N PHE A 44 -10.63 -8.94 7.05
CA PHE A 44 -10.85 -10.24 7.66
C PHE A 44 -10.16 -11.35 6.88
N LYS A 45 -10.02 -11.15 5.57
CA LYS A 45 -9.40 -12.17 4.71
C LYS A 45 -8.13 -12.74 5.33
N LYS A 46 -7.12 -11.88 5.52
CA LYS A 46 -5.85 -12.32 6.10
C LYS A 46 -6.04 -12.94 7.47
N ILE A 47 -6.89 -12.33 8.30
CA ILE A 47 -7.15 -12.83 9.63
C ILE A 47 -7.52 -14.31 9.61
N LYS A 48 -8.56 -14.63 8.84
CA LYS A 48 -9.01 -16.01 8.72
C LYS A 48 -7.85 -16.90 8.28
N VAL A 49 -7.05 -16.37 7.35
CA VAL A 49 -5.89 -17.10 6.84
C VAL A 49 -4.86 -17.33 7.95
N LEU A 50 -4.63 -16.31 8.74
CA LEU A 50 -3.66 -16.39 9.83
C LEU A 50 -4.09 -17.44 10.85
N GLY A 51 -5.40 -17.63 10.97
CA GLY A 51 -5.92 -18.62 11.90
C GLY A 51 -6.28 -19.92 11.21
N SER A 52 -5.62 -20.18 10.10
CA SER A 52 -5.88 -21.40 9.33
C SER A 52 -5.52 -22.63 10.14
N GLY A 53 -4.27 -22.70 10.58
CA GLY A 53 -3.81 -23.84 11.36
C GLY A 53 -3.84 -23.57 12.85
N ARG A 1 24.28 15.47 15.59
CA ARG A 1 25.11 14.86 16.62
C ARG A 1 26.35 14.25 16.00
N ARG A 2 26.16 13.46 14.95
CA ARG A 2 27.26 12.81 14.25
C ARG A 2 27.52 13.45 12.90
N ARG A 3 26.58 13.25 11.98
CA ARG A 3 26.70 13.81 10.63
C ARG A 3 25.32 14.01 10.00
N HIS A 4 24.51 14.86 10.62
CA HIS A 4 23.17 15.15 10.14
C HIS A 4 23.16 16.42 9.28
N ILE A 5 24.21 16.59 8.48
CA ILE A 5 24.31 17.76 7.62
C ILE A 5 23.72 17.47 6.24
N VAL A 6 24.19 16.40 5.61
CA VAL A 6 23.70 16.01 4.29
C VAL A 6 22.62 14.94 4.40
N ARG A 7 21.50 15.30 5.03
CA ARG A 7 20.39 14.37 5.20
C ARG A 7 19.07 15.12 5.28
N LYS A 8 18.95 16.01 6.27
CA LYS A 8 17.72 16.78 6.46
C LYS A 8 17.30 17.47 5.16
N ARG A 9 18.26 18.05 4.46
CA ARG A 9 17.99 18.74 3.20
C ARG A 9 17.79 17.75 2.07
N THR A 10 18.25 16.53 2.27
CA THR A 10 18.11 15.49 1.25
C THR A 10 16.76 14.80 1.37
N LEU A 11 16.14 14.89 2.54
CA LEU A 11 14.82 14.29 2.76
C LEU A 11 13.81 14.80 1.73
N ARG A 12 14.22 15.78 0.94
CA ARG A 12 13.37 16.35 -0.10
C ARG A 12 13.53 15.61 -1.42
N ARG A 13 14.54 14.75 -1.50
CA ARG A 13 14.78 13.99 -2.72
C ARG A 13 13.76 12.87 -2.89
N LEU A 14 13.28 12.34 -1.75
CA LEU A 14 12.30 11.27 -1.77
C LEU A 14 10.92 11.78 -2.18
N LEU A 15 10.44 12.81 -1.48
CA LEU A 15 9.13 13.38 -1.77
C LEU A 15 9.06 13.90 -3.20
N GLN A 16 10.17 14.47 -3.68
CA GLN A 16 10.22 15.00 -5.04
C GLN A 16 10.40 13.90 -6.07
N GLU A 17 10.96 12.77 -5.64
CA GLU A 17 11.18 11.64 -6.53
C GLU A 17 9.85 10.99 -6.92
N ARG A 18 8.95 10.85 -5.95
CA ARG A 18 7.64 10.24 -6.19
C ARG A 18 6.97 10.81 -7.43
N GLU A 19 7.30 12.06 -7.74
CA GLU A 19 6.72 12.72 -8.91
C GLU A 19 6.96 11.93 -10.20
N LEU A 20 8.08 11.22 -10.25
CA LEU A 20 8.41 10.42 -11.42
C LEU A 20 8.92 9.04 -11.03
N VAL A 21 8.01 8.20 -10.54
CA VAL A 21 8.37 6.84 -10.12
C VAL A 21 7.14 5.93 -10.14
N GLU A 22 6.07 6.38 -9.48
CA GLU A 22 4.84 5.60 -9.41
C GLU A 22 3.77 6.34 -8.62
N PRO A 23 4.05 6.66 -7.34
CA PRO A 23 3.10 7.37 -6.48
C PRO A 23 3.08 8.87 -6.75
N LEU A 24 2.81 9.23 -8.00
CA LEU A 24 2.76 10.63 -8.40
C LEU A 24 1.31 11.10 -8.56
N THR A 25 0.44 10.17 -8.95
CA THR A 25 -0.97 10.47 -9.13
C THR A 25 -1.66 10.67 -7.79
N PRO A 26 -2.12 11.90 -7.48
CA PRO A 26 -2.79 12.20 -6.22
C PRO A 26 -4.03 11.33 -6.00
N SER A 27 -4.64 10.89 -7.10
CA SER A 27 -5.83 10.04 -7.02
C SER A 27 -5.72 8.87 -7.99
N GLY A 28 -4.59 8.17 -7.94
CA GLY A 28 -4.39 7.03 -8.82
C GLY A 28 -3.76 5.85 -8.11
N GLU A 29 -2.53 5.53 -8.49
CA GLU A 29 -1.80 4.42 -7.88
C GLU A 29 -0.92 4.90 -6.73
N ALA A 30 -1.52 5.70 -5.84
CA ALA A 30 -0.79 6.24 -4.70
C ALA A 30 -0.63 5.18 -3.62
N PRO A 31 0.26 5.42 -2.64
CA PRO A 31 0.50 4.48 -1.54
C PRO A 31 -0.73 4.27 -0.67
N ASN A 32 -1.31 5.37 -0.20
CA ASN A 32 -2.50 5.31 0.64
C ASN A 32 -3.54 4.36 0.08
N GLN A 33 -3.80 4.46 -1.22
CA GLN A 33 -4.77 3.61 -1.88
C GLN A 33 -4.47 2.13 -1.63
N ALA A 34 -3.20 1.83 -1.36
CA ALA A 34 -2.80 0.46 -1.07
C ALA A 34 -3.43 0.04 0.23
N LEU A 35 -3.15 0.79 1.28
CA LEU A 35 -3.73 0.53 2.60
C LEU A 35 -5.24 0.75 2.52
N LEU A 36 -5.63 1.70 1.68
CA LEU A 36 -7.04 2.03 1.49
C LEU A 36 -7.85 0.80 1.08
N ARG A 37 -7.30 -0.02 0.20
CA ARG A 37 -8.02 -1.20 -0.25
C ARG A 37 -7.47 -2.49 0.35
N ILE A 38 -6.28 -2.43 0.94
CA ILE A 38 -5.71 -3.65 1.54
C ILE A 38 -6.37 -3.98 2.87
N LEU A 39 -6.42 -3.01 3.77
CA LEU A 39 -7.04 -3.21 5.08
C LEU A 39 -8.56 -3.35 4.94
N LYS A 40 -9.07 -2.96 3.77
CA LYS A 40 -10.51 -3.01 3.52
C LYS A 40 -10.88 -4.25 2.74
N GLU A 41 -10.00 -4.66 1.84
CA GLU A 41 -10.23 -5.84 1.02
C GLU A 41 -9.57 -7.07 1.64
N THR A 42 -8.88 -6.85 2.75
CA THR A 42 -8.21 -7.92 3.46
C THR A 42 -8.42 -7.79 4.97
N GLU A 43 -9.31 -6.86 5.36
CA GLU A 43 -9.62 -6.63 6.77
C GLU A 43 -9.77 -7.93 7.53
N PHE A 44 -10.78 -8.72 7.13
CA PHE A 44 -11.05 -9.99 7.77
C PHE A 44 -10.31 -11.13 7.09
N LYS A 45 -10.00 -10.95 5.81
CA LYS A 45 -9.29 -11.99 5.05
C LYS A 45 -7.98 -12.40 5.74
N LYS A 46 -7.14 -11.42 6.03
CA LYS A 46 -5.84 -11.68 6.65
C LYS A 46 -5.97 -12.21 8.08
N ILE A 47 -6.90 -11.67 8.86
CA ILE A 47 -7.06 -12.10 10.25
C ILE A 47 -7.60 -13.52 10.35
N LYS A 48 -8.72 -13.79 9.69
CA LYS A 48 -9.32 -15.12 9.73
C LYS A 48 -8.30 -16.19 9.35
N VAL A 49 -7.43 -15.85 8.40
CA VAL A 49 -6.40 -16.77 7.94
C VAL A 49 -5.25 -16.87 8.95
N LEU A 50 -4.92 -15.75 9.58
CA LEU A 50 -3.84 -15.72 10.56
C LEU A 50 -4.29 -16.29 11.90
N GLY A 51 -5.57 -16.14 12.19
CA GLY A 51 -6.12 -16.65 13.44
C GLY A 51 -6.81 -17.98 13.27
N SER A 52 -6.37 -18.73 12.26
CA SER A 52 -6.96 -20.05 11.99
C SER A 52 -6.70 -21.01 13.14
N GLY A 53 -5.58 -20.83 13.82
CA GLY A 53 -5.23 -21.69 14.93
C GLY A 53 -4.47 -22.92 14.50
N ARG A 1 27.74 1.23 2.82
CA ARG A 1 28.50 2.46 2.73
C ARG A 1 27.65 3.63 3.23
N ARG A 2 26.43 3.74 2.72
CA ARG A 2 25.52 4.80 3.12
C ARG A 2 26.11 6.17 2.78
N ARG A 3 25.34 7.23 3.05
CA ARG A 3 25.79 8.59 2.76
C ARG A 3 24.96 9.60 3.54
N HIS A 4 25.62 10.33 4.44
CA HIS A 4 24.95 11.35 5.25
C HIS A 4 24.30 12.40 4.38
N ILE A 5 23.01 12.19 4.07
CA ILE A 5 22.27 13.12 3.25
C ILE A 5 21.07 13.68 4.01
N VAL A 6 20.76 14.93 3.75
CA VAL A 6 19.63 15.59 4.40
C VAL A 6 19.88 15.77 5.90
N ARG A 7 19.62 16.96 6.40
CA ARG A 7 19.81 17.25 7.82
C ARG A 7 18.48 17.52 8.51
N LYS A 8 18.53 17.87 9.79
CA LYS A 8 17.33 18.16 10.56
C LYS A 8 16.58 19.36 9.99
N ARG A 9 17.31 20.45 9.77
CA ARG A 9 16.71 21.67 9.22
C ARG A 9 15.89 21.39 7.97
N THR A 10 16.06 20.21 7.39
CA THR A 10 15.34 19.84 6.19
C THR A 10 13.92 19.38 6.52
N LEU A 11 13.69 18.93 7.76
CA LEU A 11 12.36 18.46 8.16
C LEU A 11 11.31 19.47 7.75
N ARG A 12 11.71 20.73 7.65
CA ARG A 12 10.81 21.81 7.27
C ARG A 12 10.24 21.57 5.87
N ARG A 13 10.91 20.73 5.08
CA ARG A 13 10.45 20.43 3.74
C ARG A 13 9.38 19.34 3.77
N LEU A 14 9.64 18.30 4.54
CA LEU A 14 8.69 17.19 4.67
C LEU A 14 7.42 17.64 5.37
N LEU A 15 7.57 18.32 6.50
CA LEU A 15 6.44 18.81 7.27
C LEU A 15 5.55 19.71 6.43
N GLN A 16 6.17 20.59 5.63
CA GLN A 16 5.44 21.51 4.79
C GLN A 16 5.11 20.87 3.43
N GLU A 17 5.71 19.72 3.15
CA GLU A 17 5.45 19.02 1.90
C GLU A 17 3.98 18.64 1.76
N ARG A 18 3.28 18.59 2.90
CA ARG A 18 1.87 18.23 2.90
C ARG A 18 1.05 19.22 2.07
N GLU A 19 1.52 20.46 2.00
CA GLU A 19 0.83 21.50 1.24
C GLU A 19 -0.50 21.85 1.89
N LEU A 20 -1.45 20.94 1.79
CA LEU A 20 -2.78 21.15 2.37
C LEU A 20 -3.33 19.84 2.95
N VAL A 21 -3.21 18.77 2.17
CA VAL A 21 -3.70 17.46 2.60
C VAL A 21 -2.85 16.35 1.99
N GLU A 22 -2.96 16.18 0.68
CA GLU A 22 -2.20 15.15 -0.03
C GLU A 22 -2.44 15.22 -1.53
N PRO A 23 -2.28 16.41 -2.13
CA PRO A 23 -2.49 16.59 -3.58
C PRO A 23 -1.48 15.80 -4.42
N LEU A 24 -0.25 16.28 -4.47
CA LEU A 24 0.79 15.60 -5.24
C LEU A 24 2.01 15.31 -4.38
N THR A 25 2.28 14.03 -4.15
CA THR A 25 3.41 13.62 -3.33
C THR A 25 3.83 12.19 -3.67
N PRO A 26 5.12 11.88 -3.50
CA PRO A 26 5.65 10.54 -3.79
C PRO A 26 5.35 9.53 -2.67
N SER A 27 4.08 9.45 -2.29
CA SER A 27 3.65 8.54 -1.24
C SER A 27 2.14 8.64 -1.02
N GLY A 28 1.40 8.79 -2.11
CA GLY A 28 -0.04 8.90 -2.02
C GLY A 28 -0.76 8.29 -3.21
N GLU A 29 -0.13 8.34 -4.38
CA GLU A 29 -0.72 7.79 -5.59
C GLU A 29 -0.33 6.32 -5.79
N ALA A 30 0.04 5.65 -4.70
CA ALA A 30 0.42 4.25 -4.76
C ALA A 30 0.25 3.57 -3.40
N PRO A 31 0.93 4.08 -2.35
CA PRO A 31 0.84 3.51 -1.01
C PRO A 31 -0.53 3.71 -0.39
N ASN A 32 -0.95 4.98 -0.30
CA ASN A 32 -2.25 5.33 0.27
C ASN A 32 -3.36 4.38 -0.19
N GLN A 33 -3.54 4.29 -1.50
CA GLN A 33 -4.57 3.42 -2.07
C GLN A 33 -4.32 1.97 -1.66
N ALA A 34 -3.07 1.64 -1.35
CA ALA A 34 -2.72 0.30 -0.94
C ALA A 34 -3.38 -0.01 0.38
N LEU A 35 -3.13 0.84 1.38
CA LEU A 35 -3.74 0.70 2.69
C LEU A 35 -5.22 0.98 2.61
N LEU A 36 -5.60 1.81 1.64
CA LEU A 36 -7.00 2.19 1.45
C LEU A 36 -7.87 0.98 1.15
N ARG A 37 -7.45 0.11 0.24
CA ARG A 37 -8.26 -1.05 -0.13
C ARG A 37 -7.73 -2.35 0.45
N ILE A 38 -6.49 -2.40 0.92
CA ILE A 38 -5.97 -3.63 1.49
C ILE A 38 -6.56 -3.91 2.87
N LEU A 39 -6.53 -2.92 3.74
CA LEU A 39 -7.08 -3.07 5.08
C LEU A 39 -8.57 -3.39 5.01
N LYS A 40 -9.21 -3.03 3.91
CA LYS A 40 -10.63 -3.25 3.73
C LYS A 40 -10.91 -4.51 2.91
N GLU A 41 -10.11 -4.72 1.87
CA GLU A 41 -10.29 -5.89 1.01
C GLU A 41 -9.43 -7.05 1.50
N THR A 42 -8.73 -6.84 2.61
CA THR A 42 -7.90 -7.87 3.20
C THR A 42 -8.00 -7.84 4.73
N GLU A 43 -8.95 -7.05 5.25
CA GLU A 43 -9.16 -6.95 6.69
C GLU A 43 -9.16 -8.32 7.34
N PHE A 44 -10.10 -9.17 6.94
CA PHE A 44 -10.21 -10.51 7.49
C PHE A 44 -9.35 -11.51 6.71
N LYS A 45 -9.08 -11.20 5.44
CA LYS A 45 -8.29 -12.09 4.61
C LYS A 45 -6.91 -12.35 5.22
N LYS A 46 -6.21 -11.28 5.60
CA LYS A 46 -4.87 -11.41 6.17
C LYS A 46 -4.88 -12.06 7.55
N ILE A 47 -5.82 -11.65 8.40
CA ILE A 47 -5.89 -12.19 9.75
C ILE A 47 -6.33 -13.65 9.76
N LYS A 48 -7.45 -13.95 9.12
CA LYS A 48 -7.95 -15.33 9.08
C LYS A 48 -6.85 -16.29 8.66
N VAL A 49 -6.00 -15.83 7.74
CA VAL A 49 -4.90 -16.64 7.24
C VAL A 49 -3.72 -16.66 8.22
N LEU A 50 -3.57 -15.57 8.98
CA LEU A 50 -2.48 -15.46 9.95
C LEU A 50 -2.86 -16.14 11.26
N GLY A 51 -4.15 -16.15 11.57
CA GLY A 51 -4.61 -16.78 12.79
C GLY A 51 -5.17 -18.17 12.56
N SER A 52 -4.67 -18.84 11.53
CA SER A 52 -5.11 -20.18 11.19
C SER A 52 -4.93 -21.14 12.37
N GLY A 53 -3.94 -20.85 13.21
CA GLY A 53 -3.67 -21.69 14.36
C GLY A 53 -2.91 -22.95 14.00
N ARG A 1 11.15 -26.81 -5.39
CA ARG A 1 10.36 -26.87 -4.18
C ARG A 1 8.88 -26.71 -4.51
N ARG A 2 8.56 -25.68 -5.29
CA ARG A 2 7.18 -25.42 -5.68
C ARG A 2 7.12 -24.40 -6.80
N ARG A 3 7.13 -24.88 -8.04
CA ARG A 3 7.08 -24.01 -9.21
C ARG A 3 8.27 -23.05 -9.22
N HIS A 4 9.42 -23.54 -8.79
CA HIS A 4 10.63 -22.73 -8.76
C HIS A 4 11.37 -22.79 -10.09
N ILE A 5 10.66 -22.43 -11.16
CA ILE A 5 11.24 -22.45 -12.49
C ILE A 5 10.72 -21.27 -13.33
N VAL A 6 9.41 -21.10 -13.35
CA VAL A 6 8.79 -20.02 -14.11
C VAL A 6 8.89 -18.70 -13.36
N ARG A 7 10.11 -18.22 -13.18
CA ARG A 7 10.35 -16.96 -12.48
C ARG A 7 11.56 -16.23 -13.06
N LYS A 8 12.66 -16.97 -13.21
CA LYS A 8 13.89 -16.39 -13.75
C LYS A 8 13.66 -15.82 -15.15
N ARG A 9 12.79 -16.47 -15.91
CA ARG A 9 12.47 -16.03 -17.27
C ARG A 9 11.31 -15.04 -17.27
N THR A 10 10.52 -15.07 -16.21
CA THR A 10 9.37 -14.18 -16.11
C THR A 10 9.80 -12.81 -15.58
N LEU A 11 10.95 -12.75 -14.91
CA LEU A 11 11.44 -11.48 -14.38
C LEU A 11 11.41 -10.41 -15.45
N ARG A 12 11.48 -10.84 -16.70
CA ARG A 12 11.46 -9.94 -17.85
C ARG A 12 10.11 -9.21 -17.95
N ARG A 13 9.11 -9.68 -17.20
CA ARG A 13 7.79 -9.06 -17.21
C ARG A 13 7.78 -7.81 -16.35
N LEU A 14 7.95 -8.00 -15.04
CA LEU A 14 7.97 -6.89 -14.10
C LEU A 14 8.88 -5.76 -14.58
N LEU A 15 9.89 -6.11 -15.37
CA LEU A 15 10.82 -5.12 -15.90
C LEU A 15 10.34 -4.57 -17.24
N GLN A 16 9.57 -5.38 -17.95
CA GLN A 16 9.04 -4.98 -19.26
C GLN A 16 7.86 -4.01 -19.11
N GLU A 17 7.28 -3.96 -17.92
CA GLU A 17 6.14 -3.10 -17.67
C GLU A 17 6.59 -1.70 -17.24
N ARG A 18 7.87 -1.56 -16.90
CA ARG A 18 8.43 -0.28 -16.48
C ARG A 18 8.04 0.84 -17.44
N GLU A 19 7.95 0.49 -18.73
CA GLU A 19 7.60 1.47 -19.74
C GLU A 19 6.28 1.11 -20.42
N LEU A 20 5.31 0.67 -19.61
CA LEU A 20 4.00 0.29 -20.13
C LEU A 20 2.89 0.95 -19.34
N VAL A 21 2.62 0.42 -18.15
CA VAL A 21 1.57 0.96 -17.29
C VAL A 21 2.16 1.89 -16.22
N GLU A 22 1.72 3.14 -16.24
CA GLU A 22 2.20 4.12 -15.27
C GLU A 22 1.57 5.49 -15.51
N PRO A 23 1.68 6.02 -16.74
CA PRO A 23 1.12 7.33 -17.08
C PRO A 23 -0.34 7.46 -16.69
N LEU A 24 -1.07 6.34 -16.70
CA LEU A 24 -2.48 6.34 -16.33
C LEU A 24 -2.66 5.94 -14.87
N THR A 25 -1.60 6.09 -14.07
CA THR A 25 -1.65 5.76 -12.66
C THR A 25 -0.55 6.50 -11.89
N PRO A 26 -0.94 7.45 -11.03
CA PRO A 26 0.02 8.24 -10.23
C PRO A 26 1.03 7.36 -9.50
N SER A 27 0.62 6.13 -9.22
CA SER A 27 1.49 5.18 -8.52
C SER A 27 0.96 3.75 -8.67
N GLY A 28 -0.32 3.57 -8.39
CA GLY A 28 -0.93 2.25 -8.48
C GLY A 28 -0.91 1.50 -7.17
N GLU A 29 0.29 1.13 -6.73
CA GLU A 29 0.44 0.41 -5.47
C GLU A 29 0.97 1.33 -4.37
N ALA A 30 0.64 2.60 -4.47
CA ALA A 30 1.08 3.59 -3.49
C ALA A 30 0.48 3.29 -2.11
N PRO A 31 1.09 3.82 -1.05
CA PRO A 31 0.62 3.61 0.32
C PRO A 31 -0.86 3.92 0.48
N ASN A 32 -1.27 5.11 0.02
CA ASN A 32 -2.66 5.54 0.10
C ASN A 32 -3.62 4.42 -0.30
N GLN A 33 -3.65 4.09 -1.58
CA GLN A 33 -4.53 3.03 -2.07
C GLN A 33 -4.15 1.69 -1.47
N ALA A 34 -2.89 1.54 -1.09
CA ALA A 34 -2.39 0.31 -0.49
C ALA A 34 -3.15 0.00 0.79
N LEU A 35 -3.52 1.03 1.52
CA LEU A 35 -4.27 0.85 2.76
C LEU A 35 -5.77 0.97 2.50
N LEU A 36 -6.12 1.69 1.44
CA LEU A 36 -7.52 1.90 1.10
C LEU A 36 -8.24 0.58 0.81
N ARG A 37 -7.60 -0.30 0.05
CA ARG A 37 -8.23 -1.58 -0.30
C ARG A 37 -7.62 -2.77 0.43
N ILE A 38 -6.36 -2.68 0.83
CA ILE A 38 -5.72 -3.81 1.51
C ILE A 38 -6.16 -3.91 2.95
N LEU A 39 -6.37 -2.78 3.61
CA LEU A 39 -6.79 -2.77 4.99
C LEU A 39 -8.30 -3.03 5.11
N LYS A 40 -9.07 -2.53 4.15
CA LYS A 40 -10.52 -2.71 4.19
C LYS A 40 -10.98 -3.86 3.28
N GLU A 41 -10.09 -4.33 2.41
CA GLU A 41 -10.46 -5.40 1.49
C GLU A 41 -9.33 -6.41 1.31
N THR A 42 -8.90 -6.99 2.42
CA THR A 42 -7.84 -7.99 2.41
C THR A 42 -7.48 -8.41 3.82
N GLU A 43 -6.80 -7.53 4.53
CA GLU A 43 -6.37 -7.78 5.89
C GLU A 43 -7.57 -8.06 6.77
N PHE A 44 -8.62 -7.25 6.58
CA PHE A 44 -9.82 -7.38 7.38
C PHE A 44 -10.27 -8.83 7.41
N LYS A 45 -9.89 -9.56 6.37
CA LYS A 45 -10.24 -10.96 6.24
C LYS A 45 -9.30 -11.85 7.05
N LYS A 46 -7.99 -11.67 6.84
CA LYS A 46 -6.99 -12.48 7.53
C LYS A 46 -6.79 -12.05 8.98
N ILE A 47 -7.22 -10.85 9.33
CA ILE A 47 -7.06 -10.36 10.70
C ILE A 47 -7.78 -11.26 11.70
N LYS A 48 -9.02 -11.62 11.38
CA LYS A 48 -9.81 -12.49 12.25
C LYS A 48 -9.17 -13.87 12.39
N VAL A 49 -8.28 -14.19 11.46
CA VAL A 49 -7.60 -15.49 11.47
C VAL A 49 -6.26 -15.39 12.19
N LEU A 50 -5.58 -14.26 12.01
CA LEU A 50 -4.29 -14.03 12.65
C LEU A 50 -4.46 -13.59 14.10
N GLY A 51 -5.56 -12.91 14.38
CA GLY A 51 -5.83 -12.44 15.73
C GLY A 51 -6.75 -13.38 16.49
N SER A 52 -6.71 -14.66 16.14
CA SER A 52 -7.55 -15.66 16.80
C SER A 52 -7.13 -15.86 18.25
N GLY A 53 -5.83 -15.74 18.51
CA GLY A 53 -5.33 -15.91 19.86
C GLY A 53 -5.35 -17.36 20.31
N ARG A 1 -1.23 -21.76 -1.59
CA ARG A 1 -0.45 -21.50 -0.40
C ARG A 1 -0.13 -20.02 -0.31
N ARG A 2 0.38 -19.45 -1.40
CA ARG A 2 0.73 -18.04 -1.44
C ARG A 2 -0.37 -17.23 -2.11
N ARG A 3 -0.20 -15.91 -2.16
CA ARG A 3 -1.18 -15.03 -2.78
C ARG A 3 -1.35 -15.36 -4.25
N HIS A 4 -2.57 -15.16 -4.75
CA HIS A 4 -2.87 -15.44 -6.15
C HIS A 4 -2.95 -14.15 -6.96
N ILE A 5 -2.22 -13.13 -6.53
CA ILE A 5 -2.22 -11.86 -7.22
C ILE A 5 -0.83 -11.50 -7.70
N VAL A 6 -0.77 -10.90 -8.87
CA VAL A 6 0.50 -10.50 -9.48
C VAL A 6 1.33 -11.72 -9.85
N ARG A 7 1.95 -11.67 -11.03
CA ARG A 7 2.77 -12.77 -11.50
C ARG A 7 4.19 -12.30 -11.82
N LYS A 8 5.08 -13.25 -12.10
CA LYS A 8 6.47 -12.93 -12.43
C LYS A 8 6.54 -12.04 -13.68
N ARG A 9 5.51 -12.11 -14.51
CA ARG A 9 5.47 -11.31 -15.72
C ARG A 9 5.35 -9.84 -15.39
N THR A 10 4.72 -9.54 -14.26
CA THR A 10 4.54 -8.17 -13.82
C THR A 10 5.88 -7.44 -13.72
N LEU A 11 6.92 -8.16 -13.29
CA LEU A 11 8.25 -7.56 -13.16
C LEU A 11 8.58 -6.70 -14.36
N ARG A 12 8.01 -7.05 -15.51
CA ARG A 12 8.22 -6.33 -16.74
C ARG A 12 7.61 -4.92 -16.68
N ARG A 13 6.46 -4.81 -16.02
CA ARG A 13 5.80 -3.53 -15.87
C ARG A 13 6.52 -2.68 -14.83
N LEU A 14 7.11 -3.36 -13.85
CA LEU A 14 7.84 -2.70 -12.78
C LEU A 14 9.15 -2.13 -13.31
N LEU A 15 9.95 -2.98 -13.97
CA LEU A 15 11.22 -2.55 -14.52
C LEU A 15 11.03 -1.41 -15.50
N GLN A 16 9.86 -1.35 -16.12
CA GLN A 16 9.54 -0.29 -17.07
C GLN A 16 8.91 0.92 -16.39
N GLU A 17 8.45 0.73 -15.16
CA GLU A 17 7.82 1.82 -14.40
C GLU A 17 8.85 2.59 -13.58
N ARG A 18 10.13 2.41 -13.91
CA ARG A 18 11.21 3.10 -13.19
C ARG A 18 11.29 4.55 -13.61
N GLU A 19 10.99 4.82 -14.88
CA GLU A 19 11.03 6.18 -15.40
C GLU A 19 10.46 6.24 -16.82
N LEU A 20 9.39 5.47 -17.05
CA LEU A 20 8.75 5.43 -18.36
C LEU A 20 7.30 5.87 -18.26
N VAL A 21 6.61 5.41 -17.23
CA VAL A 21 5.20 5.75 -17.02
C VAL A 21 5.05 6.80 -15.93
N GLU A 22 5.55 6.48 -14.73
CA GLU A 22 5.46 7.38 -13.60
C GLU A 22 6.53 7.07 -12.56
N PRO A 23 7.61 7.89 -12.51
CA PRO A 23 8.72 7.69 -11.57
C PRO A 23 8.37 8.11 -10.13
N LEU A 24 7.10 8.38 -9.86
CA LEU A 24 6.68 8.79 -8.53
C LEU A 24 5.49 7.96 -8.05
N THR A 25 5.48 6.68 -8.42
CA THR A 25 4.40 5.78 -8.03
C THR A 25 4.96 4.44 -7.55
N PRO A 26 4.99 4.21 -6.22
CA PRO A 26 5.50 2.97 -5.65
C PRO A 26 4.61 1.77 -5.98
N SER A 27 3.33 2.04 -6.23
CA SER A 27 2.37 0.98 -6.56
C SER A 27 1.36 1.47 -7.58
N GLY A 28 0.68 2.57 -7.25
CA GLY A 28 -0.31 3.12 -8.15
C GLY A 28 -0.95 4.38 -7.60
N GLU A 29 -0.64 5.52 -8.23
CA GLU A 29 -1.18 6.81 -7.80
C GLU A 29 -0.56 7.25 -6.48
N ALA A 30 -0.70 6.41 -5.45
CA ALA A 30 -0.15 6.72 -4.14
C ALA A 30 -0.26 5.52 -3.20
N PRO A 31 0.66 5.42 -2.22
CA PRO A 31 0.66 4.31 -1.27
C PRO A 31 -0.68 4.18 -0.52
N ASN A 32 -1.26 5.33 -0.17
CA ASN A 32 -2.54 5.36 0.54
C ASN A 32 -3.54 4.36 -0.04
N GLN A 33 -3.76 4.44 -1.34
CA GLN A 33 -4.71 3.55 -2.02
C GLN A 33 -4.41 2.09 -1.69
N ALA A 34 -3.16 1.80 -1.37
CA ALA A 34 -2.77 0.44 -1.01
C ALA A 34 -3.44 0.07 0.30
N LEU A 35 -3.15 0.83 1.34
CA LEU A 35 -3.75 0.61 2.64
C LEU A 35 -5.25 0.84 2.55
N LEU A 36 -5.65 1.75 1.66
CA LEU A 36 -7.04 2.10 1.45
C LEU A 36 -7.86 0.86 1.09
N ARG A 37 -7.35 0.02 0.19
CA ARG A 37 -8.08 -1.16 -0.22
C ARG A 37 -7.50 -2.44 0.36
N ILE A 38 -6.31 -2.38 0.95
CA ILE A 38 -5.70 -3.57 1.53
C ILE A 38 -6.34 -3.95 2.86
N LEU A 39 -6.40 -3.01 3.79
CA LEU A 39 -6.99 -3.26 5.09
C LEU A 39 -8.50 -3.41 4.97
N LYS A 40 -9.05 -3.01 3.82
CA LYS A 40 -10.48 -3.09 3.60
C LYS A 40 -10.86 -4.32 2.80
N GLU A 41 -10.01 -4.67 1.85
CA GLU A 41 -10.25 -5.84 1.02
C GLU A 41 -9.61 -7.08 1.63
N THR A 42 -8.89 -6.89 2.72
CA THR A 42 -8.24 -7.98 3.41
C THR A 42 -8.48 -7.89 4.92
N GLU A 43 -9.33 -6.93 5.33
CA GLU A 43 -9.65 -6.74 6.75
C GLU A 43 -9.80 -8.07 7.47
N PHE A 44 -10.78 -8.87 7.04
CA PHE A 44 -11.04 -10.16 7.65
C PHE A 44 -10.31 -11.28 6.92
N LYS A 45 -10.00 -11.06 5.64
CA LYS A 45 -9.33 -12.08 4.84
C LYS A 45 -8.04 -12.58 5.49
N LYS A 46 -7.10 -11.68 5.74
CA LYS A 46 -5.80 -12.07 6.33
C LYS A 46 -5.92 -12.59 7.75
N ILE A 47 -6.68 -11.90 8.60
CA ILE A 47 -6.82 -12.31 9.99
C ILE A 47 -7.38 -13.72 10.12
N LYS A 48 -8.53 -13.98 9.51
CA LYS A 48 -9.14 -15.29 9.59
C LYS A 48 -8.15 -16.36 9.13
N VAL A 49 -7.32 -16.00 8.16
CA VAL A 49 -6.32 -16.92 7.62
C VAL A 49 -5.11 -17.00 8.54
N LEU A 50 -4.74 -15.88 9.14
CA LEU A 50 -3.60 -15.84 10.05
C LEU A 50 -3.95 -16.47 11.39
N GLY A 51 -5.22 -16.38 11.77
CA GLY A 51 -5.67 -16.96 13.02
C GLY A 51 -6.37 -18.28 12.82
N SER A 52 -6.03 -18.97 11.74
CA SER A 52 -6.63 -20.26 11.43
C SER A 52 -6.14 -21.34 12.38
N GLY A 53 -4.84 -21.35 12.63
CA GLY A 53 -4.25 -22.34 13.52
C GLY A 53 -4.46 -23.76 13.03
N ARG A 1 20.94 13.96 16.73
CA ARG A 1 20.84 13.04 17.83
C ARG A 1 19.64 13.40 18.70
N ARG A 2 19.53 14.67 19.06
CA ARG A 2 18.41 15.14 19.88
C ARG A 2 18.02 16.57 19.52
N ARG A 3 18.39 17.00 18.31
CA ARG A 3 18.08 18.35 17.86
C ARG A 3 17.25 18.33 16.59
N HIS A 4 17.19 17.17 15.92
CA HIS A 4 16.42 17.04 14.69
C HIS A 4 16.97 17.96 13.60
N ILE A 5 18.07 17.54 12.99
CA ILE A 5 18.69 18.32 11.92
C ILE A 5 18.89 17.48 10.67
N VAL A 6 18.74 18.11 9.52
CA VAL A 6 18.90 17.44 8.24
C VAL A 6 17.86 16.34 8.06
N ARG A 7 16.59 16.73 8.05
CA ARG A 7 15.50 15.77 7.88
C ARG A 7 14.19 16.48 7.55
N LYS A 8 13.86 17.51 8.33
CA LYS A 8 12.63 18.27 8.12
C LYS A 8 12.49 18.72 6.67
N ARG A 9 13.60 19.13 6.06
CA ARG A 9 13.58 19.58 4.68
C ARG A 9 13.46 18.40 3.71
N THR A 10 13.82 17.21 4.19
CA THR A 10 13.76 16.01 3.36
C THR A 10 12.38 15.36 3.47
N LEU A 11 11.90 15.22 4.70
CA LEU A 11 10.60 14.62 4.95
C LEU A 11 9.48 15.49 4.38
N ARG A 12 9.84 16.68 3.93
CA ARG A 12 8.87 17.60 3.36
C ARG A 12 8.62 17.29 1.88
N ARG A 13 9.49 16.47 1.30
CA ARG A 13 9.35 16.09 -0.10
C ARG A 13 8.37 14.94 -0.23
N LEU A 14 8.40 14.03 0.73
CA LEU A 14 7.50 12.88 0.74
C LEU A 14 6.06 13.31 1.01
N LEU A 15 5.86 14.04 2.10
CA LEU A 15 4.54 14.52 2.47
C LEU A 15 3.92 15.35 1.35
N GLN A 16 4.78 16.03 0.58
CA GLN A 16 4.32 16.86 -0.52
C GLN A 16 4.22 16.05 -1.82
N GLU A 17 4.87 14.89 -1.84
CA GLU A 17 4.85 14.03 -3.02
C GLU A 17 3.44 13.51 -3.29
N ARG A 18 2.65 13.40 -2.23
CA ARG A 18 1.28 12.91 -2.36
C ARG A 18 0.48 13.78 -3.31
N GLU A 19 0.78 15.07 -3.32
CA GLU A 19 0.10 16.02 -4.18
C GLU A 19 1.02 16.53 -5.29
N LEU A 20 1.95 15.69 -5.70
CA LEU A 20 2.91 16.04 -6.74
C LEU A 20 3.25 14.84 -7.61
N VAL A 21 2.22 14.12 -8.04
CA VAL A 21 2.41 12.94 -8.88
C VAL A 21 1.11 12.53 -9.58
N GLU A 22 0.03 12.43 -8.80
CA GLU A 22 -1.26 12.05 -9.35
C GLU A 22 -2.34 12.05 -8.27
N PRO A 23 -2.56 13.20 -7.62
CA PRO A 23 -3.57 13.33 -6.55
C PRO A 23 -4.98 13.57 -7.09
N LEU A 24 -5.13 13.49 -8.41
CA LEU A 24 -6.43 13.72 -9.03
C LEU A 24 -7.32 12.48 -8.91
N THR A 25 -6.69 11.31 -8.87
CA THR A 25 -7.44 10.05 -8.75
C THR A 25 -6.91 9.20 -7.61
N PRO A 26 -7.79 8.42 -6.96
CA PRO A 26 -7.42 7.55 -5.84
C PRO A 26 -7.01 6.16 -6.30
N SER A 27 -6.28 6.09 -7.40
CA SER A 27 -5.82 4.81 -7.94
C SER A 27 -4.72 5.02 -8.97
N GLY A 28 -3.71 5.81 -8.62
CA GLY A 28 -2.61 6.06 -9.54
C GLY A 28 -1.35 5.32 -9.16
N GLU A 29 -0.62 5.85 -8.18
CA GLU A 29 0.62 5.23 -7.73
C GLU A 29 0.96 5.69 -6.32
N ALA A 30 -0.05 5.90 -5.50
CA ALA A 30 0.14 6.35 -4.12
C ALA A 30 -0.08 5.21 -3.13
N PRO A 31 0.83 5.03 -2.16
CA PRO A 31 0.69 3.97 -1.16
C PRO A 31 -0.65 4.01 -0.44
N ASN A 32 -1.15 5.21 -0.18
CA ASN A 32 -2.43 5.40 0.50
C ASN A 32 -3.50 4.44 -0.04
N GLN A 33 -3.67 4.41 -1.36
CA GLN A 33 -4.66 3.55 -1.98
C GLN A 33 -4.40 2.09 -1.64
N ALA A 34 -3.14 1.77 -1.35
CA ALA A 34 -2.77 0.42 -0.98
C ALA A 34 -3.43 0.08 0.34
N LEU A 35 -3.15 0.89 1.36
CA LEU A 35 -3.74 0.71 2.66
C LEU A 35 -5.24 0.92 2.58
N LEU A 36 -5.65 1.80 1.65
CA LEU A 36 -7.05 2.11 1.45
C LEU A 36 -7.88 0.87 1.12
N ARG A 37 -7.39 0.03 0.20
CA ARG A 37 -8.14 -1.15 -0.21
C ARG A 37 -7.58 -2.46 0.36
N ILE A 38 -6.37 -2.44 0.90
CA ILE A 38 -5.80 -3.68 1.45
C ILE A 38 -6.41 -4.00 2.81
N LEU A 39 -6.39 -3.04 3.72
CA LEU A 39 -6.96 -3.24 5.04
C LEU A 39 -8.47 -3.40 4.94
N LYS A 40 -9.03 -3.00 3.79
CA LYS A 40 -10.47 -3.08 3.57
C LYS A 40 -10.84 -4.33 2.79
N GLU A 41 -10.02 -4.71 1.83
CA GLU A 41 -10.28 -5.90 1.03
C GLU A 41 -9.61 -7.12 1.65
N THR A 42 -8.88 -6.89 2.74
CA THR A 42 -8.20 -7.96 3.45
C THR A 42 -8.41 -7.83 4.96
N GLU A 43 -9.28 -6.89 5.36
CA GLU A 43 -9.58 -6.67 6.77
C GLU A 43 -9.73 -7.98 7.53
N PHE A 44 -10.69 -8.79 7.13
CA PHE A 44 -10.94 -10.07 7.78
C PHE A 44 -10.21 -11.21 7.07
N LYS A 45 -9.87 -10.99 5.80
CA LYS A 45 -9.19 -12.02 5.02
C LYS A 45 -7.86 -12.44 5.67
N LYS A 46 -7.01 -11.47 5.97
CA LYS A 46 -5.71 -11.75 6.56
C LYS A 46 -5.80 -12.29 7.99
N ILE A 47 -6.76 -11.80 8.78
CA ILE A 47 -6.89 -12.25 10.15
C ILE A 47 -7.42 -13.68 10.25
N LYS A 48 -8.55 -13.95 9.61
CA LYS A 48 -9.13 -15.29 9.65
C LYS A 48 -8.12 -16.35 9.23
N VAL A 49 -7.26 -15.99 8.28
CA VAL A 49 -6.24 -16.89 7.79
C VAL A 49 -5.06 -17.01 8.77
N LEU A 50 -4.76 -15.90 9.46
CA LEU A 50 -3.66 -15.89 10.42
C LEU A 50 -4.11 -16.45 11.77
N GLY A 51 -5.39 -16.29 12.08
CA GLY A 51 -5.91 -16.79 13.34
C GLY A 51 -6.59 -18.13 13.19
N SER A 52 -6.13 -18.91 12.20
CA SER A 52 -6.70 -20.23 11.95
C SER A 52 -6.58 -21.12 13.19
N GLY A 53 -5.52 -20.89 13.97
CA GLY A 53 -5.32 -21.68 15.17
C GLY A 53 -5.45 -20.85 16.44
N ARG A 1 -11.99 -10.05 21.26
CA ARG A 1 -10.64 -10.38 20.81
C ARG A 1 -10.26 -9.48 19.65
N ARG A 2 -11.14 -9.38 18.65
CA ARG A 2 -10.89 -8.56 17.47
C ARG A 2 -12.19 -8.17 16.80
N ARG A 3 -12.45 -6.87 16.72
CA ARG A 3 -13.67 -6.35 16.09
C ARG A 3 -13.52 -4.89 15.73
N HIS A 4 -12.78 -4.61 14.66
CA HIS A 4 -12.57 -3.23 14.22
C HIS A 4 -13.56 -2.86 13.12
N ILE A 5 -14.81 -2.65 13.51
CA ILE A 5 -15.86 -2.28 12.55
C ILE A 5 -16.17 -0.80 12.65
N VAL A 6 -16.50 -0.33 13.85
CA VAL A 6 -16.82 1.07 14.07
C VAL A 6 -15.64 1.81 14.70
N ARG A 7 -14.63 2.10 13.88
CA ARG A 7 -13.45 2.81 14.35
C ARG A 7 -12.46 3.03 13.21
N LYS A 8 -12.33 2.03 12.34
CA LYS A 8 -11.40 2.13 11.21
C LYS A 8 -11.72 3.35 10.34
N ARG A 9 -12.95 3.44 9.86
CA ARG A 9 -13.37 4.55 9.02
C ARG A 9 -13.26 5.87 9.77
N THR A 10 -13.30 5.81 11.10
CA THR A 10 -13.21 7.01 11.91
C THR A 10 -11.78 7.57 11.89
N LEU A 11 -10.80 6.70 11.65
CA LEU A 11 -9.40 7.13 11.60
C LEU A 11 -9.23 8.27 10.60
N ARG A 12 -10.25 8.52 9.79
CA ARG A 12 -10.22 9.59 8.82
C ARG A 12 -10.46 10.94 9.48
N ARG A 13 -11.11 10.91 10.64
CA ARG A 13 -11.40 12.14 11.38
C ARG A 13 -10.12 12.83 11.84
N LEU A 14 -9.11 12.04 12.19
CA LEU A 14 -7.83 12.59 12.66
C LEU A 14 -7.07 13.26 11.52
N LEU A 15 -6.96 12.58 10.39
CA LEU A 15 -6.24 13.12 9.24
C LEU A 15 -6.99 14.30 8.64
N GLN A 16 -8.22 14.08 8.21
CA GLN A 16 -9.04 15.13 7.61
C GLN A 16 -8.98 16.42 8.41
N GLU A 17 -8.84 16.30 9.72
CA GLU A 17 -8.77 17.47 10.60
C GLU A 17 -7.58 18.35 10.24
N ARG A 18 -6.45 17.70 9.94
CA ARG A 18 -5.24 18.41 9.59
C ARG A 18 -5.44 19.29 8.35
N GLU A 19 -6.48 18.96 7.56
CA GLU A 19 -6.78 19.71 6.36
C GLU A 19 -5.67 19.55 5.32
N LEU A 20 -5.22 18.32 5.13
CA LEU A 20 -4.17 18.01 4.17
C LEU A 20 -4.52 16.79 3.34
N VAL A 21 -4.97 15.74 4.02
CA VAL A 21 -5.35 14.50 3.35
C VAL A 21 -6.86 14.41 3.19
N GLU A 22 -7.32 14.22 1.95
CA GLU A 22 -8.74 14.11 1.68
C GLU A 22 -8.99 13.79 0.20
N PRO A 23 -8.42 14.59 -0.72
CA PRO A 23 -8.60 14.37 -2.16
C PRO A 23 -8.11 13.00 -2.60
N LEU A 24 -8.98 12.00 -2.47
CA LEU A 24 -8.63 10.64 -2.84
C LEU A 24 -8.31 10.56 -4.33
N THR A 25 -7.20 9.89 -4.65
CA THR A 25 -6.78 9.74 -6.04
C THR A 25 -6.17 8.36 -6.28
N PRO A 26 -6.31 7.82 -7.50
CA PRO A 26 -5.78 6.51 -7.87
C PRO A 26 -4.29 6.55 -8.23
N SER A 27 -3.67 7.71 -8.07
CA SER A 27 -2.25 7.87 -8.39
C SER A 27 -1.66 9.08 -7.67
N GLY A 28 -1.84 9.14 -6.36
CA GLY A 28 -1.30 10.25 -5.58
C GLY A 28 0.06 9.93 -5.00
N GLU A 29 0.07 9.18 -3.91
CA GLU A 29 1.31 8.79 -3.25
C GLU A 29 1.69 7.36 -3.61
N ALA A 30 0.65 6.52 -3.81
CA ALA A 30 0.80 5.10 -4.17
C ALA A 30 0.44 4.18 -2.99
N PRO A 31 1.09 4.35 -1.82
CA PRO A 31 0.81 3.52 -0.65
C PRO A 31 -0.61 3.72 -0.13
N ASN A 32 -1.05 4.98 -0.09
CA ASN A 32 -2.39 5.33 0.39
C ASN A 32 -3.45 4.36 -0.14
N GLN A 33 -3.62 4.34 -1.47
CA GLN A 33 -4.60 3.46 -2.09
C GLN A 33 -4.35 2.00 -1.70
N ALA A 34 -3.11 1.69 -1.36
CA ALA A 34 -2.77 0.34 -0.94
C ALA A 34 -3.45 0.04 0.37
N LEU A 35 -3.13 0.85 1.39
CA LEU A 35 -3.73 0.70 2.70
C LEU A 35 -5.22 0.96 2.61
N LEU A 36 -5.60 1.82 1.66
CA LEU A 36 -7.00 2.19 1.45
C LEU A 36 -7.86 0.96 1.15
N ARG A 37 -7.43 0.10 0.23
CA ARG A 37 -8.22 -1.06 -0.14
C ARG A 37 -7.68 -2.38 0.41
N ILE A 38 -6.45 -2.39 0.94
CA ILE A 38 -5.92 -3.63 1.48
C ILE A 38 -6.52 -3.95 2.84
N LEU A 39 -6.46 -3.00 3.76
CA LEU A 39 -7.03 -3.20 5.08
C LEU A 39 -8.53 -3.42 4.99
N LYS A 40 -9.10 -3.04 3.86
CA LYS A 40 -10.55 -3.17 3.64
C LYS A 40 -10.87 -4.42 2.84
N GLU A 41 -10.04 -4.71 1.84
CA GLU A 41 -10.25 -5.89 1.01
C GLU A 41 -9.50 -7.09 1.58
N THR A 42 -8.78 -6.87 2.66
CA THR A 42 -8.02 -7.92 3.32
C THR A 42 -8.23 -7.88 4.83
N GLU A 43 -9.15 -7.02 5.29
CA GLU A 43 -9.44 -6.88 6.71
C GLU A 43 -9.54 -8.25 7.39
N PHE A 44 -10.51 -9.04 6.95
CA PHE A 44 -10.72 -10.37 7.50
C PHE A 44 -9.89 -11.42 6.77
N LYS A 45 -9.48 -11.10 5.56
CA LYS A 45 -8.69 -12.03 4.76
C LYS A 45 -7.35 -12.34 5.42
N LYS A 46 -6.67 -11.30 5.90
CA LYS A 46 -5.37 -11.46 6.54
C LYS A 46 -5.47 -12.14 7.90
N ILE A 47 -6.46 -11.75 8.69
CA ILE A 47 -6.63 -12.32 10.02
C ILE A 47 -7.03 -13.78 9.97
N LYS A 48 -8.10 -14.10 9.24
CA LYS A 48 -8.55 -15.49 9.14
C LYS A 48 -7.39 -16.42 8.76
N VAL A 49 -6.48 -15.90 7.95
CA VAL A 49 -5.32 -16.68 7.52
C VAL A 49 -4.22 -16.69 8.58
N LEU A 50 -4.16 -15.63 9.38
CA LEU A 50 -3.16 -15.52 10.42
C LEU A 50 -3.61 -16.22 11.70
N GLY A 51 -4.91 -16.25 11.93
CA GLY A 51 -5.45 -16.88 13.12
C GLY A 51 -6.01 -18.27 12.83
N SER A 52 -5.44 -18.93 11.82
CA SER A 52 -5.89 -20.26 11.45
C SER A 52 -5.76 -21.23 12.63
N GLY A 53 -4.80 -20.96 13.50
CA GLY A 53 -4.59 -21.81 14.66
C GLY A 53 -4.09 -23.19 14.28
N ARG A 1 -8.83 8.93 21.99
CA ARG A 1 -8.62 10.36 22.07
C ARG A 1 -9.12 10.89 23.41
N ARG A 2 -10.34 10.52 23.77
CA ARG A 2 -10.93 10.97 25.03
C ARG A 2 -11.31 9.78 25.90
N ARG A 3 -12.46 9.16 25.60
CA ARG A 3 -12.94 8.01 26.35
C ARG A 3 -13.80 7.11 25.48
N HIS A 4 -13.16 6.39 24.56
CA HIS A 4 -13.87 5.48 23.67
C HIS A 4 -14.91 6.23 22.84
N ILE A 5 -14.65 7.50 22.56
CA ILE A 5 -15.57 8.31 21.78
C ILE A 5 -15.01 8.56 20.37
N VAL A 6 -13.70 8.69 20.28
CA VAL A 6 -13.05 8.93 19.00
C VAL A 6 -12.96 7.63 18.19
N ARG A 7 -13.30 7.74 16.91
CA ARG A 7 -13.26 6.58 16.01
C ARG A 7 -12.36 6.85 14.81
N LYS A 8 -12.26 5.88 13.91
CA LYS A 8 -11.44 6.02 12.72
C LYS A 8 -11.81 7.27 11.94
N ARG A 9 -13.07 7.38 11.56
CA ARG A 9 -13.56 8.53 10.80
C ARG A 9 -13.21 9.84 11.50
N THR A 10 -13.00 9.78 12.80
CA THR A 10 -12.65 10.97 13.56
C THR A 10 -11.14 11.19 13.61
N LEU A 11 -10.38 10.14 13.36
CA LEU A 11 -8.92 10.25 13.37
C LEU A 11 -8.46 11.34 12.40
N ARG A 12 -9.38 11.81 11.56
CA ARG A 12 -9.08 12.84 10.59
C ARG A 12 -9.15 14.23 11.23
N ARG A 13 -9.71 14.30 12.43
CA ARG A 13 -9.84 15.57 13.14
C ARG A 13 -8.48 16.12 13.55
N LEU A 14 -7.63 15.26 14.11
CA LEU A 14 -6.30 15.68 14.55
C LEU A 14 -5.35 15.92 13.37
N LEU A 15 -5.34 15.00 12.42
CA LEU A 15 -4.47 15.11 11.26
C LEU A 15 -4.82 16.31 10.39
N GLN A 16 -6.07 16.34 9.91
CA GLN A 16 -6.53 17.44 9.05
C GLN A 16 -6.47 18.78 9.78
N GLU A 17 -6.50 18.76 11.10
CA GLU A 17 -6.47 19.99 11.89
C GLU A 17 -5.31 20.88 11.44
N ARG A 18 -4.20 20.25 11.10
CA ARG A 18 -3.01 20.96 10.64
C ARG A 18 -3.35 21.97 9.55
N GLU A 19 -4.15 21.55 8.58
CA GLU A 19 -4.54 22.44 7.48
C GLU A 19 -3.32 22.99 6.76
N LEU A 20 -2.22 22.25 6.79
CA LEU A 20 -0.99 22.66 6.13
C LEU A 20 -0.44 21.53 5.28
N VAL A 21 -0.41 20.33 5.83
CA VAL A 21 0.09 19.16 5.10
C VAL A 21 -0.99 18.56 4.22
N GLU A 22 -0.78 18.65 2.91
CA GLU A 22 -1.72 18.11 1.94
C GLU A 22 -1.19 18.26 0.51
N PRO A 23 -0.79 19.49 0.12
CA PRO A 23 -0.25 19.75 -1.22
C PRO A 23 1.15 19.16 -1.40
N LEU A 24 1.25 17.84 -1.28
CA LEU A 24 2.53 17.15 -1.42
C LEU A 24 2.36 15.83 -2.17
N THR A 25 1.57 14.93 -1.60
CA THR A 25 1.33 13.63 -2.20
C THR A 25 2.65 12.90 -2.50
N PRO A 26 3.08 12.00 -1.58
CA PRO A 26 4.33 11.25 -1.75
C PRO A 26 4.44 10.61 -3.13
N SER A 27 3.30 10.31 -3.74
CA SER A 27 3.27 9.70 -5.07
C SER A 27 2.01 10.08 -5.82
N GLY A 28 0.85 9.83 -5.20
CA GLY A 28 -0.41 10.15 -5.83
C GLY A 28 -1.49 9.14 -5.52
N GLU A 29 -1.24 7.88 -5.88
CA GLU A 29 -2.21 6.81 -5.63
C GLU A 29 -1.52 5.45 -5.61
N ALA A 30 -0.35 5.38 -4.95
CA ALA A 30 0.40 4.14 -4.87
C ALA A 30 0.27 3.51 -3.48
N PRO A 31 0.85 4.13 -2.44
CA PRO A 31 0.78 3.59 -1.08
C PRO A 31 -0.59 3.80 -0.44
N ASN A 32 -1.01 5.07 -0.33
CA ASN A 32 -2.29 5.41 0.26
C ASN A 32 -3.41 4.48 -0.19
N GLN A 33 -3.54 4.30 -1.50
CA GLN A 33 -4.58 3.43 -2.05
C GLN A 33 -4.34 1.98 -1.66
N ALA A 34 -3.08 1.64 -1.35
CA ALA A 34 -2.74 0.30 -0.94
C ALA A 34 -3.41 0.00 0.38
N LEU A 35 -3.13 0.83 1.37
CA LEU A 35 -3.72 0.70 2.69
C LEU A 35 -5.22 0.99 2.61
N LEU A 36 -5.59 1.82 1.63
CA LEU A 36 -6.98 2.19 1.43
C LEU A 36 -7.86 0.98 1.14
N ARG A 37 -7.44 0.11 0.22
CA ARG A 37 -8.27 -1.05 -0.12
C ARG A 37 -7.74 -2.35 0.45
N ILE A 38 -6.50 -2.38 0.93
CA ILE A 38 -5.97 -3.62 1.48
C ILE A 38 -6.55 -3.92 2.86
N LEU A 39 -6.53 -2.93 3.75
CA LEU A 39 -7.08 -3.10 5.08
C LEU A 39 -8.57 -3.41 5.02
N LYS A 40 -9.20 -3.04 3.90
CA LYS A 40 -10.62 -3.26 3.71
C LYS A 40 -10.90 -4.51 2.90
N GLU A 41 -10.09 -4.72 1.86
CA GLU A 41 -10.26 -5.89 1.00
C GLU A 41 -9.44 -7.07 1.53
N THR A 42 -8.73 -6.84 2.62
CA THR A 42 -7.91 -7.88 3.23
C THR A 42 -8.08 -7.86 4.75
N GLU A 43 -9.03 -7.06 5.25
CA GLU A 43 -9.30 -6.96 6.68
C GLU A 43 -9.32 -8.34 7.32
N PHE A 44 -10.22 -9.19 6.86
CA PHE A 44 -10.35 -10.54 7.40
C PHE A 44 -9.47 -11.53 6.66
N LYS A 45 -9.14 -11.20 5.40
CA LYS A 45 -8.31 -12.09 4.59
C LYS A 45 -6.96 -12.35 5.25
N LYS A 46 -6.28 -11.29 5.67
CA LYS A 46 -4.96 -11.43 6.29
C LYS A 46 -5.05 -12.05 7.69
N ILE A 47 -6.09 -11.73 8.44
CA ILE A 47 -6.24 -12.26 9.78
C ILE A 47 -6.58 -13.75 9.77
N LYS A 48 -7.63 -14.12 9.05
CA LYS A 48 -8.04 -15.54 8.97
C LYS A 48 -6.85 -16.43 8.63
N VAL A 49 -5.95 -15.92 7.81
CA VAL A 49 -4.77 -16.66 7.40
C VAL A 49 -3.67 -16.63 8.46
N LEU A 50 -3.65 -15.56 9.26
CA LEU A 50 -2.66 -15.41 10.32
C LEU A 50 -3.12 -16.06 11.62
N GLY A 51 -4.43 -16.08 11.83
CA GLY A 51 -4.97 -16.66 13.04
C GLY A 51 -5.57 -18.03 12.81
N SER A 52 -4.93 -18.82 11.93
CA SER A 52 -5.41 -20.16 11.62
C SER A 52 -5.48 -21.02 12.88
N GLY A 53 -4.61 -20.72 13.84
CA GLY A 53 -4.59 -21.48 15.08
C GLY A 53 -5.57 -20.95 16.10
N ARG A 1 29.79 9.10 16.39
CA ARG A 1 29.80 7.82 17.06
C ARG A 1 29.35 6.72 16.11
N ARG A 2 28.23 6.94 15.44
CA ARG A 2 27.70 5.96 14.50
C ARG A 2 28.54 5.92 13.23
N ARG A 3 28.26 6.85 12.31
CA ARG A 3 29.00 6.90 11.05
C ARG A 3 28.95 8.31 10.44
N HIS A 4 28.68 9.31 11.29
CA HIS A 4 28.61 10.70 10.83
C HIS A 4 27.73 10.83 9.58
N ILE A 5 26.48 11.22 9.79
CA ILE A 5 25.54 11.39 8.68
C ILE A 5 24.64 12.60 8.91
N VAL A 6 24.39 13.34 7.86
CA VAL A 6 23.55 14.53 7.94
C VAL A 6 22.07 14.16 8.02
N ARG A 7 21.38 14.73 8.99
CA ARG A 7 19.96 14.45 9.19
C ARG A 7 19.10 15.72 9.08
N LYS A 8 19.76 16.88 8.97
CA LYS A 8 19.05 18.14 8.85
C LYS A 8 18.79 18.48 7.39
N ARG A 9 19.86 18.54 6.60
CA ARG A 9 19.76 18.85 5.18
C ARG A 9 19.29 17.63 4.38
N THR A 10 19.30 16.47 5.02
CA THR A 10 18.89 15.23 4.36
C THR A 10 17.37 15.15 4.23
N LEU A 11 16.67 15.37 5.33
CA LEU A 11 15.21 15.33 5.34
C LEU A 11 14.64 16.26 4.27
N ARG A 12 15.44 17.25 3.88
CA ARG A 12 15.01 18.20 2.87
C ARG A 12 14.77 17.48 1.54
N ARG A 13 15.47 16.36 1.35
CA ARG A 13 15.33 15.57 0.13
C ARG A 13 14.01 14.82 0.13
N LEU A 14 13.56 14.42 1.31
CA LEU A 14 12.31 13.69 1.46
C LEU A 14 11.12 14.60 1.16
N LEU A 15 11.09 15.77 1.81
CA LEU A 15 10.01 16.73 1.61
C LEU A 15 9.91 17.14 0.14
N GLN A 16 11.06 17.38 -0.48
CA GLN A 16 11.11 17.79 -1.88
C GLN A 16 10.98 16.57 -2.80
N GLU A 17 11.27 15.39 -2.28
CA GLU A 17 11.20 14.16 -3.06
C GLU A 17 9.82 14.01 -3.72
N ARG A 18 8.80 14.57 -3.08
CA ARG A 18 7.44 14.50 -3.61
C ARG A 18 7.38 14.98 -5.06
N GLU A 19 8.27 15.91 -5.40
CA GLU A 19 8.32 16.46 -6.75
C GLU A 19 8.61 15.36 -7.77
N LEU A 20 9.28 14.31 -7.34
CA LEU A 20 9.61 13.19 -8.22
C LEU A 20 8.67 12.01 -7.97
N VAL A 21 8.69 11.50 -6.73
CA VAL A 21 7.84 10.37 -6.37
C VAL A 21 6.39 10.80 -6.21
N GLU A 22 5.59 10.59 -7.24
CA GLU A 22 4.18 10.96 -7.22
C GLU A 22 3.43 10.34 -8.41
N PRO A 23 3.82 10.69 -9.65
CA PRO A 23 3.17 10.17 -10.85
C PRO A 23 3.65 8.78 -11.24
N LEU A 24 4.27 8.07 -10.31
CA LEU A 24 4.77 6.72 -10.58
C LEU A 24 4.68 5.86 -9.32
N THR A 25 3.47 5.51 -8.93
CA THR A 25 3.25 4.68 -7.74
C THR A 25 2.36 3.48 -8.07
N PRO A 26 2.52 2.38 -7.31
CA PRO A 26 1.74 1.16 -7.52
C PRO A 26 0.23 1.43 -7.49
N SER A 27 -0.20 2.22 -6.50
CA SER A 27 -1.62 2.56 -6.37
C SER A 27 -2.12 3.31 -7.59
N GLY A 28 -1.69 4.55 -7.75
CA GLY A 28 -2.11 5.35 -8.88
C GLY A 28 -2.53 6.75 -8.48
N GLU A 29 -3.38 6.84 -7.47
CA GLU A 29 -3.86 8.13 -6.98
C GLU A 29 -3.11 8.55 -5.71
N ALA A 30 -2.83 7.58 -4.85
CA ALA A 30 -2.11 7.85 -3.61
C ALA A 30 -1.86 6.57 -2.83
N PRO A 31 -0.76 6.50 -2.06
CA PRO A 31 -0.42 5.32 -1.27
C PRO A 31 -1.58 4.87 -0.37
N ASN A 32 -2.31 5.84 0.16
CA ASN A 32 -3.45 5.56 1.03
C ASN A 32 -4.31 4.41 0.49
N GLN A 33 -4.79 4.56 -0.74
CA GLN A 33 -5.64 3.54 -1.35
C GLN A 33 -4.92 2.19 -1.40
N ALA A 34 -3.59 2.22 -1.32
CA ALA A 34 -2.80 1.00 -1.34
C ALA A 34 -3.06 0.25 -0.04
N LEU A 35 -2.82 0.91 1.07
CA LEU A 35 -3.07 0.32 2.37
C LEU A 35 -4.57 0.20 2.58
N LEU A 36 -5.30 1.16 2.01
CA LEU A 36 -6.75 1.18 2.12
C LEU A 36 -7.36 -0.03 1.41
N ARG A 37 -7.00 -0.25 0.14
CA ARG A 37 -7.53 -1.40 -0.60
C ARG A 37 -7.18 -2.68 0.12
N ILE A 38 -6.05 -2.67 0.79
CA ILE A 38 -5.64 -3.84 1.54
C ILE A 38 -6.44 -3.93 2.83
N LEU A 39 -6.51 -2.82 3.56
CA LEU A 39 -7.26 -2.79 4.81
C LEU A 39 -8.76 -2.98 4.57
N LYS A 40 -9.23 -2.62 3.38
CA LYS A 40 -10.65 -2.76 3.07
C LYS A 40 -10.93 -4.13 2.45
N GLU A 41 -10.00 -4.62 1.63
CA GLU A 41 -10.18 -5.93 1.00
C GLU A 41 -9.63 -7.05 1.88
N THR A 42 -9.03 -6.66 3.01
CA THR A 42 -8.46 -7.63 3.93
C THR A 42 -8.85 -7.30 5.38
N GLU A 43 -9.73 -6.30 5.55
CA GLU A 43 -10.19 -5.89 6.88
C GLU A 43 -10.49 -7.10 7.76
N PHE A 44 -11.46 -7.91 7.32
CA PHE A 44 -11.86 -9.09 8.07
C PHE A 44 -11.06 -10.31 7.64
N LYS A 45 -10.48 -10.27 6.44
CA LYS A 45 -9.71 -11.40 5.92
C LYS A 45 -8.51 -11.72 6.82
N LYS A 46 -7.73 -10.69 7.16
CA LYS A 46 -6.54 -10.87 7.99
C LYS A 46 -6.88 -11.27 9.42
N ILE A 47 -7.85 -10.59 10.02
CA ILE A 47 -8.23 -10.87 11.40
C ILE A 47 -8.75 -12.30 11.57
N LYS A 48 -9.72 -12.69 10.74
CA LYS A 48 -10.26 -14.04 10.82
C LYS A 48 -9.15 -15.08 10.81
N VAL A 49 -8.09 -14.78 10.06
CA VAL A 49 -6.94 -15.68 9.96
C VAL A 49 -5.99 -15.51 11.14
N LEU A 50 -5.93 -14.29 11.68
CA LEU A 50 -5.05 -13.99 12.81
C LEU A 50 -5.68 -14.45 14.12
N GLY A 51 -7.00 -14.43 14.18
CA GLY A 51 -7.70 -14.85 15.38
C GLY A 51 -8.24 -16.26 15.28
N SER A 52 -7.55 -17.09 14.51
CA SER A 52 -7.97 -18.48 14.32
C SER A 52 -8.05 -19.20 15.66
N GLY A 53 -7.23 -18.78 16.61
CA GLY A 53 -7.21 -19.41 17.92
C GLY A 53 -7.93 -18.58 18.96
N ARG A 1 -16.68 2.11 23.18
CA ARG A 1 -16.53 2.78 24.46
C ARG A 1 -15.06 3.10 24.70
N ARG A 2 -14.20 2.09 24.54
CA ARG A 2 -12.78 2.27 24.75
C ARG A 2 -11.97 1.23 23.99
N ARG A 3 -12.55 0.70 22.90
CA ARG A 3 -11.89 -0.31 22.10
C ARG A 3 -12.49 -0.39 20.69
N HIS A 4 -13.12 0.70 20.25
CA HIS A 4 -13.73 0.75 18.92
C HIS A 4 -14.57 -0.50 18.66
N ILE A 5 -15.13 -1.07 19.72
CA ILE A 5 -15.95 -2.28 19.61
C ILE A 5 -15.16 -3.42 18.97
N VAL A 6 -15.17 -3.49 17.64
CA VAL A 6 -14.46 -4.54 16.92
C VAL A 6 -14.73 -4.45 15.42
N ARG A 7 -14.51 -3.27 14.86
CA ARG A 7 -14.74 -3.06 13.42
C ARG A 7 -14.20 -1.70 12.97
N LYS A 8 -13.38 -1.72 11.92
CA LYS A 8 -12.79 -0.51 11.39
C LYS A 8 -13.86 0.51 10.98
N ARG A 9 -15.04 0.01 10.60
CA ARG A 9 -16.13 0.89 10.16
C ARG A 9 -16.51 1.90 11.24
N THR A 10 -16.13 1.62 12.49
CA THR A 10 -16.43 2.52 13.60
C THR A 10 -15.32 3.54 13.76
N LEU A 11 -14.07 3.06 13.71
CA LEU A 11 -12.91 3.93 13.85
C LEU A 11 -12.79 4.85 12.64
N ARG A 12 -13.62 4.63 11.62
CA ARG A 12 -13.58 5.48 10.44
C ARG A 12 -14.00 6.88 10.84
N ARG A 13 -14.84 6.95 11.86
CA ARG A 13 -15.33 8.22 12.38
C ARG A 13 -14.16 9.02 12.97
N LEU A 14 -13.17 8.33 13.50
CA LEU A 14 -12.01 8.97 14.10
C LEU A 14 -11.11 9.60 13.04
N LEU A 15 -10.77 8.82 12.01
CA LEU A 15 -9.91 9.33 10.94
C LEU A 15 -10.61 10.42 10.14
N GLN A 16 -11.78 10.10 9.58
CA GLN A 16 -12.54 11.05 8.79
C GLN A 16 -12.79 12.34 9.58
N GLU A 17 -12.92 12.20 10.89
CA GLU A 17 -13.17 13.34 11.76
C GLU A 17 -12.15 14.46 11.49
N ARG A 18 -10.93 14.06 11.16
CA ARG A 18 -9.87 15.03 10.89
C ARG A 18 -10.16 15.80 9.60
N GLU A 19 -10.97 15.21 8.73
CA GLU A 19 -11.33 15.86 7.46
C GLU A 19 -10.11 16.01 6.57
N LEU A 20 -9.17 15.08 6.67
CA LEU A 20 -7.96 15.12 5.87
C LEU A 20 -7.55 13.72 5.43
N VAL A 21 -8.55 12.85 5.24
CA VAL A 21 -8.29 11.48 4.82
C VAL A 21 -8.23 11.37 3.29
N GLU A 22 -9.07 12.15 2.61
CA GLU A 22 -9.12 12.15 1.15
C GLU A 22 -9.56 10.78 0.64
N PRO A 23 -10.88 10.52 0.65
CA PRO A 23 -11.45 9.24 0.18
C PRO A 23 -10.91 8.84 -1.18
N LEU A 24 -10.95 9.77 -2.13
CA LEU A 24 -10.47 9.49 -3.48
C LEU A 24 -8.95 9.30 -3.47
N THR A 25 -8.28 9.98 -2.55
CA THR A 25 -6.83 9.87 -2.43
C THR A 25 -6.14 10.11 -3.77
N PRO A 26 -5.76 11.36 -4.07
CA PRO A 26 -5.10 11.72 -5.33
C PRO A 26 -3.58 11.53 -5.27
N SER A 27 -3.11 10.77 -4.28
CA SER A 27 -1.68 10.53 -4.11
C SER A 27 -1.08 9.92 -5.38
N GLY A 28 -1.26 8.62 -5.54
CA GLY A 28 -0.72 7.94 -6.72
C GLY A 28 0.55 7.16 -6.40
N GLU A 29 1.16 7.46 -5.27
CA GLU A 29 2.40 6.78 -4.86
C GLU A 29 2.22 5.26 -4.91
N ALA A 30 0.99 4.81 -4.61
CA ALA A 30 0.63 3.38 -4.61
C ALA A 30 0.29 2.88 -3.21
N PRO A 31 1.17 3.14 -2.21
CA PRO A 31 0.93 2.70 -0.83
C PRO A 31 -0.43 3.13 -0.32
N ASN A 32 -0.68 4.43 -0.38
CA ASN A 32 -1.95 5.01 0.08
C ASN A 32 -3.14 4.14 -0.33
N GLN A 33 -3.41 4.08 -1.62
CA GLN A 33 -4.52 3.29 -2.13
C GLN A 33 -4.35 1.81 -1.76
N ALA A 34 -3.11 1.42 -1.44
CA ALA A 34 -2.83 0.06 -1.04
C ALA A 34 -3.48 -0.22 0.30
N LEU A 35 -3.13 0.58 1.30
CA LEU A 35 -3.69 0.45 2.63
C LEU A 35 -5.16 0.88 2.60
N LEU A 36 -5.49 1.73 1.63
CA LEU A 36 -6.86 2.21 1.49
C LEU A 36 -7.82 1.06 1.23
N ARG A 37 -7.44 0.15 0.34
CA ARG A 37 -8.28 -1.00 0.02
C ARG A 37 -7.77 -2.29 0.64
N ILE A 38 -6.56 -2.27 1.20
CA ILE A 38 -6.01 -3.46 1.82
C ILE A 38 -6.71 -3.72 3.15
N LEU A 39 -6.79 -2.69 3.99
CA LEU A 39 -7.41 -2.84 5.29
C LEU A 39 -8.83 -3.40 5.18
N LYS A 40 -9.55 -3.06 4.11
CA LYS A 40 -10.92 -3.55 3.94
C LYS A 40 -11.01 -4.75 2.99
N GLU A 41 -10.25 -4.71 1.90
CA GLU A 41 -10.27 -5.80 0.92
C GLU A 41 -9.22 -6.85 1.23
N THR A 42 -8.41 -6.56 2.22
CA THR A 42 -7.35 -7.47 2.63
C THR A 42 -7.36 -7.64 4.15
N GLU A 43 -8.42 -7.16 4.79
CA GLU A 43 -8.57 -7.26 6.24
C GLU A 43 -8.26 -8.68 6.70
N PHE A 44 -9.07 -9.63 6.23
CA PHE A 44 -8.91 -11.02 6.60
C PHE A 44 -7.93 -11.73 5.67
N LYS A 45 -7.73 -11.18 4.47
CA LYS A 45 -6.82 -11.79 3.51
C LYS A 45 -5.39 -11.87 4.06
N LYS A 46 -4.91 -10.76 4.61
CA LYS A 46 -3.55 -10.71 5.15
C LYS A 46 -3.39 -11.54 6.42
N ILE A 47 -4.41 -11.56 7.27
CA ILE A 47 -4.33 -12.32 8.52
C ILE A 47 -4.32 -13.83 8.27
N LYS A 48 -5.30 -14.34 7.52
CA LYS A 48 -5.36 -15.77 7.24
C LYS A 48 -4.03 -16.26 6.67
N VAL A 49 -3.38 -15.42 5.88
CA VAL A 49 -2.09 -15.77 5.26
C VAL A 49 -0.96 -15.68 6.28
N LEU A 50 -1.09 -14.77 7.24
CA LEU A 50 -0.06 -14.59 8.25
C LEU A 50 -0.25 -15.58 9.41
N GLY A 51 -1.49 -15.96 9.65
CA GLY A 51 -1.78 -16.90 10.72
C GLY A 51 -1.96 -18.32 10.21
N SER A 52 -1.28 -18.64 9.12
CA SER A 52 -1.37 -19.97 8.53
C SER A 52 -0.96 -21.04 9.53
N GLY A 53 -0.07 -20.66 10.45
CA GLY A 53 0.39 -21.60 11.46
C GLY A 53 -0.59 -21.75 12.60
N ARG A 1 25.01 6.37 -6.13
CA ARG A 1 25.82 5.18 -6.24
C ARG A 1 26.08 4.58 -4.85
N ARG A 2 26.52 5.43 -3.93
CA ARG A 2 26.79 5.00 -2.56
C ARG A 2 26.62 6.15 -1.58
N ARG A 3 27.26 7.28 -1.89
CA ARG A 3 27.18 8.45 -1.04
C ARG A 3 25.81 9.12 -1.15
N HIS A 4 25.28 9.58 -0.02
CA HIS A 4 23.98 10.24 0.00
C HIS A 4 24.05 11.62 -0.68
N ILE A 5 23.92 11.62 -2.00
CA ILE A 5 23.97 12.86 -2.77
C ILE A 5 22.84 12.91 -3.79
N VAL A 6 22.86 11.97 -4.73
CA VAL A 6 21.84 11.90 -5.77
C VAL A 6 20.85 10.77 -5.51
N ARG A 7 19.63 11.15 -5.14
CA ARG A 7 18.59 10.17 -4.84
C ARG A 7 17.21 10.74 -5.17
N LYS A 8 16.83 11.81 -4.47
CA LYS A 8 15.54 12.44 -4.68
C LYS A 8 15.30 12.75 -6.17
N ARG A 9 16.33 13.26 -6.82
CA ARG A 9 16.24 13.61 -8.24
C ARG A 9 16.22 12.35 -9.12
N THR A 10 16.72 11.24 -8.59
CA THR A 10 16.74 9.98 -9.33
C THR A 10 15.46 9.21 -9.13
N LEU A 11 15.05 9.05 -7.86
CA LEU A 11 13.83 8.33 -7.54
C LEU A 11 12.62 9.02 -8.13
N ARG A 12 12.80 10.26 -8.57
CA ARG A 12 11.71 11.02 -9.17
C ARG A 12 11.39 10.51 -10.57
N ARG A 13 12.28 9.67 -11.10
CA ARG A 13 12.09 9.11 -12.44
C ARG A 13 11.15 7.91 -12.38
N LEU A 14 11.24 7.15 -11.30
CA LEU A 14 10.40 5.98 -11.11
C LEU A 14 8.95 6.39 -10.89
N LEU A 15 8.74 7.30 -9.94
CA LEU A 15 7.40 7.79 -9.61
C LEU A 15 6.77 8.47 -10.81
N GLN A 16 7.57 9.27 -11.53
CA GLN A 16 7.09 9.99 -12.70
C GLN A 16 6.96 9.05 -13.90
N GLU A 17 7.63 7.91 -13.84
CA GLU A 17 7.58 6.93 -14.93
C GLU A 17 6.21 6.28 -15.02
N ARG A 18 5.56 6.14 -13.86
CA ARG A 18 4.23 5.53 -13.81
C ARG A 18 3.21 6.36 -14.58
N GLU A 19 3.52 7.64 -14.80
CA GLU A 19 2.62 8.52 -15.53
C GLU A 19 2.22 7.92 -16.87
N LEU A 20 3.10 7.11 -17.45
CA LEU A 20 2.84 6.46 -18.73
C LEU A 20 2.24 5.07 -18.53
N VAL A 21 1.24 4.98 -17.66
CA VAL A 21 0.59 3.71 -17.38
C VAL A 21 -0.92 3.89 -17.18
N GLU A 22 -1.29 4.56 -16.10
CA GLU A 22 -2.69 4.80 -15.79
C GLU A 22 -2.87 6.15 -15.08
N PRO A 23 -3.56 7.10 -15.73
CA PRO A 23 -3.79 8.44 -15.16
C PRO A 23 -4.45 8.37 -13.79
N LEU A 24 -5.12 7.26 -13.51
CA LEU A 24 -5.80 7.09 -12.22
C LEU A 24 -5.02 6.15 -11.30
N THR A 25 -4.50 5.06 -11.86
CA THR A 25 -3.73 4.08 -11.10
C THR A 25 -4.36 3.81 -9.73
N PRO A 26 -5.29 2.84 -9.65
CA PRO A 26 -5.96 2.49 -8.40
C PRO A 26 -5.02 1.84 -7.39
N SER A 27 -3.94 1.25 -7.89
CA SER A 27 -2.96 0.58 -7.03
C SER A 27 -1.57 0.63 -7.63
N GLY A 28 -1.12 1.83 -8.00
CA GLY A 28 0.20 1.98 -8.60
C GLY A 28 0.58 3.42 -8.79
N GLU A 29 0.28 4.26 -7.81
CA GLU A 29 0.60 5.68 -7.87
C GLU A 29 0.55 6.31 -6.49
N ALA A 30 -0.50 6.03 -5.74
CA ALA A 30 -0.66 6.57 -4.40
C ALA A 30 -0.76 5.46 -3.36
N PRO A 31 0.32 5.21 -2.60
CA PRO A 31 0.34 4.16 -1.57
C PRO A 31 -0.93 4.18 -0.72
N ASN A 32 -1.47 5.37 -0.47
CA ASN A 32 -2.67 5.51 0.33
C ASN A 32 -3.77 4.55 -0.13
N GLN A 33 -3.84 4.31 -1.43
CA GLN A 33 -4.84 3.40 -1.98
C GLN A 33 -4.53 1.95 -1.61
N ALA A 34 -3.25 1.67 -1.37
CA ALA A 34 -2.84 0.33 -0.97
C ALA A 34 -3.43 0.01 0.40
N LEU A 35 -3.16 0.89 1.35
CA LEU A 35 -3.70 0.73 2.69
C LEU A 35 -5.22 0.79 2.62
N LEU A 36 -5.71 1.60 1.69
CA LEU A 36 -7.14 1.78 1.49
C LEU A 36 -7.82 0.47 1.09
N ARG A 37 -7.23 -0.27 0.16
CA ARG A 37 -7.84 -1.52 -0.30
C ARG A 37 -7.36 -2.72 0.49
N ILE A 38 -6.16 -2.66 1.04
CA ILE A 38 -5.65 -3.79 1.81
C ILE A 38 -6.36 -3.89 3.16
N LEU A 39 -6.51 -2.76 3.84
CA LEU A 39 -7.16 -2.73 5.13
C LEU A 39 -8.66 -2.97 5.03
N LYS A 40 -9.26 -2.59 3.90
CA LYS A 40 -10.70 -2.72 3.73
C LYS A 40 -11.11 -3.96 2.94
N GLU A 41 -10.23 -4.48 2.10
CA GLU A 41 -10.57 -5.65 1.28
C GLU A 41 -9.57 -6.80 1.40
N THR A 42 -8.81 -6.84 2.47
CA THR A 42 -7.84 -7.91 2.63
C THR A 42 -7.57 -8.21 4.09
N GLU A 43 -6.85 -7.33 4.75
CA GLU A 43 -6.48 -7.51 6.14
C GLU A 43 -7.63 -8.11 6.94
N PHE A 44 -8.78 -7.47 6.87
CA PHE A 44 -9.95 -7.91 7.61
C PHE A 44 -10.22 -9.38 7.37
N LYS A 45 -9.92 -9.84 6.17
CA LYS A 45 -10.17 -11.23 5.82
C LYS A 45 -9.03 -12.14 6.26
N LYS A 46 -7.79 -11.79 5.91
CA LYS A 46 -6.64 -12.60 6.25
C LYS A 46 -6.36 -12.60 7.76
N ILE A 47 -6.74 -11.52 8.43
CA ILE A 47 -6.52 -11.42 9.88
C ILE A 47 -7.15 -12.58 10.65
N LYS A 48 -8.43 -12.82 10.39
CA LYS A 48 -9.14 -13.91 11.07
C LYS A 48 -8.50 -15.25 10.77
N VAL A 49 -7.82 -15.33 9.63
CA VAL A 49 -7.14 -16.57 9.24
C VAL A 49 -5.78 -16.66 9.91
N LEU A 50 -5.07 -15.54 9.96
CA LEU A 50 -3.74 -15.49 10.57
C LEU A 50 -3.84 -15.57 12.08
N GLY A 51 -4.94 -15.07 12.63
CA GLY A 51 -5.14 -15.09 14.06
C GLY A 51 -6.04 -16.23 14.50
N SER A 52 -6.06 -17.31 13.74
CA SER A 52 -6.88 -18.46 14.04
C SER A 52 -6.36 -19.20 15.28
N GLY A 53 -5.03 -19.30 15.37
CA GLY A 53 -4.42 -19.98 16.50
C GLY A 53 -3.53 -21.13 16.07
N ARG A 1 11.04 -18.52 1.16
CA ARG A 1 11.88 -19.58 0.62
C ARG A 1 11.01 -20.66 -0.03
N ARG A 2 10.02 -21.12 0.72
CA ARG A 2 9.12 -22.15 0.24
C ARG A 2 8.23 -21.63 -0.89
N ARG A 3 7.93 -20.33 -0.85
CA ARG A 3 7.10 -19.70 -1.86
C ARG A 3 7.94 -19.14 -2.99
N HIS A 4 8.51 -17.97 -2.75
CA HIS A 4 9.35 -17.32 -3.75
C HIS A 4 8.57 -17.07 -5.03
N ILE A 5 7.33 -16.60 -4.88
CA ILE A 5 6.48 -16.32 -6.03
C ILE A 5 6.33 -14.81 -6.24
N VAL A 6 5.81 -14.12 -5.24
CA VAL A 6 5.61 -12.68 -5.32
C VAL A 6 6.51 -11.94 -4.33
N ARG A 7 7.70 -11.55 -4.79
CA ARG A 7 8.65 -10.84 -3.94
C ARG A 7 9.93 -10.54 -4.70
N LYS A 8 10.50 -11.57 -5.31
CA LYS A 8 11.73 -11.42 -6.08
C LYS A 8 11.55 -10.43 -7.22
N ARG A 9 10.50 -10.64 -8.03
CA ARG A 9 10.22 -9.76 -9.15
C ARG A 9 9.97 -8.33 -8.68
N THR A 10 9.37 -8.20 -7.51
CA THR A 10 9.07 -6.88 -6.96
C THR A 10 10.33 -6.02 -6.89
N LEU A 11 11.46 -6.64 -6.59
CA LEU A 11 12.73 -5.92 -6.50
C LEU A 11 12.88 -4.94 -7.66
N ARG A 12 12.25 -5.28 -8.77
CA ARG A 12 12.30 -4.44 -9.96
C ARG A 12 11.49 -3.16 -9.77
N ARG A 13 10.36 -3.27 -9.08
CA ARG A 13 9.52 -2.11 -8.83
C ARG A 13 10.16 -1.23 -7.76
N LEU A 14 10.86 -1.88 -6.83
CA LEU A 14 11.54 -1.16 -5.76
C LEU A 14 12.70 -0.34 -6.32
N LEU A 15 13.54 -0.98 -7.13
CA LEU A 15 14.67 -0.29 -7.73
C LEU A 15 14.22 0.82 -8.65
N GLN A 16 13.09 0.63 -9.30
CA GLN A 16 12.54 1.61 -10.23
C GLN A 16 11.72 2.66 -9.51
N GLU A 17 11.31 2.37 -8.28
CA GLU A 17 10.51 3.31 -7.49
C GLU A 17 11.39 4.28 -6.71
N ARG A 18 12.69 4.29 -7.01
CA ARG A 18 13.62 5.18 -6.32
C ARG A 18 13.31 6.64 -6.64
N GLU A 19 12.95 6.89 -7.90
CA GLU A 19 12.63 8.25 -8.34
C GLU A 19 11.43 8.81 -7.56
N LEU A 20 10.45 7.95 -7.32
CA LEU A 20 9.25 8.36 -6.58
C LEU A 20 8.52 9.49 -7.30
N VAL A 21 8.50 9.43 -8.62
CA VAL A 21 7.83 10.45 -9.42
C VAL A 21 6.72 9.84 -10.28
N GLU A 22 7.04 8.76 -10.98
CA GLU A 22 6.07 8.09 -11.83
C GLU A 22 6.64 6.79 -12.40
N PRO A 23 7.13 5.89 -11.53
CA PRO A 23 7.72 4.62 -11.94
C PRO A 23 6.66 3.63 -12.42
N LEU A 24 5.56 3.53 -11.67
CA LEU A 24 4.48 2.61 -12.02
C LEU A 24 3.22 2.95 -11.24
N THR A 25 3.38 3.28 -9.95
CA THR A 25 2.24 3.62 -9.10
C THR A 25 1.24 2.47 -9.05
N PRO A 26 1.30 1.64 -7.99
CA PRO A 26 0.39 0.50 -7.81
C PRO A 26 -1.07 0.89 -8.03
N SER A 27 -1.45 2.05 -7.50
CA SER A 27 -2.82 2.53 -7.63
C SER A 27 -2.89 3.70 -8.61
N GLY A 28 -2.21 4.78 -8.30
CA GLY A 28 -2.21 5.94 -9.18
C GLY A 28 -2.23 7.24 -8.40
N GLU A 29 -3.19 7.37 -7.50
CA GLU A 29 -3.34 8.58 -6.69
C GLU A 29 -2.19 8.69 -5.68
N ALA A 30 -2.01 7.64 -4.89
CA ALA A 30 -0.95 7.62 -3.88
C ALA A 30 -0.89 6.26 -3.19
N PRO A 31 0.23 5.98 -2.48
CA PRO A 31 0.40 4.72 -1.77
C PRO A 31 -0.76 4.41 -0.82
N ASN A 32 -1.33 5.46 -0.24
CA ASN A 32 -2.45 5.31 0.68
C ASN A 32 -3.51 4.38 0.12
N GLN A 33 -3.73 4.46 -1.20
CA GLN A 33 -4.73 3.62 -1.86
C GLN A 33 -4.44 2.14 -1.62
N ALA A 34 -3.18 1.82 -1.36
CA ALA A 34 -2.80 0.44 -1.07
C ALA A 34 -3.45 0.02 0.22
N LEU A 35 -3.16 0.77 1.28
CA LEU A 35 -3.76 0.51 2.58
C LEU A 35 -5.26 0.75 2.51
N LEU A 36 -5.65 1.70 1.65
CA LEU A 36 -7.05 2.05 1.47
C LEU A 36 -7.87 0.82 1.08
N ARG A 37 -7.34 0.00 0.18
CA ARG A 37 -8.06 -1.18 -0.25
C ARG A 37 -7.49 -2.47 0.34
N ILE A 38 -6.31 -2.40 0.95
CA ILE A 38 -5.71 -3.60 1.53
C ILE A 38 -6.37 -3.97 2.86
N LEU A 39 -6.42 -3.02 3.77
CA LEU A 39 -7.03 -3.24 5.07
C LEU A 39 -8.55 -3.38 4.95
N LYS A 40 -9.07 -2.99 3.78
CA LYS A 40 -10.51 -3.05 3.53
C LYS A 40 -10.88 -4.30 2.74
N GLU A 41 -10.00 -4.68 1.84
CA GLU A 41 -10.21 -5.86 1.01
C GLU A 41 -9.55 -7.08 1.66
N THR A 42 -8.85 -6.83 2.76
CA THR A 42 -8.17 -7.88 3.49
C THR A 42 -8.44 -7.75 4.98
N GLU A 43 -9.36 -6.85 5.35
CA GLU A 43 -9.72 -6.62 6.75
C GLU A 43 -9.86 -7.92 7.51
N PHE A 44 -10.80 -8.75 7.07
CA PHE A 44 -11.05 -10.03 7.72
C PHE A 44 -10.27 -11.15 7.03
N LYS A 45 -9.87 -10.94 5.78
CA LYS A 45 -9.14 -11.95 5.04
C LYS A 45 -7.83 -12.30 5.74
N LYS A 46 -7.08 -11.28 6.13
CA LYS A 46 -5.79 -11.48 6.79
C LYS A 46 -5.93 -12.11 8.18
N ILE A 47 -6.93 -11.67 8.94
CA ILE A 47 -7.13 -12.19 10.29
C ILE A 47 -7.59 -13.65 10.29
N LYS A 48 -8.68 -13.94 9.56
CA LYS A 48 -9.19 -15.30 9.52
C LYS A 48 -8.10 -16.28 9.10
N VAL A 49 -7.24 -15.84 8.18
CA VAL A 49 -6.15 -16.67 7.69
C VAL A 49 -5.03 -16.79 8.72
N LEU A 50 -4.77 -15.70 9.44
CA LEU A 50 -3.72 -15.68 10.45
C LEU A 50 -4.19 -16.36 11.74
N GLY A 51 -5.50 -16.28 12.00
CA GLY A 51 -6.05 -16.89 13.19
C GLY A 51 -6.68 -18.24 12.91
N SER A 52 -6.17 -18.92 11.90
CA SER A 52 -6.67 -20.23 11.52
C SER A 52 -6.43 -21.25 12.64
N GLY A 53 -5.36 -21.04 13.40
CA GLY A 53 -5.03 -21.94 14.48
C GLY A 53 -5.55 -21.44 15.82
#